data_6LGP
#
_entry.id   6LGP
#
_cell.length_a   1.00
_cell.length_b   1.00
_cell.length_c   1.00
_cell.angle_alpha   90.00
_cell.angle_beta   90.00
_cell.angle_gamma   90.00
#
_symmetry.space_group_name_H-M   'P 1'
#
loop_
_entity.id
_entity.type
_entity.pdbx_description
1 polymer 'Transient receptor potential cation channel subfamily V member 3'
2 non-polymer '(2S)-3-(hexadecanoyloxy)-2-[(9Z)-octadec-9-enoyloxy]propyl 2-(trimethylammonio)ethyl phosphate'
3 non-polymer 'DIUNDECYL PHOSPHATIDYL CHOLINE'
#
_entity_poly.entity_id   1
_entity_poly.type   'polypeptide(L)'
_entity_poly.pdbx_seq_one_letter_code
;RLKKRIFAAVSEGCVEELRELLQDLQDLCRRRRGLDVPDFLMHKLTASDTGKTCLMKALLNINPNTKEIVRILLAFAEEN
DILDRFINAEYTEEAYEGQTALNIAIERRQGDITAVLIAAGADVNAHAKGVFFNPKYQHEGFYFGETPLALAACTNQPEI
VQLLMENEQTDITSQDSRGNNILHALVTVAEDFKTQNDFVKRMYDMILLRSGNWELETMRNNDGLTPLQLAAKMGKAEIL
KYILSREIKEKPLRSLSRKFTDWAYGPVSSSLYDLTNVDTTTDNSVLEIIVYNTNIDNRHEMLTLEPLHTLLHTKWKKFA
KYMFFLSFCFYFFYNITLTLVSYYRPREDEDLPHPLALTHKMSWLQLLGRMFVLIWATCISVKEGIAIFLLRPSDLQSIL
SDAWFHFVFFVQAVLVILSVFLYLFAYKEYLACLVLAMALGWANMLYYTRGFQSMGMYSVMIQKVILHDVLKFLFVYILF
LLGFGVALASLIEKCSKDKKDCSSYGSFSDAVLELFKLTIGLGDLNIQQNSTYPILFLFLLITYVILTFVLLLNMLIALM
GETVENVSKESERIWRLQRARTILEFEKMLPEWLRSRFRMGELCKVADEDFRLCLRINEVKWTEWKTHVSFLNEDPGPI
;
_entity_poly.pdbx_strand_id   A,B,C,D
#
# COMPACT_ATOMS: atom_id res chain seq x y z
N ARG A 1 69.87 12.15 -4.48
CA ARG A 1 69.74 10.86 -3.80
C ARG A 1 69.35 11.04 -2.35
N LEU A 2 69.57 12.25 -1.83
CA LEU A 2 69.12 12.56 -0.47
C LEU A 2 67.63 12.85 -0.44
N LYS A 3 67.12 13.49 -1.50
CA LYS A 3 65.72 13.90 -1.53
C LYS A 3 64.79 12.71 -1.37
N LYS A 4 65.19 11.54 -1.85
CA LYS A 4 64.35 10.35 -1.70
C LYS A 4 64.23 9.96 -0.24
N ARG A 5 65.31 10.12 0.52
CA ARG A 5 65.25 9.85 1.95
C ARG A 5 64.40 10.89 2.67
N ILE A 6 64.40 12.13 2.16
CA ILE A 6 63.54 13.16 2.74
C ILE A 6 62.07 12.83 2.51
N PHE A 7 61.72 12.49 1.27
CA PHE A 7 60.33 12.19 0.95
C PHE A 7 59.83 10.98 1.75
N ALA A 8 60.66 9.94 1.87
CA ALA A 8 60.28 8.81 2.69
C ALA A 8 60.07 9.22 4.14
N ALA A 9 61.01 9.99 4.69
CA ALA A 9 60.92 10.35 6.11
C ALA A 9 59.70 11.22 6.39
N VAL A 10 59.30 12.05 5.43
CA VAL A 10 58.16 12.93 5.63
C VAL A 10 56.86 12.19 5.39
N SER A 11 56.90 11.11 4.61
CA SER A 11 55.71 10.30 4.41
C SER A 11 55.44 9.42 5.62
N GLU A 12 56.49 8.86 6.23
CA GLU A 12 56.28 7.98 7.37
C GLU A 12 55.85 8.76 8.61
N GLY A 13 56.42 9.93 8.81
CA GLY A 13 56.10 10.76 9.95
C GLY A 13 57.11 10.78 11.07
N CYS A 14 58.38 10.48 10.78
CA CYS A 14 59.42 10.45 11.81
C CYS A 14 59.94 11.86 12.01
N VAL A 15 59.69 12.42 13.20
CA VAL A 15 59.97 13.82 13.45
C VAL A 15 61.48 14.05 13.59
N GLU A 16 62.12 13.27 14.47
CA GLU A 16 63.55 13.46 14.73
C GLU A 16 64.37 13.21 13.48
N GLU A 17 64.07 12.13 12.75
CA GLU A 17 64.75 11.88 11.49
C GLU A 17 64.66 13.07 10.56
N LEU A 18 63.49 13.72 10.51
CA LEU A 18 63.34 14.90 9.67
C LEU A 18 64.27 16.01 10.12
N ARG A 19 64.34 16.25 11.44
CA ARG A 19 65.24 17.28 11.94
C ARG A 19 66.68 17.01 11.51
N GLU A 20 67.14 15.77 11.63
CA GLU A 20 68.52 15.45 11.29
C GLU A 20 68.77 15.60 9.79
N LEU A 21 67.83 15.15 8.95
CA LEU A 21 68.03 15.27 7.51
C LEU A 21 68.06 16.73 7.08
N LEU A 22 67.21 17.57 7.67
CA LEU A 22 67.23 18.98 7.33
C LEU A 22 68.51 19.65 7.79
N GLN A 23 69.04 19.23 8.94
CA GLN A 23 70.33 19.75 9.39
C GLN A 23 71.44 19.34 8.44
N ASP A 24 71.48 18.06 8.07
CA ASP A 24 72.47 17.60 7.09
C ASP A 24 72.34 18.38 5.79
N LEU A 25 71.12 18.74 5.40
CA LEU A 25 70.93 19.47 4.16
C LEU A 25 71.43 20.90 4.27
N GLN A 26 71.19 21.54 5.42
CA GLN A 26 71.72 22.88 5.64
C GLN A 26 73.25 22.88 5.66
N ASP A 27 73.86 21.80 6.16
CA ASP A 27 75.30 21.66 6.08
C ASP A 27 75.75 21.49 4.63
N LEU A 28 74.97 20.78 3.83
CA LEU A 28 75.25 20.70 2.40
C LEU A 28 75.18 22.07 1.75
N CYS A 29 74.29 22.93 2.25
CA CYS A 29 74.27 24.31 1.76
C CYS A 29 75.54 25.05 2.14
N ARG A 30 76.03 24.82 3.37
CA ARG A 30 77.25 25.49 3.80
C ARG A 30 78.45 25.02 3.00
N ARG A 31 78.72 23.71 3.02
CA ARG A 31 79.95 23.17 2.45
C ARG A 31 79.86 23.07 0.92
N ARG A 32 79.51 24.19 0.28
CA ARG A 32 79.44 24.26 -1.17
C ARG A 32 79.25 25.71 -1.61
N ARG A 33 79.92 26.12 -2.68
CA ARG A 33 79.68 27.46 -3.21
C ARG A 33 78.41 27.48 -4.07
N GLY A 34 78.39 26.70 -5.14
CA GLY A 34 77.18 26.58 -5.94
C GLY A 34 76.82 27.89 -6.61
N LEU A 35 75.54 28.02 -6.95
CA LEU A 35 75.06 29.22 -7.63
C LEU A 35 74.10 30.02 -6.75
N ASP A 36 73.09 29.36 -6.19
CA ASP A 36 72.09 30.05 -5.37
C ASP A 36 71.62 29.06 -4.30
N VAL A 37 71.96 29.35 -3.04
CA VAL A 37 71.64 28.40 -1.97
C VAL A 37 70.15 28.19 -1.79
N PRO A 38 69.31 29.23 -1.64
CA PRO A 38 67.87 28.97 -1.56
C PRO A 38 67.29 28.33 -2.81
N ASP A 39 67.76 28.72 -3.99
CA ASP A 39 67.26 28.12 -5.23
C ASP A 39 67.64 26.64 -5.31
N PHE A 40 68.91 26.33 -5.11
CA PHE A 40 69.36 24.94 -5.12
C PHE A 40 68.61 24.12 -4.08
N LEU A 41 68.36 24.70 -2.91
CA LEU A 41 67.62 24.02 -1.87
C LEU A 41 66.19 23.75 -2.29
N MET A 42 65.54 24.74 -2.90
CA MET A 42 64.20 24.55 -3.43
C MET A 42 64.20 23.41 -4.45
N HIS A 43 65.28 23.28 -5.22
CA HIS A 43 65.38 22.16 -6.15
C HIS A 43 65.54 20.84 -5.43
N LYS A 44 66.17 20.83 -4.25
CA LYS A 44 66.33 19.59 -3.50
C LYS A 44 65.00 19.11 -2.93
N LEU A 45 64.21 20.03 -2.38
CA LEU A 45 62.95 19.64 -1.75
C LEU A 45 61.86 19.35 -2.77
N THR A 46 62.09 19.67 -4.04
CA THR A 46 61.08 19.49 -5.06
C THR A 46 61.37 18.24 -5.90
N ALA A 47 60.33 17.44 -6.13
CA ALA A 47 60.40 16.32 -7.05
C ALA A 47 60.07 16.82 -8.47
N SER A 48 61.12 17.19 -9.19
CA SER A 48 61.00 17.91 -10.46
C SER A 48 60.11 17.20 -11.48
N ASP A 49 60.00 15.88 -11.38
CA ASP A 49 59.23 15.13 -12.37
C ASP A 49 57.75 15.48 -12.30
N THR A 50 57.21 15.61 -11.09
CA THR A 50 55.81 15.96 -10.90
C THR A 50 55.60 17.35 -10.33
N GLY A 51 56.65 18.01 -9.87
CA GLY A 51 56.49 19.26 -9.17
C GLY A 51 56.09 19.11 -7.72
N LYS A 52 55.87 17.90 -7.24
CA LYS A 52 55.43 17.68 -5.87
C LYS A 52 56.56 18.00 -4.91
N THR A 53 56.32 18.92 -3.99
CA THR A 53 57.31 19.30 -3.00
C THR A 53 57.16 18.43 -1.75
N CYS A 54 58.07 18.62 -0.81
CA CYS A 54 58.03 17.86 0.43
C CYS A 54 56.82 18.21 1.28
N LEU A 55 56.33 19.45 1.19
CA LEU A 55 55.18 19.84 1.98
C LEU A 55 53.90 19.18 1.49
N MET A 56 53.72 19.13 0.16
CA MET A 56 52.55 18.46 -0.39
C MET A 56 52.55 16.97 -0.07
N LYS A 57 53.72 16.34 -0.11
CA LYS A 57 53.81 14.95 0.29
C LYS A 57 53.56 14.78 1.78
N ALA A 58 53.90 15.80 2.57
CA ALA A 58 53.61 15.75 4.00
C ALA A 58 52.12 15.79 4.27
N LEU A 59 51.36 16.46 3.39
CA LEU A 59 49.93 16.64 3.60
C LEU A 59 49.09 15.55 2.97
N LEU A 60 49.58 14.92 1.90
CA LEU A 60 48.86 13.81 1.30
C LEU A 60 48.77 12.63 2.27
N ASN A 61 49.78 12.45 3.11
CA ASN A 61 49.83 11.39 4.12
C ASN A 61 49.59 12.01 5.48
N ILE A 62 48.61 11.48 6.22
CA ILE A 62 48.10 12.24 7.36
C ILE A 62 48.91 12.07 8.64
N ASN A 63 49.62 10.94 8.83
CA ASN A 63 50.75 10.88 9.74
C ASN A 63 50.51 11.57 11.08
N PRO A 64 49.82 10.92 12.05
CA PRO A 64 49.32 11.63 13.23
C PRO A 64 50.23 12.69 13.84
N ASN A 65 51.53 12.63 13.56
CA ASN A 65 52.47 13.68 13.91
C ASN A 65 52.78 14.62 12.75
N THR A 66 51.79 14.94 11.91
CA THR A 66 52.07 15.69 10.68
C THR A 66 52.07 17.19 10.91
N LYS A 67 51.36 17.67 11.93
CA LYS A 67 51.34 19.12 12.17
C LYS A 67 52.73 19.62 12.53
N GLU A 68 53.46 18.87 13.36
CA GLU A 68 54.85 19.20 13.65
C GLU A 68 55.68 19.21 12.38
N ILE A 69 55.43 18.25 11.48
CA ILE A 69 56.20 18.16 10.24
C ILE A 69 56.00 19.42 9.40
N VAL A 70 54.76 19.90 9.32
CA VAL A 70 54.51 21.13 8.57
C VAL A 70 55.22 22.30 9.23
N ARG A 71 55.17 22.37 10.57
CA ARG A 71 55.85 23.45 11.28
C ARG A 71 57.34 23.43 11.03
N ILE A 72 57.96 22.25 11.12
CA ILE A 72 59.40 22.14 10.92
C ILE A 72 59.78 22.55 9.50
N LEU A 73 58.99 22.12 8.52
CA LEU A 73 59.30 22.41 7.13
C LEU A 73 59.15 23.91 6.83
N LEU A 74 58.13 24.53 7.41
CA LEU A 74 57.96 25.97 7.24
C LEU A 74 59.06 26.74 7.95
N ALA A 75 59.48 26.27 9.12
CA ALA A 75 60.57 26.91 9.83
C ALA A 75 61.88 26.82 9.03
N PHE A 76 62.11 25.68 8.39
CA PHE A 76 63.31 25.55 7.57
C PHE A 76 63.24 26.48 6.36
N ALA A 77 62.09 26.54 5.70
CA ALA A 77 61.93 27.45 4.56
C ALA A 77 62.13 28.90 4.99
N GLU A 78 61.78 29.22 6.23
CA GLU A 78 62.00 30.58 6.73
C GLU A 78 63.47 30.83 7.02
N GLU A 79 64.18 29.83 7.53
CA GLU A 79 65.62 29.96 7.74
C GLU A 79 66.33 30.30 6.44
N ASN A 80 66.03 29.57 5.38
CA ASN A 80 66.66 29.78 4.08
C ASN A 80 65.93 30.80 3.22
N ASP A 81 64.91 31.46 3.78
CA ASP A 81 64.24 32.63 3.21
C ASP A 81 63.30 32.30 2.06
N ILE A 82 63.24 31.03 1.63
CA ILE A 82 62.29 30.68 0.58
C ILE A 82 60.98 30.18 1.20
N LEU A 83 60.09 31.10 1.55
CA LEU A 83 58.79 30.69 2.05
C LEU A 83 57.72 30.84 0.99
N ASP A 84 57.75 31.94 0.24
CA ASP A 84 56.78 32.11 -0.83
C ASP A 84 57.08 31.17 -1.99
N ARG A 85 58.34 31.08 -2.39
CA ARG A 85 58.72 30.18 -3.46
C ARG A 85 58.42 28.73 -3.10
N PHE A 86 58.37 28.43 -1.80
CA PHE A 86 58.13 27.06 -1.36
C PHE A 86 56.64 26.78 -1.21
N ILE A 87 55.96 27.56 -0.38
CA ILE A 87 54.57 27.28 -0.02
C ILE A 87 53.60 27.56 -1.17
N ASN A 88 54.06 28.22 -2.24
CA ASN A 88 53.24 28.52 -3.40
C ASN A 88 53.74 27.77 -4.63
N ALA A 89 54.09 26.50 -4.45
CA ALA A 89 54.48 25.65 -5.55
C ALA A 89 53.29 24.82 -6.00
N GLU A 90 53.31 24.42 -7.26
CA GLU A 90 52.20 23.72 -7.88
C GLU A 90 52.70 22.45 -8.54
N TYR A 91 51.77 21.67 -9.07
CA TYR A 91 52.12 20.58 -9.96
C TYR A 91 52.37 21.12 -11.37
N THR A 92 52.98 20.30 -12.21
CA THR A 92 53.37 20.76 -13.54
C THR A 92 53.13 19.67 -14.58
N GLU A 93 52.17 18.79 -14.33
CA GLU A 93 51.77 17.78 -15.31
C GLU A 93 50.31 18.00 -15.68
N GLU A 94 49.93 17.50 -16.85
CA GLU A 94 48.59 17.74 -17.37
C GLU A 94 47.52 17.25 -16.41
N ALA A 95 47.87 16.31 -15.53
CA ALA A 95 46.87 15.68 -14.69
C ALA A 95 46.41 16.60 -13.56
N TYR A 96 47.34 17.23 -12.86
CA TYR A 96 47.00 18.01 -11.66
C TYR A 96 47.59 19.40 -11.72
N GLU A 97 47.70 19.97 -12.91
CA GLU A 97 48.34 21.28 -13.05
C GLU A 97 47.61 22.35 -12.25
N GLY A 98 48.25 22.85 -11.20
CA GLY A 98 47.70 23.92 -10.39
C GLY A 98 47.51 23.57 -8.93
N GLN A 99 47.44 22.29 -8.59
CA GLN A 99 47.16 21.90 -7.21
C GLN A 99 48.28 22.36 -6.30
N THR A 100 47.94 23.14 -5.28
CA THR A 100 48.91 23.64 -4.32
C THR A 100 48.67 22.99 -2.96
N ALA A 101 49.54 23.33 -2.00
CA ALA A 101 49.45 22.71 -0.68
C ALA A 101 48.18 23.12 0.05
N LEU A 102 47.67 24.32 -0.21
CA LEU A 102 46.42 24.74 0.41
C LEU A 102 45.26 23.88 -0.08
N ASN A 103 45.29 23.52 -1.36
CA ASN A 103 44.28 22.63 -1.93
C ASN A 103 44.31 21.26 -1.27
N ILE A 104 45.48 20.69 -1.06
CA ILE A 104 45.58 19.39 -0.40
C ILE A 104 45.17 19.47 1.07
N ALA A 105 45.41 20.60 1.73
CA ALA A 105 45.00 20.71 3.12
C ALA A 105 43.49 20.93 3.24
N ILE A 106 42.87 21.54 2.24
CA ILE A 106 41.45 21.82 2.35
C ILE A 106 40.61 20.59 2.05
N GLU A 107 41.02 19.76 1.09
CA GLU A 107 40.22 18.59 0.80
C GLU A 107 40.52 17.43 1.73
N ARG A 108 41.66 17.43 2.42
CA ARG A 108 41.92 16.45 3.46
C ARG A 108 41.23 16.80 4.77
N ARG A 109 40.42 17.86 4.78
CA ARG A 109 39.65 18.26 5.95
C ARG A 109 40.52 18.61 7.14
N GLN A 110 41.71 19.15 6.87
CA GLN A 110 42.63 19.56 7.94
C GLN A 110 42.36 21.02 8.26
N GLY A 111 41.39 21.23 9.15
CA GLY A 111 41.00 22.57 9.54
C GLY A 111 42.04 23.33 10.34
N ASP A 112 43.06 22.63 10.83
CA ASP A 112 44.13 23.26 11.60
C ASP A 112 45.28 23.70 10.69
N ILE A 113 45.83 22.76 9.93
CA ILE A 113 47.01 23.02 9.11
C ILE A 113 46.70 24.02 8.01
N THR A 114 45.42 24.17 7.66
CA THR A 114 45.06 25.15 6.64
C THR A 114 45.18 26.57 7.14
N ALA A 115 44.89 26.81 8.42
CA ALA A 115 45.11 28.14 8.97
C ALA A 115 46.59 28.47 9.04
N VAL A 116 47.42 27.47 9.36
CA VAL A 116 48.86 27.69 9.40
C VAL A 116 49.40 27.91 8.00
N LEU A 117 48.77 27.32 6.98
CA LEU A 117 49.22 27.53 5.61
C LEU A 117 48.76 28.87 5.05
N ILE A 118 47.63 29.38 5.52
CA ILE A 118 47.17 30.70 5.10
C ILE A 118 47.96 31.79 5.80
N ALA A 119 48.15 31.64 7.12
CA ALA A 119 48.89 32.64 7.88
C ALA A 119 50.35 32.69 7.47
N ALA A 120 50.89 31.58 6.99
CA ALA A 120 52.25 31.59 6.44
C ALA A 120 52.32 32.18 5.04
N GLY A 121 51.20 32.67 4.52
CA GLY A 121 51.21 33.35 3.23
C GLY A 121 51.04 32.45 2.03
N ALA A 122 49.96 31.69 1.99
CA ALA A 122 49.64 30.86 0.83
C ALA A 122 49.02 31.74 -0.25
N ASP A 123 48.47 31.11 -1.28
CA ASP A 123 47.75 31.80 -2.34
C ASP A 123 46.31 31.30 -2.34
N VAL A 124 45.38 32.17 -1.95
CA VAL A 124 43.99 31.78 -1.80
C VAL A 124 43.29 31.80 -3.14
N ASN A 125 44.06 31.99 -4.21
CA ASN A 125 43.57 31.85 -5.58
C ASN A 125 44.44 30.81 -6.25
N ALA A 126 44.10 29.54 -6.04
CA ALA A 126 44.95 28.45 -6.51
C ALA A 126 44.70 28.14 -7.97
N HIS A 127 43.43 27.99 -8.33
CA HIS A 127 43.01 27.72 -9.70
C HIS A 127 43.67 26.44 -10.23
N ALA A 128 43.25 25.33 -9.61
CA ALA A 128 43.76 24.00 -9.96
C ALA A 128 43.17 23.61 -11.30
N LYS A 129 43.81 24.09 -12.38
CA LYS A 129 43.28 23.90 -13.72
C LYS A 129 43.20 22.42 -14.07
N GLY A 130 44.35 21.78 -14.24
CA GLY A 130 44.42 20.34 -14.40
C GLY A 130 43.55 19.74 -15.48
N VAL A 131 43.50 18.42 -15.52
CA VAL A 131 42.50 17.67 -16.26
C VAL A 131 41.80 16.64 -15.40
N PHE A 132 42.24 16.48 -14.15
CA PHE A 132 41.50 15.74 -13.15
C PHE A 132 40.53 16.63 -12.39
N PHE A 133 40.88 17.90 -12.18
CA PHE A 133 39.98 18.88 -11.59
C PHE A 133 39.11 19.57 -12.62
N ASN A 134 39.04 19.03 -13.83
CA ASN A 134 38.27 19.61 -14.91
C ASN A 134 38.04 18.53 -15.95
N PRO A 135 37.36 17.45 -15.60
CA PRO A 135 37.43 16.22 -16.39
C PRO A 135 36.51 16.28 -17.60
N LYS A 136 36.50 15.17 -18.35
CA LYS A 136 35.62 15.00 -19.49
C LYS A 136 34.36 14.23 -19.12
N TYR A 137 34.51 13.03 -18.60
CA TYR A 137 33.38 12.25 -18.12
C TYR A 137 33.20 12.48 -16.62
N GLN A 138 32.15 11.90 -16.06
CA GLN A 138 31.82 12.18 -14.67
C GLN A 138 32.80 11.52 -13.72
N HIS A 139 33.02 10.23 -13.85
CA HIS A 139 33.99 9.58 -12.99
C HIS A 139 35.40 9.94 -13.42
N GLU A 140 36.37 9.58 -12.57
CA GLU A 140 37.78 9.88 -12.81
C GLU A 140 37.99 11.39 -12.93
N GLY A 141 37.54 12.11 -11.92
CA GLY A 141 37.65 13.55 -11.85
C GLY A 141 36.55 14.11 -10.98
N PHE A 142 36.80 15.30 -10.43
CA PHE A 142 35.88 15.90 -9.47
C PHE A 142 35.21 17.16 -9.98
N TYR A 143 35.97 18.15 -10.43
CA TYR A 143 35.45 19.49 -10.78
C TYR A 143 34.69 20.10 -9.60
N PHE A 144 35.46 20.47 -8.59
CA PHE A 144 34.90 21.21 -7.46
C PHE A 144 34.63 22.67 -7.81
N GLY A 145 35.42 23.26 -8.71
CA GLY A 145 35.25 24.66 -9.03
C GLY A 145 36.54 25.39 -9.31
N GLU A 146 37.68 24.73 -9.10
CA GLU A 146 39.01 25.25 -9.39
C GLU A 146 39.35 26.46 -8.51
N THR A 147 39.16 26.31 -7.20
CA THR A 147 39.43 27.38 -6.25
C THR A 147 39.34 26.85 -4.83
N PRO A 148 40.25 27.23 -3.94
CA PRO A 148 40.15 26.74 -2.54
C PRO A 148 38.83 27.08 -1.87
N LEU A 149 38.24 28.23 -2.19
CA LEU A 149 36.93 28.53 -1.62
C LEU A 149 35.85 27.64 -2.23
N ALA A 150 35.95 27.34 -3.52
CA ALA A 150 35.00 26.43 -4.13
C ALA A 150 35.16 25.01 -3.62
N LEU A 151 36.39 24.59 -3.35
CA LEU A 151 36.60 23.26 -2.81
C LEU A 151 36.11 23.15 -1.38
N ALA A 152 36.39 24.17 -0.57
CA ALA A 152 35.92 24.16 0.81
C ALA A 152 34.41 24.22 0.88
N ALA A 153 33.75 24.80 -0.12
CA ALA A 153 32.30 24.86 -0.13
C ALA A 153 31.67 23.62 -0.74
N CYS A 154 32.35 22.93 -1.65
CA CYS A 154 31.81 21.74 -2.29
C CYS A 154 32.14 20.46 -1.57
N THR A 155 33.00 20.51 -0.54
CA THR A 155 33.25 19.35 0.31
C THR A 155 32.59 19.49 1.67
N ASN A 156 31.66 20.43 1.82
CA ASN A 156 30.81 20.56 3.00
C ASN A 156 31.65 20.69 4.28
N GLN A 157 32.37 21.80 4.35
CA GLN A 157 33.08 22.17 5.57
C GLN A 157 33.00 23.68 5.73
N PRO A 158 31.99 24.17 6.47
CA PRO A 158 31.77 25.61 6.53
C PRO A 158 32.79 26.35 7.36
N GLU A 159 33.47 25.69 8.28
CA GLU A 159 34.46 26.40 9.09
C GLU A 159 35.59 26.96 8.23
N ILE A 160 36.10 26.16 7.31
CA ILE A 160 37.13 26.64 6.40
C ILE A 160 36.57 27.66 5.42
N VAL A 161 35.29 27.55 5.06
CA VAL A 161 34.68 28.54 4.19
C VAL A 161 34.63 29.89 4.89
N GLN A 162 34.22 29.92 6.16
CA GLN A 162 34.21 31.16 6.90
C GLN A 162 35.63 31.72 7.04
N LEU A 163 36.61 30.85 7.24
CA LEU A 163 38.00 31.29 7.34
C LEU A 163 38.47 31.92 6.03
N LEU A 164 38.05 31.36 4.90
CA LEU A 164 38.42 31.93 3.61
C LEU A 164 37.63 33.20 3.31
N MET A 165 36.35 33.22 3.65
CA MET A 165 35.49 34.33 3.29
C MET A 165 35.97 35.63 3.93
N GLU A 166 36.03 35.66 5.27
CA GLU A 166 36.41 36.87 6.00
C GLU A 166 37.93 37.11 5.92
N ASN A 167 38.39 37.25 4.68
CA ASN A 167 39.78 37.54 4.38
C ASN A 167 39.82 38.64 3.34
N GLU A 168 40.83 39.51 3.45
CA GLU A 168 40.94 40.62 2.51
C GLU A 168 41.61 40.21 1.22
N GLN A 169 42.34 39.10 1.21
CA GLN A 169 43.08 38.67 0.02
C GLN A 169 42.28 37.76 -0.88
N THR A 170 41.27 37.07 -0.35
CA THR A 170 40.48 36.15 -1.16
C THR A 170 39.69 36.90 -2.22
N ASP A 171 39.59 36.32 -3.40
CA ASP A 171 38.88 36.91 -4.53
C ASP A 171 37.58 36.13 -4.69
N ILE A 172 36.48 36.70 -4.16
CA ILE A 172 35.23 35.97 -4.07
C ILE A 172 34.57 35.78 -5.42
N THR A 173 34.91 36.60 -6.42
CA THR A 173 34.24 36.54 -7.72
C THR A 173 35.22 36.22 -8.85
N SER A 174 36.07 35.23 -8.67
CA SER A 174 37.08 34.87 -9.65
C SER A 174 36.60 33.69 -10.48
N GLN A 175 36.28 33.95 -11.75
CA GLN A 175 35.77 32.90 -12.62
C GLN A 175 36.89 31.99 -13.09
N ASP A 176 36.59 30.70 -13.13
CA ASP A 176 37.58 29.69 -13.49
C ASP A 176 37.60 29.52 -15.02
N SER A 177 38.23 28.46 -15.51
CA SER A 177 38.42 28.24 -16.93
C SER A 177 37.14 27.78 -17.64
N ARG A 178 36.07 27.51 -16.92
CA ARG A 178 34.78 27.24 -17.54
C ARG A 178 33.89 28.47 -17.58
N GLY A 179 34.30 29.56 -16.93
CA GLY A 179 33.44 30.69 -16.71
C GLY A 179 32.71 30.68 -15.39
N ASN A 180 32.73 29.55 -14.68
CA ASN A 180 31.96 29.39 -13.45
C ASN A 180 32.64 30.14 -12.31
N ASN A 181 31.89 31.03 -11.66
CA ASN A 181 32.34 31.56 -10.38
C ASN A 181 31.96 30.57 -9.29
N ILE A 182 32.01 30.99 -8.03
CA ILE A 182 31.70 30.07 -6.94
C ILE A 182 30.28 29.55 -7.03
N LEU A 183 29.34 30.40 -7.44
CA LEU A 183 27.94 30.01 -7.42
C LEU A 183 27.55 29.09 -8.58
N HIS A 184 28.14 29.25 -9.77
CA HIS A 184 27.91 28.26 -10.82
C HIS A 184 28.44 26.90 -10.41
N ALA A 185 29.56 26.87 -9.69
CA ALA A 185 30.10 25.60 -9.24
C ALA A 185 29.19 24.94 -8.23
N LEU A 186 28.61 25.71 -7.31
CA LEU A 186 27.71 25.13 -6.34
C LEU A 186 26.44 24.59 -6.97
N VAL A 187 25.87 25.29 -7.95
CA VAL A 187 24.70 24.74 -8.65
C VAL A 187 25.10 23.67 -9.64
N THR A 188 26.40 23.45 -9.86
CA THR A 188 26.84 22.35 -10.71
C THR A 188 26.92 21.05 -9.94
N VAL A 189 27.44 21.07 -8.70
CA VAL A 189 27.59 19.86 -7.92
C VAL A 189 26.34 19.48 -7.15
N ALA A 190 25.29 20.30 -7.18
CA ALA A 190 24.14 20.07 -6.33
C ALA A 190 23.39 18.82 -6.76
N GLU A 191 22.97 18.01 -5.79
CA GLU A 191 22.13 16.85 -6.04
C GLU A 191 20.90 16.89 -5.14
N ASP A 192 20.12 15.82 -5.13
CA ASP A 192 18.84 15.81 -4.42
C ASP A 192 19.04 15.39 -2.97
N PHE A 193 17.98 15.56 -2.19
CA PHE A 193 18.06 15.38 -0.75
C PHE A 193 18.41 13.96 -0.35
N LYS A 194 18.05 12.98 -1.18
CA LYS A 194 18.31 11.59 -0.80
C LYS A 194 19.76 11.19 -1.09
N THR A 195 20.40 11.82 -2.07
CA THR A 195 21.80 11.51 -2.36
C THR A 195 22.72 12.25 -1.39
N GLN A 196 22.72 13.57 -1.46
CA GLN A 196 23.41 14.40 -0.48
C GLN A 196 22.38 15.17 0.33
N ASN A 197 22.84 15.77 1.42
CA ASN A 197 21.94 16.57 2.24
C ASN A 197 21.70 17.90 1.56
N ASP A 198 21.15 18.87 2.27
CA ASP A 198 20.94 20.20 1.73
C ASP A 198 22.12 21.14 2.00
N PHE A 199 23.34 20.61 2.10
CA PHE A 199 24.45 21.46 2.49
C PHE A 199 24.83 22.43 1.38
N VAL A 200 24.52 22.10 0.13
CA VAL A 200 24.88 22.99 -0.97
C VAL A 200 23.96 24.21 -0.99
N LYS A 201 22.70 24.04 -0.63
CA LYS A 201 21.81 25.19 -0.51
C LYS A 201 22.23 26.09 0.63
N ARG A 202 22.62 25.51 1.77
CA ARG A 202 23.06 26.31 2.91
C ARG A 202 24.35 27.04 2.60
N MET A 203 25.29 26.38 1.92
CA MET A 203 26.52 27.05 1.53
C MET A 203 26.27 28.09 0.44
N TYR A 204 25.23 27.91 -0.37
CA TYR A 204 24.89 28.90 -1.39
C TYR A 204 24.48 30.22 -0.72
N ASP A 205 23.55 30.16 0.23
CA ASP A 205 23.15 31.41 0.87
C ASP A 205 24.22 31.94 1.80
N MET A 206 25.05 31.08 2.37
CA MET A 206 26.14 31.57 3.20
C MET A 206 27.09 32.43 2.39
N ILE A 207 27.54 31.93 1.24
CA ILE A 207 28.47 32.70 0.41
C ILE A 207 27.81 33.94 -0.15
N LEU A 208 26.55 33.81 -0.60
CA LEU A 208 25.86 34.94 -1.19
C LEU A 208 25.67 36.06 -0.16
N LEU A 209 25.07 35.73 0.98
CA LEU A 209 24.80 36.75 1.98
C LEU A 209 26.07 37.34 2.54
N ARG A 210 27.09 36.52 2.75
CA ARG A 210 28.32 37.02 3.36
C ARG A 210 29.12 37.91 2.42
N SER A 211 28.97 37.75 1.10
CA SER A 211 29.52 38.78 0.23
C SER A 211 28.56 39.96 0.12
N GLY A 212 27.40 39.73 -0.48
CA GLY A 212 26.29 40.64 -0.41
C GLY A 212 26.27 41.59 -1.59
N ASN A 213 25.57 41.22 -2.65
CA ASN A 213 25.50 41.98 -3.89
C ASN A 213 24.64 41.20 -4.87
N TRP A 214 24.33 41.83 -6.00
CA TRP A 214 23.81 41.12 -7.14
C TRP A 214 24.90 40.79 -8.15
N GLU A 215 26.13 41.23 -7.91
CA GLU A 215 27.20 41.03 -8.89
C GLU A 215 27.55 39.57 -9.04
N LEU A 216 27.41 38.80 -7.95
CA LEU A 216 27.81 37.39 -8.00
C LEU A 216 26.74 36.53 -8.63
N GLU A 217 25.50 36.99 -8.66
CA GLU A 217 24.39 36.20 -9.19
C GLU A 217 23.87 36.74 -10.52
N THR A 218 24.62 37.62 -11.18
CA THR A 218 24.34 38.01 -12.56
C THR A 218 25.55 37.80 -13.46
N MET A 219 26.62 37.20 -12.95
CA MET A 219 27.76 36.89 -13.78
C MET A 219 27.37 35.86 -14.83
N ARG A 220 28.03 35.93 -15.98
CA ARG A 220 27.68 35.10 -17.12
C ARG A 220 28.69 33.98 -17.27
N ASN A 221 28.20 32.76 -17.29
CA ASN A 221 29.00 31.60 -17.62
C ASN A 221 29.60 31.78 -19.02
N ASN A 222 30.52 30.89 -19.37
CA ASN A 222 31.03 30.90 -20.74
C ASN A 222 29.98 30.49 -21.76
N ASP A 223 28.81 30.04 -21.31
CA ASP A 223 27.68 29.76 -22.18
C ASP A 223 26.61 30.84 -22.07
N GLY A 224 26.91 31.95 -21.40
CA GLY A 224 25.90 32.97 -21.19
C GLY A 224 24.80 32.54 -20.26
N LEU A 225 25.15 31.89 -19.15
CA LEU A 225 24.17 31.34 -18.22
C LEU A 225 24.42 31.91 -16.83
N THR A 226 23.49 32.72 -16.35
CA THR A 226 23.47 33.14 -14.96
C THR A 226 23.41 31.90 -14.05
N PRO A 227 23.94 31.97 -12.83
CA PRO A 227 23.83 30.80 -11.93
C PRO A 227 22.41 30.35 -11.66
N LEU A 228 21.40 31.10 -12.09
CA LEU A 228 20.01 30.64 -12.00
C LEU A 228 19.63 29.82 -13.23
N GLN A 229 19.90 30.34 -14.43
CA GLN A 229 19.60 29.60 -15.65
C GLN A 229 20.42 28.34 -15.76
N LEU A 230 21.58 28.26 -15.10
CA LEU A 230 22.30 27.01 -15.04
C LEU A 230 21.55 25.98 -14.20
N ALA A 231 21.02 26.39 -13.05
CA ALA A 231 20.21 25.49 -12.24
C ALA A 231 18.97 25.02 -12.96
N ALA A 232 18.46 25.79 -13.91
CA ALA A 232 17.33 25.36 -14.72
C ALA A 232 17.75 24.52 -15.93
N LYS A 233 18.94 24.76 -16.47
CA LYS A 233 19.38 24.03 -17.65
C LYS A 233 19.83 22.62 -17.33
N MET A 234 20.30 22.36 -16.11
CA MET A 234 20.67 21.00 -15.74
C MET A 234 19.72 20.39 -14.73
N GLY A 235 18.63 21.07 -14.40
CA GLY A 235 17.56 20.47 -13.64
C GLY A 235 17.82 20.25 -12.17
N LYS A 236 18.35 21.27 -11.48
CA LYS A 236 18.58 21.19 -10.04
C LYS A 236 17.36 21.75 -9.34
N ALA A 237 16.35 20.90 -9.18
CA ALA A 237 15.05 21.37 -8.69
C ALA A 237 15.14 21.92 -7.27
N GLU A 238 16.06 21.40 -6.45
CA GLU A 238 16.10 21.81 -5.05
C GLU A 238 16.71 23.19 -4.90
N ILE A 239 17.85 23.44 -5.53
CA ILE A 239 18.53 24.72 -5.35
C ILE A 239 17.83 25.77 -6.21
N LEU A 240 17.07 25.32 -7.21
CA LEU A 240 16.23 26.22 -7.98
C LEU A 240 14.99 26.66 -7.21
N LYS A 241 14.33 25.72 -6.53
CA LYS A 241 13.24 26.09 -5.64
C LYS A 241 13.71 27.07 -4.59
N TYR A 242 14.94 26.93 -4.12
CA TYR A 242 15.45 27.86 -3.12
C TYR A 242 15.67 29.24 -3.71
N ILE A 243 16.23 29.33 -4.92
CA ILE A 243 16.54 30.63 -5.50
C ILE A 243 15.28 31.40 -5.84
N LEU A 244 14.28 30.73 -6.42
CA LEU A 244 13.12 31.44 -6.95
C LEU A 244 12.29 32.09 -5.86
N SER A 245 12.26 31.51 -4.66
CA SER A 245 11.54 32.07 -3.52
C SER A 245 12.53 32.18 -2.38
N ARG A 246 13.31 33.26 -2.39
CA ARG A 246 14.39 33.47 -1.44
C ARG A 246 14.16 34.81 -0.78
N GLU A 247 13.83 34.80 0.50
CA GLU A 247 13.51 36.01 1.24
C GLU A 247 14.53 36.22 2.35
N ILE A 248 15.09 37.43 2.40
CA ILE A 248 16.05 37.83 3.42
C ILE A 248 15.33 38.84 4.31
N LYS A 249 15.07 38.44 5.56
CA LYS A 249 14.25 39.24 6.47
C LYS A 249 15.09 40.21 7.31
N GLU A 250 16.25 40.63 6.79
CA GLU A 250 17.12 41.56 7.50
C GLU A 250 17.18 42.87 6.73
N LYS A 251 17.22 43.98 7.46
CA LYS A 251 17.14 45.28 6.80
C LYS A 251 18.28 45.58 5.84
N PRO A 252 19.56 45.31 6.17
CA PRO A 252 20.60 45.65 5.19
C PRO A 252 20.62 44.75 3.97
N LEU A 253 20.19 43.50 4.09
CA LEU A 253 20.24 42.53 3.00
C LEU A 253 18.85 42.18 2.48
N ARG A 254 17.85 43.00 2.79
CA ARG A 254 16.51 42.78 2.26
C ARG A 254 16.50 42.95 0.74
N SER A 255 17.48 43.68 0.21
CA SER A 255 17.43 44.06 -1.20
C SER A 255 17.69 42.88 -2.11
N LEU A 256 18.56 41.96 -1.71
CA LEU A 256 18.86 40.80 -2.55
C LEU A 256 18.01 39.58 -2.23
N SER A 257 16.69 39.77 -2.19
CA SER A 257 15.75 38.67 -2.09
C SER A 257 14.86 38.66 -3.32
N ARG A 258 14.16 37.56 -3.51
CA ARG A 258 13.31 37.39 -4.69
C ARG A 258 11.86 37.14 -4.33
N LYS A 259 11.45 37.45 -3.10
CA LYS A 259 10.08 37.24 -2.68
C LYS A 259 9.82 38.15 -1.48
N PHE A 260 8.96 39.14 -1.66
CA PHE A 260 8.72 40.16 -0.65
C PHE A 260 7.29 40.04 -0.16
N THR A 261 7.07 40.23 1.13
CA THR A 261 5.73 40.18 1.69
C THR A 261 5.16 41.59 1.75
N ASP A 262 3.95 41.77 1.20
CA ASP A 262 3.38 43.11 1.14
C ASP A 262 2.69 43.50 2.44
N TRP A 263 1.61 42.82 2.80
CA TRP A 263 0.82 43.30 3.92
C TRP A 263 0.69 42.29 5.05
N ALA A 264 0.20 41.08 4.81
CA ALA A 264 0.20 40.02 5.81
C ALA A 264 -0.45 40.47 7.13
N TYR A 265 -1.76 40.68 7.08
CA TYR A 265 -2.45 41.17 8.28
C TYR A 265 -2.47 40.15 9.41
N GLY A 266 -3.15 39.03 9.21
CA GLY A 266 -3.21 38.02 10.23
C GLY A 266 -2.59 36.74 9.72
N PRO A 267 -3.43 35.73 9.48
CA PRO A 267 -2.96 34.61 8.65
C PRO A 267 -2.76 35.01 7.20
N VAL A 268 -3.70 35.77 6.63
CA VAL A 268 -3.62 36.13 5.23
C VAL A 268 -2.37 36.95 4.97
N SER A 269 -1.74 36.72 3.82
CA SER A 269 -0.51 37.42 3.47
C SER A 269 -0.37 37.43 1.95
N SER A 270 0.01 38.58 1.41
CA SER A 270 0.16 38.75 -0.02
C SER A 270 1.62 38.97 -0.33
N SER A 271 2.31 37.91 -0.75
CA SER A 271 3.72 37.97 -1.07
C SER A 271 3.88 38.02 -2.58
N LEU A 272 4.71 38.96 -3.04
CA LEU A 272 4.95 39.14 -4.47
C LEU A 272 6.33 38.62 -4.82
N TYR A 273 6.39 37.84 -5.90
CA TYR A 273 7.59 37.13 -6.33
C TYR A 273 8.29 37.92 -7.41
N ASP A 274 9.58 38.16 -7.25
CA ASP A 274 10.36 38.81 -8.29
C ASP A 274 10.34 37.97 -9.55
N LEU A 275 10.06 38.61 -10.67
CA LEU A 275 9.83 37.94 -11.94
C LEU A 275 10.80 38.39 -13.01
N THR A 276 11.96 38.91 -12.63
CA THR A 276 12.85 39.55 -13.59
C THR A 276 13.28 38.60 -14.68
N ASN A 277 13.90 37.48 -14.31
CA ASN A 277 14.52 36.61 -15.29
C ASN A 277 13.88 35.23 -15.33
N VAL A 278 12.63 35.11 -14.88
CA VAL A 278 11.91 33.85 -14.93
C VAL A 278 10.70 33.92 -15.84
N ASP A 279 10.52 35.02 -16.55
CA ASP A 279 9.43 35.19 -17.48
C ASP A 279 10.00 35.38 -18.87
N THR A 280 9.25 34.95 -19.89
CA THR A 280 9.76 34.96 -21.25
C THR A 280 9.69 36.35 -21.85
N THR A 281 10.29 37.33 -21.18
CA THR A 281 10.43 38.66 -21.73
C THR A 281 11.74 38.82 -22.48
N THR A 282 12.76 38.04 -22.12
CA THR A 282 14.08 38.14 -22.72
C THR A 282 14.53 36.81 -23.30
N ASP A 283 15.79 36.73 -23.70
CA ASP A 283 16.34 35.52 -24.30
C ASP A 283 16.80 34.58 -23.19
N ASN A 284 16.48 33.29 -23.33
CA ASN A 284 16.86 32.27 -22.36
C ASN A 284 16.38 32.62 -20.96
N SER A 285 15.06 32.74 -20.82
CA SER A 285 14.45 32.88 -19.51
C SER A 285 14.45 31.52 -18.83
N VAL A 286 13.81 31.41 -17.68
CA VAL A 286 13.75 30.13 -17.00
C VAL A 286 12.56 29.28 -17.45
N LEU A 287 11.45 29.89 -17.84
CA LEU A 287 10.38 29.12 -18.46
C LEU A 287 10.86 28.47 -19.76
N GLU A 288 11.46 29.25 -20.65
CA GLU A 288 11.87 28.69 -21.93
C GLU A 288 12.90 27.58 -21.73
N ILE A 289 13.81 27.75 -20.77
CA ILE A 289 14.83 26.75 -20.51
C ILE A 289 14.24 25.50 -19.88
N ILE A 290 13.27 25.63 -18.99
CA ILE A 290 12.69 24.46 -18.34
C ILE A 290 11.76 23.72 -19.29
N VAL A 291 10.97 24.45 -20.08
CA VAL A 291 9.97 23.80 -20.95
C VAL A 291 10.65 23.16 -22.15
N TYR A 292 11.61 23.86 -22.77
CA TYR A 292 12.26 23.37 -23.97
C TYR A 292 13.50 22.54 -23.67
N ASN A 293 13.55 21.88 -22.51
CA ASN A 293 14.73 21.13 -22.11
C ASN A 293 14.48 19.66 -22.39
N THR A 294 14.76 19.25 -23.63
CA THR A 294 14.65 17.84 -24.00
C THR A 294 15.95 17.11 -23.71
N ASN A 295 16.46 17.28 -22.49
CA ASN A 295 17.67 16.61 -22.06
C ASN A 295 17.60 16.13 -20.62
N ILE A 296 16.52 16.43 -19.90
CA ILE A 296 16.35 16.03 -18.51
C ILE A 296 14.94 15.49 -18.34
N ASP A 297 14.74 14.78 -17.23
CA ASP A 297 13.44 14.22 -16.89
C ASP A 297 12.80 14.87 -15.68
N ASN A 298 13.46 15.87 -15.08
CA ASN A 298 12.97 16.56 -13.90
C ASN A 298 12.05 17.72 -14.25
N ARG A 299 11.50 17.77 -15.46
CA ARG A 299 10.80 18.96 -15.91
C ARG A 299 9.47 19.13 -15.18
N HIS A 300 8.58 18.13 -15.29
CA HIS A 300 7.24 18.27 -14.74
C HIS A 300 7.24 18.42 -13.22
N GLU A 301 8.36 18.19 -12.55
CA GLU A 301 8.50 18.45 -11.14
C GLU A 301 9.19 19.77 -10.86
N MET A 302 9.59 20.49 -11.89
CA MET A 302 10.12 21.83 -11.76
C MET A 302 9.14 22.89 -12.18
N LEU A 303 8.07 22.53 -12.88
CA LEU A 303 7.03 23.48 -13.24
C LEU A 303 6.03 23.70 -12.11
N THR A 304 6.16 23.00 -11.00
CA THR A 304 5.24 23.18 -9.89
C THR A 304 5.73 24.19 -8.86
N LEU A 305 6.92 24.74 -9.04
CA LEU A 305 7.40 25.78 -8.15
C LEU A 305 6.56 27.04 -8.33
N GLU A 306 6.64 27.94 -7.34
CA GLU A 306 5.59 28.92 -7.13
C GLU A 306 5.44 29.95 -8.25
N PRO A 307 6.49 30.67 -8.65
CA PRO A 307 6.30 31.67 -9.71
C PRO A 307 5.92 31.04 -11.04
N LEU A 308 6.57 29.94 -11.43
CA LEU A 308 6.29 29.32 -12.71
C LEU A 308 4.89 28.72 -12.80
N HIS A 309 4.35 28.20 -11.69
CA HIS A 309 3.01 27.67 -11.71
C HIS A 309 1.97 28.75 -11.94
N THR A 310 2.01 29.82 -11.14
CA THR A 310 1.06 30.89 -11.34
C THR A 310 1.29 31.63 -12.64
N LEU A 311 2.52 31.59 -13.17
CA LEU A 311 2.81 32.24 -14.44
C LEU A 311 2.14 31.52 -15.59
N LEU A 312 2.27 30.20 -15.64
CA LEU A 312 1.66 29.46 -16.74
C LEU A 312 0.15 29.47 -16.66
N HIS A 313 -0.42 29.53 -15.46
CA HIS A 313 -1.87 29.64 -15.38
C HIS A 313 -2.35 30.99 -15.87
N THR A 314 -1.67 32.08 -15.50
CA THR A 314 -2.08 33.40 -16.00
C THR A 314 -2.00 33.46 -17.51
N LYS A 315 -1.03 32.78 -18.13
CA LYS A 315 -1.00 32.73 -19.58
C LYS A 315 -2.16 31.92 -20.14
N TRP A 316 -2.46 30.75 -19.57
CA TRP A 316 -3.68 30.07 -19.99
C TRP A 316 -4.86 30.64 -19.24
N LYS A 317 -4.92 31.95 -19.14
CA LYS A 317 -6.15 32.65 -18.82
C LYS A 317 -6.34 33.91 -19.65
N LYS A 318 -5.27 34.50 -20.16
CA LYS A 318 -5.36 35.74 -20.92
C LYS A 318 -5.44 35.52 -22.42
N PHE A 319 -4.50 34.79 -23.00
CA PHE A 319 -4.48 34.68 -24.45
C PHE A 319 -4.35 33.26 -24.96
N ALA A 320 -3.76 32.36 -24.18
CA ALA A 320 -3.45 31.04 -24.72
C ALA A 320 -4.70 30.18 -24.83
N LYS A 321 -5.65 30.34 -23.92
CA LYS A 321 -6.87 29.55 -23.99
C LYS A 321 -7.63 29.79 -25.29
N TYR A 322 -7.75 31.05 -25.70
CA TYR A 322 -8.50 31.41 -26.90
C TYR A 322 -7.73 31.14 -28.18
N MET A 323 -6.42 31.31 -28.19
CA MET A 323 -5.66 30.93 -29.37
C MET A 323 -5.68 29.42 -29.57
N PHE A 324 -5.76 28.65 -28.48
CA PHE A 324 -5.87 27.21 -28.62
C PHE A 324 -7.20 26.81 -29.21
N PHE A 325 -8.30 27.31 -28.64
CA PHE A 325 -9.62 27.00 -29.19
C PHE A 325 -9.74 27.47 -30.63
N LEU A 326 -9.18 28.62 -30.95
CA LEU A 326 -9.23 29.13 -32.32
C LEU A 326 -8.46 28.23 -33.27
N SER A 327 -7.29 27.74 -32.85
CA SER A 327 -6.54 26.79 -33.66
C SER A 327 -7.30 25.49 -33.85
N PHE A 328 -8.02 25.04 -32.83
CA PHE A 328 -8.80 23.82 -32.97
C PHE A 328 -9.92 23.97 -33.97
N CYS A 329 -10.61 25.11 -33.96
CA CYS A 329 -11.65 25.36 -34.95
C CYS A 329 -11.08 25.41 -36.37
N PHE A 330 -9.94 26.05 -36.56
CA PHE A 330 -9.35 26.07 -37.89
C PHE A 330 -8.96 24.70 -38.40
N TYR A 331 -8.36 23.85 -37.56
CA TYR A 331 -8.02 22.50 -37.97
C TYR A 331 -9.22 21.60 -38.12
N PHE A 332 -10.26 21.78 -37.32
CA PHE A 332 -11.48 20.99 -37.50
C PHE A 332 -12.12 21.28 -38.84
N PHE A 333 -12.26 22.56 -39.19
CA PHE A 333 -12.85 22.90 -40.47
C PHE A 333 -11.97 22.51 -41.65
N TYR A 334 -10.66 22.51 -41.49
CA TYR A 334 -9.79 22.01 -42.55
C TYR A 334 -9.95 20.51 -42.74
N ASN A 335 -10.16 19.76 -41.66
CA ASN A 335 -10.39 18.32 -41.80
C ASN A 335 -11.73 18.03 -42.46
N ILE A 336 -12.80 18.68 -42.01
CA ILE A 336 -14.10 18.45 -42.63
C ILE A 336 -14.07 18.81 -44.11
N THR A 337 -13.53 19.97 -44.44
CA THR A 337 -13.45 20.36 -45.85
C THR A 337 -12.57 19.41 -46.63
N LEU A 338 -11.62 18.74 -45.98
CA LEU A 338 -10.84 17.72 -46.68
C LEU A 338 -11.63 16.43 -46.87
N THR A 339 -12.52 16.10 -45.94
CA THR A 339 -13.23 14.83 -46.02
C THR A 339 -14.56 14.92 -46.74
N LEU A 340 -14.99 16.13 -47.11
CA LEU A 340 -16.17 16.27 -47.95
C LEU A 340 -15.82 16.44 -49.43
N VAL A 341 -14.65 16.99 -49.74
CA VAL A 341 -14.18 17.08 -51.12
C VAL A 341 -13.44 15.81 -51.51
N SER A 342 -13.39 14.82 -50.64
CA SER A 342 -12.79 13.53 -50.94
C SER A 342 -13.77 12.37 -50.88
N TYR A 343 -14.86 12.51 -50.15
CA TYR A 343 -15.90 11.51 -50.13
C TYR A 343 -16.99 11.78 -51.16
N TYR A 344 -17.15 13.03 -51.57
CA TYR A 344 -18.11 13.44 -52.59
C TYR A 344 -17.42 13.73 -53.92
N ARG A 345 -16.40 12.96 -54.26
CA ARG A 345 -15.70 13.09 -55.53
C ARG A 345 -16.68 13.04 -56.70
N PRO A 346 -16.33 13.59 -57.86
CA PRO A 346 -17.14 13.37 -59.06
C PRO A 346 -16.82 11.99 -59.65
N ARG A 347 -17.85 11.17 -59.78
CA ARG A 347 -17.72 9.80 -60.28
C ARG A 347 -16.70 9.00 -59.48
N LEU A 365 -20.38 27.38 -57.17
CA LEU A 365 -20.03 28.26 -56.05
C LEU A 365 -20.01 27.45 -54.76
N GLN A 366 -19.33 27.99 -53.75
CA GLN A 366 -19.13 27.32 -52.46
C GLN A 366 -18.45 25.97 -52.64
N LEU A 367 -17.60 25.86 -53.66
CA LEU A 367 -16.64 24.78 -53.79
C LEU A 367 -15.21 25.30 -53.80
N LEU A 368 -14.99 26.48 -53.22
CA LEU A 368 -13.63 26.95 -53.00
C LEU A 368 -12.92 26.16 -51.91
N GLY A 369 -13.62 25.20 -51.28
CA GLY A 369 -13.03 24.38 -50.25
C GLY A 369 -11.82 23.59 -50.71
N ARG A 370 -11.74 23.28 -52.00
CA ARG A 370 -10.59 22.54 -52.52
C ARG A 370 -9.33 23.39 -52.45
N MET A 371 -9.42 24.66 -52.87
CA MET A 371 -8.25 25.53 -52.80
C MET A 371 -8.00 25.97 -51.37
N PHE A 372 -9.04 26.01 -50.52
CA PHE A 372 -8.81 26.25 -49.10
C PHE A 372 -7.97 25.14 -48.50
N VAL A 373 -8.31 23.89 -48.79
CA VAL A 373 -7.54 22.76 -48.28
C VAL A 373 -6.10 22.83 -48.75
N LEU A 374 -5.91 23.17 -50.03
CA LEU A 374 -4.56 23.31 -50.56
C LEU A 374 -3.79 24.40 -49.84
N ILE A 375 -4.45 25.53 -49.57
CA ILE A 375 -3.79 26.66 -48.92
C ILE A 375 -3.33 26.28 -47.52
N TRP A 376 -4.23 25.66 -46.75
CA TRP A 376 -3.90 25.35 -45.36
C TRP A 376 -2.99 24.13 -45.26
N ALA A 377 -2.99 23.27 -46.29
CA ALA A 377 -1.99 22.23 -46.35
C ALA A 377 -0.60 22.82 -46.57
N THR A 378 -0.49 23.84 -47.42
CA THR A 378 0.80 24.49 -47.63
C THR A 378 1.27 25.17 -46.35
N CYS A 379 0.37 25.92 -45.70
CA CYS A 379 0.66 26.54 -44.42
C CYS A 379 1.18 25.55 -43.40
N ILE A 380 0.42 24.47 -43.15
CA ILE A 380 0.78 23.53 -42.10
C ILE A 380 2.07 22.81 -42.42
N SER A 381 2.27 22.46 -43.70
CA SER A 381 3.49 21.76 -44.08
C SER A 381 4.72 22.62 -43.84
N VAL A 382 4.67 23.89 -44.26
CA VAL A 382 5.82 24.79 -44.10
C VAL A 382 6.11 25.00 -42.62
N LYS A 383 5.07 25.37 -41.87
CA LYS A 383 5.24 25.68 -40.46
C LYS A 383 5.80 24.50 -39.67
N GLU A 384 5.26 23.30 -39.92
CA GLU A 384 5.71 22.13 -39.16
C GLU A 384 7.09 21.70 -39.59
N GLY A 385 7.45 21.90 -40.86
CA GLY A 385 8.81 21.60 -41.28
C GLY A 385 9.83 22.47 -40.58
N ILE A 386 9.52 23.75 -40.42
CA ILE A 386 10.39 24.63 -39.64
C ILE A 386 10.50 24.13 -38.20
N ALA A 387 9.37 23.76 -37.59
CA ALA A 387 9.40 23.30 -36.21
C ALA A 387 10.27 22.06 -36.04
N ILE A 388 10.27 21.18 -37.05
CA ILE A 388 11.10 19.97 -36.95
C ILE A 388 12.58 20.32 -37.10
N PHE A 389 12.90 21.30 -37.96
CA PHE A 389 14.29 21.70 -38.10
C PHE A 389 14.82 22.37 -36.85
N LEU A 390 13.95 23.02 -36.08
CA LEU A 390 14.40 23.65 -34.85
C LEU A 390 14.44 22.64 -33.70
N LEU A 391 13.57 21.63 -33.74
CA LEU A 391 13.53 20.66 -32.64
C LEU A 391 14.74 19.73 -32.65
N ARG A 392 15.35 19.54 -33.82
CA ARG A 392 16.55 18.71 -33.98
C ARG A 392 16.30 17.30 -33.45
N PRO A 393 15.47 16.50 -34.11
CA PRO A 393 15.12 15.18 -33.60
C PRO A 393 16.17 14.10 -33.81
N SER A 394 17.42 14.48 -34.11
CA SER A 394 18.47 13.48 -34.35
C SER A 394 18.73 12.65 -33.10
N ASP A 395 18.63 13.26 -31.92
CA ASP A 395 18.82 12.52 -30.68
C ASP A 395 17.72 11.49 -30.48
N LEU A 396 18.10 10.33 -29.97
CA LEU A 396 17.19 9.19 -29.88
C LEU A 396 16.07 9.47 -28.90
N GLN A 397 14.87 8.98 -29.21
CA GLN A 397 13.65 8.99 -28.40
C GLN A 397 13.03 10.39 -28.35
N SER A 398 13.70 11.42 -28.88
CA SER A 398 13.12 12.76 -28.80
C SER A 398 11.89 12.90 -29.70
N ILE A 399 11.88 12.19 -30.82
CA ILE A 399 10.75 12.31 -31.75
C ILE A 399 9.47 11.80 -31.10
N LEU A 400 9.58 10.76 -30.27
CA LEU A 400 8.42 10.30 -29.50
C LEU A 400 8.24 11.13 -28.24
N SER A 401 9.22 11.99 -27.93
CA SER A 401 9.22 12.65 -26.63
C SER A 401 8.49 13.99 -26.68
N ASP A 402 8.79 14.81 -27.69
CA ASP A 402 8.21 16.15 -27.78
C ASP A 402 7.68 16.51 -29.15
N ALA A 403 8.14 15.88 -30.22
CA ALA A 403 7.77 16.28 -31.57
C ALA A 403 7.02 15.21 -32.32
N TRP A 404 6.26 14.36 -31.62
CA TRP A 404 5.45 13.37 -32.33
C TRP A 404 4.37 14.04 -33.16
N PHE A 405 3.67 15.01 -32.58
CA PHE A 405 2.57 15.62 -33.31
C PHE A 405 3.08 16.62 -34.33
N HIS A 406 4.30 17.15 -34.15
CA HIS A 406 4.92 17.91 -35.22
C HIS A 406 5.12 17.05 -36.45
N PHE A 407 5.68 15.85 -36.26
CA PHE A 407 5.92 14.93 -37.36
C PHE A 407 4.62 14.48 -38.00
N VAL A 408 3.59 14.20 -37.19
CA VAL A 408 2.34 13.70 -37.75
C VAL A 408 1.59 14.77 -38.51
N PHE A 409 1.56 16.01 -38.00
CA PHE A 409 0.91 17.09 -38.74
C PHE A 409 1.64 17.35 -40.06
N PHE A 410 2.97 17.20 -40.05
CA PHE A 410 3.74 17.38 -41.28
C PHE A 410 3.43 16.29 -42.29
N VAL A 411 3.36 15.04 -41.83
CA VAL A 411 3.10 13.91 -42.74
C VAL A 411 1.73 14.08 -43.40
N GLN A 412 0.72 14.43 -42.62
CA GLN A 412 -0.62 14.55 -43.19
C GLN A 412 -0.72 15.72 -44.16
N ALA A 413 -0.09 16.84 -43.84
CA ALA A 413 -0.13 17.97 -44.78
C ALA A 413 0.64 17.69 -46.06
N VAL A 414 1.77 16.99 -46.00
CA VAL A 414 2.53 16.71 -47.21
C VAL A 414 1.82 15.64 -48.01
N LEU A 415 1.04 14.79 -47.34
CA LEU A 415 0.28 13.78 -48.08
C LEU A 415 -0.80 14.44 -48.93
N VAL A 416 -1.53 15.40 -48.36
CA VAL A 416 -2.49 16.15 -49.16
C VAL A 416 -1.78 16.89 -50.28
N ILE A 417 -0.59 17.41 -50.02
CA ILE A 417 0.16 18.11 -51.07
C ILE A 417 0.41 17.20 -52.26
N LEU A 418 1.11 16.09 -52.04
CA LEU A 418 1.45 15.30 -53.22
C LEU A 418 0.26 14.53 -53.77
N SER A 419 -0.89 14.53 -53.09
CA SER A 419 -2.10 14.02 -53.69
C SER A 419 -2.76 15.04 -54.61
N VAL A 420 -2.41 16.32 -54.48
CA VAL A 420 -2.79 17.33 -55.45
C VAL A 420 -1.77 17.40 -56.58
N PHE A 421 -0.49 17.21 -56.28
CA PHE A 421 0.53 17.22 -57.32
C PHE A 421 0.70 15.83 -57.91
N LEU A 422 -0.36 15.02 -57.83
CA LEU A 422 -0.46 13.75 -58.53
C LEU A 422 -1.78 13.70 -59.29
N TYR A 423 -2.78 14.38 -58.76
CA TYR A 423 -4.11 14.36 -59.36
C TYR A 423 -4.11 15.03 -60.72
N LEU A 424 -3.40 16.14 -60.85
CA LEU A 424 -3.37 16.90 -62.10
C LEU A 424 -2.05 16.84 -62.84
N PHE A 425 -0.93 16.74 -62.12
CA PHE A 425 0.37 16.84 -62.78
C PHE A 425 0.72 15.56 -63.53
N ALA A 426 0.37 14.40 -62.97
CA ALA A 426 0.72 13.13 -63.59
C ALA A 426 -0.48 12.22 -63.83
N TYR A 427 -1.62 12.48 -63.21
CA TYR A 427 -2.86 11.71 -63.43
C TYR A 427 -2.63 10.23 -63.14
N LYS A 428 -2.37 9.96 -61.86
CA LYS A 428 -2.08 8.62 -61.35
C LYS A 428 -3.06 8.30 -60.21
N GLU A 429 -2.77 7.21 -59.50
CA GLU A 429 -3.54 6.83 -58.33
C GLU A 429 -3.34 7.83 -57.20
N TYR A 430 -4.29 8.76 -57.07
CA TYR A 430 -4.21 9.84 -56.10
C TYR A 430 -5.11 9.62 -54.91
N LEU A 431 -5.63 8.41 -54.74
CA LEU A 431 -6.52 8.13 -53.62
C LEU A 431 -5.80 7.56 -52.42
N ALA A 432 -4.70 6.84 -52.62
CA ALA A 432 -3.94 6.36 -51.48
C ALA A 432 -3.48 7.50 -50.59
N CYS A 433 -2.93 8.56 -51.16
CA CYS A 433 -2.49 9.72 -50.40
C CYS A 433 -3.65 10.48 -49.77
N LEU A 434 -4.72 10.70 -50.51
CA LEU A 434 -5.84 11.47 -49.98
C LEU A 434 -6.52 10.74 -48.84
N VAL A 435 -6.70 9.43 -48.96
CA VAL A 435 -7.41 8.69 -47.93
C VAL A 435 -6.53 8.51 -46.70
N LEU A 436 -5.25 8.22 -46.89
CA LEU A 436 -4.33 8.20 -45.75
C LEU A 436 -4.35 9.54 -45.01
N ALA A 437 -4.39 10.64 -45.76
CA ALA A 437 -4.40 11.96 -45.13
C ALA A 437 -5.69 12.19 -44.35
N MET A 438 -6.80 11.66 -44.83
CA MET A 438 -8.05 11.82 -44.11
C MET A 438 -8.03 11.12 -42.75
N ALA A 439 -7.70 9.83 -42.73
CA ALA A 439 -7.62 9.11 -41.47
C ALA A 439 -6.61 9.71 -40.51
N LEU A 440 -5.43 10.09 -41.00
CA LEU A 440 -4.46 10.74 -40.15
C LEU A 440 -4.99 12.04 -39.56
N GLY A 441 -5.80 12.78 -40.31
CA GLY A 441 -6.35 14.02 -39.78
C GLY A 441 -7.13 13.82 -38.51
N TRP A 442 -7.94 12.76 -38.46
CA TRP A 442 -8.76 12.58 -37.27
C TRP A 442 -7.95 12.14 -36.06
N ALA A 443 -6.89 11.35 -36.27
CA ALA A 443 -5.96 11.11 -35.17
C ALA A 443 -5.37 12.40 -34.61
N ASN A 444 -5.11 13.38 -35.48
CA ASN A 444 -4.58 14.64 -34.97
C ASN A 444 -5.59 15.39 -34.12
N MET A 445 -6.89 15.18 -34.34
CA MET A 445 -7.83 15.76 -33.38
C MET A 445 -7.55 15.26 -31.97
N LEU A 446 -7.14 14.00 -31.84
CA LEU A 446 -6.69 13.53 -30.53
C LEU A 446 -5.59 14.41 -29.96
N TYR A 447 -4.72 14.97 -30.80
CA TYR A 447 -3.78 15.96 -30.28
C TYR A 447 -4.49 17.10 -29.57
N TYR A 448 -5.61 17.57 -30.12
CA TYR A 448 -6.25 18.76 -29.59
C TYR A 448 -6.97 18.52 -28.27
N THR A 449 -6.79 17.36 -27.64
CA THR A 449 -7.35 17.17 -26.31
C THR A 449 -6.55 17.81 -25.18
N ARG A 450 -5.41 18.45 -25.47
CA ARG A 450 -4.58 19.04 -24.42
C ARG A 450 -5.32 20.11 -23.61
N GLY A 451 -6.34 20.73 -24.18
CA GLY A 451 -6.94 21.88 -23.53
C GLY A 451 -7.71 21.58 -22.27
N PHE A 452 -8.09 20.33 -22.06
CA PHE A 452 -8.87 19.95 -20.90
C PHE A 452 -8.05 19.04 -19.99
N GLN A 453 -8.28 19.15 -18.69
CA GLN A 453 -7.53 18.35 -17.74
C GLN A 453 -7.95 16.89 -17.82
N SER A 454 -9.24 16.62 -17.68
CA SER A 454 -9.74 15.25 -17.70
C SER A 454 -9.44 14.58 -19.03
N MET A 455 -10.02 15.11 -20.11
CA MET A 455 -9.85 14.54 -21.43
C MET A 455 -8.43 14.63 -21.95
N GLY A 456 -7.56 15.40 -21.29
CA GLY A 456 -6.24 15.65 -21.82
C GLY A 456 -5.14 14.90 -21.12
N MET A 457 -5.37 14.50 -19.88
CA MET A 457 -4.50 13.55 -19.21
C MET A 457 -5.07 12.14 -19.26
N TYR A 458 -6.19 11.95 -19.95
CA TYR A 458 -6.54 10.62 -20.44
C TYR A 458 -5.69 10.25 -21.64
N SER A 459 -5.44 11.20 -22.54
CA SER A 459 -4.63 11.02 -23.72
C SER A 459 -3.19 10.94 -23.43
N VAL A 460 -2.77 10.92 -22.17
CA VAL A 460 -1.37 10.72 -21.82
C VAL A 460 -1.14 9.38 -21.18
N MET A 461 -2.21 8.62 -20.90
CA MET A 461 -2.06 7.20 -20.62
C MET A 461 -2.18 6.37 -21.88
N ILE A 462 -2.85 6.88 -22.91
CA ILE A 462 -2.83 6.19 -24.20
C ILE A 462 -1.40 6.08 -24.72
N GLN A 463 -0.60 7.12 -24.48
CA GLN A 463 0.78 7.13 -24.94
C GLN A 463 1.65 6.17 -24.16
N LYS A 464 1.56 6.20 -22.82
CA LYS A 464 2.32 5.28 -21.99
C LYS A 464 1.90 3.83 -22.18
N VAL A 465 0.61 3.58 -22.39
CA VAL A 465 0.13 2.22 -22.60
C VAL A 465 0.53 1.69 -23.96
N ILE A 466 0.46 2.51 -25.02
CA ILE A 466 0.90 2.05 -26.33
C ILE A 466 2.37 1.69 -26.31
N LEU A 467 3.19 2.51 -25.65
CA LEU A 467 4.62 2.25 -25.66
C LEU A 467 4.97 1.00 -24.87
N HIS A 468 4.46 0.88 -23.65
CA HIS A 468 4.90 -0.21 -22.79
C HIS A 468 4.25 -1.53 -23.15
N ASP A 469 2.93 -1.56 -23.31
CA ASP A 469 2.18 -2.82 -23.31
C ASP A 469 1.75 -3.29 -24.69
N VAL A 470 1.29 -2.38 -25.55
CA VAL A 470 0.71 -2.83 -26.82
C VAL A 470 1.80 -3.22 -27.80
N LEU A 471 2.99 -2.63 -27.69
CA LEU A 471 4.06 -2.97 -28.63
C LEU A 471 4.63 -4.34 -28.33
N LYS A 472 4.91 -4.63 -27.06
CA LYS A 472 5.40 -5.95 -26.70
C LYS A 472 4.39 -7.05 -26.99
N PHE A 473 3.11 -6.79 -26.78
CA PHE A 473 2.07 -7.74 -27.12
C PHE A 473 2.01 -7.99 -28.62
N LEU A 474 2.07 -6.95 -29.43
CA LEU A 474 2.03 -7.14 -30.87
C LEU A 474 3.21 -7.94 -31.38
N PHE A 475 4.39 -7.78 -30.79
CA PHE A 475 5.55 -8.57 -31.16
C PHE A 475 5.34 -10.06 -30.93
N VAL A 476 4.95 -10.46 -29.73
CA VAL A 476 4.75 -11.88 -29.46
C VAL A 476 3.56 -12.43 -30.24
N TYR A 477 2.49 -11.64 -30.37
CA TYR A 477 1.31 -12.14 -31.05
C TYR A 477 1.58 -12.38 -32.53
N ILE A 478 2.35 -11.50 -33.17
CA ILE A 478 2.66 -11.71 -34.58
C ILE A 478 3.55 -12.93 -34.75
N LEU A 479 4.42 -13.21 -33.78
CA LEU A 479 5.22 -14.44 -33.84
C LEU A 479 4.34 -15.68 -33.86
N PHE A 480 3.31 -15.72 -33.01
CA PHE A 480 2.45 -16.88 -32.96
C PHE A 480 1.51 -16.94 -34.17
N LEU A 481 0.99 -15.79 -34.58
CA LEU A 481 0.09 -15.74 -35.73
C LEU A 481 0.76 -16.30 -36.98
N LEU A 482 1.97 -15.83 -37.27
CA LEU A 482 2.67 -16.27 -38.46
C LEU A 482 3.27 -17.66 -38.32
N GLY A 483 3.69 -18.06 -37.12
CA GLY A 483 4.21 -19.39 -36.93
C GLY A 483 3.16 -20.47 -37.14
N PHE A 484 2.02 -20.33 -36.47
CA PHE A 484 0.94 -21.29 -36.66
C PHE A 484 0.24 -21.12 -37.99
N GLY A 485 0.26 -19.92 -38.57
CA GLY A 485 -0.27 -19.73 -39.90
C GLY A 485 0.45 -20.59 -40.93
N VAL A 486 1.78 -20.53 -40.93
CA VAL A 486 2.53 -21.31 -41.90
C VAL A 486 2.49 -22.81 -41.58
N ALA A 487 2.42 -23.18 -40.30
CA ALA A 487 2.30 -24.60 -39.98
C ALA A 487 0.97 -25.19 -40.41
N LEU A 488 -0.14 -24.57 -40.04
CA LEU A 488 -1.46 -25.02 -40.48
C LEU A 488 -1.60 -24.99 -41.99
N ALA A 489 -1.06 -23.97 -42.65
CA ALA A 489 -1.19 -23.89 -44.10
C ALA A 489 -0.42 -25.01 -44.79
N SER A 490 0.79 -25.30 -44.32
CA SER A 490 1.57 -26.37 -44.93
C SER A 490 1.05 -27.75 -44.58
N LEU A 491 0.04 -27.86 -43.72
CA LEU A 491 -0.57 -29.13 -43.40
C LEU A 491 -1.67 -29.54 -44.36
N ILE A 492 -2.18 -28.62 -45.17
CA ILE A 492 -3.31 -28.87 -46.06
C ILE A 492 -2.78 -29.36 -47.40
N GLU A 493 -3.38 -30.44 -47.91
CA GLU A 493 -2.95 -31.00 -49.19
C GLU A 493 -3.53 -30.18 -50.33
N LYS A 494 -3.49 -30.74 -51.54
CA LYS A 494 -3.91 -30.04 -52.75
C LYS A 494 -5.28 -29.40 -52.57
N CYS A 495 -5.50 -28.31 -53.29
CA CYS A 495 -6.65 -27.43 -53.09
C CYS A 495 -7.95 -28.21 -52.93
N SER A 496 -8.36 -28.91 -53.97
CA SER A 496 -9.55 -29.75 -53.97
C SER A 496 -9.56 -30.55 -55.27
N LYS A 497 -10.62 -31.29 -55.50
CA LYS A 497 -10.84 -31.91 -56.80
C LYS A 497 -11.36 -30.91 -57.82
N ASP A 498 -11.74 -29.71 -57.38
CA ASP A 498 -12.23 -28.66 -58.26
C ASP A 498 -11.52 -27.34 -58.00
N LYS A 499 -10.38 -27.36 -57.29
CA LYS A 499 -9.50 -26.22 -57.07
C LYS A 499 -10.05 -25.21 -56.06
N LYS A 500 -11.31 -25.36 -55.65
CA LYS A 500 -11.86 -24.43 -54.66
C LYS A 500 -12.95 -25.14 -53.85
N ASP A 501 -12.58 -25.67 -52.69
CA ASP A 501 -13.50 -26.25 -51.71
C ASP A 501 -12.79 -26.48 -50.38
N CYS A 502 -13.42 -26.03 -49.29
CA CYS A 502 -12.91 -26.17 -47.91
C CYS A 502 -11.43 -25.78 -47.81
N SER A 503 -10.98 -24.91 -48.70
CA SER A 503 -9.62 -24.40 -48.68
C SER A 503 -9.54 -23.09 -47.91
N SER A 504 -10.06 -23.09 -46.69
CA SER A 504 -9.90 -21.93 -45.83
C SER A 504 -8.44 -21.77 -45.43
N TYR A 505 -7.83 -22.82 -44.90
CA TYR A 505 -6.41 -22.82 -44.59
C TYR A 505 -5.59 -23.35 -45.76
N GLY A 506 -5.83 -22.82 -46.95
CA GLY A 506 -5.18 -23.35 -48.13
C GLY A 506 -3.74 -22.92 -48.27
N SER A 507 -3.52 -21.63 -48.41
CA SER A 507 -2.19 -21.05 -48.54
C SER A 507 -1.79 -20.35 -47.25
N PHE A 508 -0.63 -19.71 -47.28
CA PHE A 508 -0.15 -19.01 -46.10
C PHE A 508 -1.10 -17.87 -45.73
N SER A 509 -1.23 -16.87 -46.61
CA SER A 509 -1.99 -15.68 -46.26
C SER A 509 -3.45 -15.99 -45.95
N ASP A 510 -4.03 -17.03 -46.55
CA ASP A 510 -5.38 -17.44 -46.20
C ASP A 510 -5.47 -18.05 -44.81
N ALA A 511 -4.49 -18.86 -44.40
CA ALA A 511 -4.46 -19.36 -43.04
C ALA A 511 -4.19 -18.27 -42.02
N VAL A 512 -3.36 -17.29 -42.36
CA VAL A 512 -3.11 -16.18 -41.44
C VAL A 512 -4.37 -15.36 -41.25
N LEU A 513 -5.16 -15.17 -42.32
CA LEU A 513 -6.41 -14.45 -42.18
C LEU A 513 -7.42 -15.20 -41.32
N GLU A 514 -7.49 -16.53 -41.49
CA GLU A 514 -8.43 -17.30 -40.68
C GLU A 514 -8.07 -17.25 -39.20
N LEU A 515 -6.79 -17.33 -38.86
CA LEU A 515 -6.40 -17.23 -37.47
C LEU A 515 -6.65 -15.83 -36.91
N PHE A 516 -6.42 -14.79 -37.72
CA PHE A 516 -6.74 -13.44 -37.28
C PHE A 516 -8.21 -13.29 -36.94
N LYS A 517 -9.09 -13.90 -37.73
CA LYS A 517 -10.52 -13.82 -37.47
C LYS A 517 -10.94 -14.66 -36.27
N LEU A 518 -10.20 -15.69 -35.88
CA LEU A 518 -10.50 -16.35 -34.62
C LEU A 518 -10.12 -15.51 -33.43
N THR A 519 -9.09 -14.66 -33.55
CA THR A 519 -8.73 -13.79 -32.45
C THR A 519 -9.76 -12.69 -32.26
N ILE A 520 -10.21 -12.07 -33.35
CA ILE A 520 -11.23 -11.04 -33.25
C ILE A 520 -12.55 -11.63 -32.79
N GLY A 521 -12.81 -12.89 -33.11
CA GLY A 521 -14.06 -13.52 -32.76
C GLY A 521 -15.12 -13.48 -33.83
N LEU A 522 -14.72 -13.37 -35.09
CA LEU A 522 -15.64 -13.28 -36.21
C LEU A 522 -15.65 -14.58 -37.00
N GLY A 523 -16.61 -14.68 -37.89
CA GLY A 523 -16.67 -15.84 -38.76
C GLY A 523 -17.23 -17.06 -38.05
N ASP A 524 -16.87 -18.23 -38.58
CA ASP A 524 -17.30 -19.50 -38.03
C ASP A 524 -16.14 -20.47 -38.12
N LEU A 525 -15.75 -21.04 -36.99
CA LEU A 525 -14.66 -22.00 -36.95
C LEU A 525 -15.08 -23.28 -37.65
N ASN A 526 -14.40 -23.61 -38.74
CA ASN A 526 -14.67 -24.84 -39.48
C ASN A 526 -13.39 -25.68 -39.51
N ILE A 527 -13.44 -26.83 -38.85
CA ILE A 527 -12.30 -27.73 -38.79
C ILE A 527 -12.35 -28.81 -39.87
N GLN A 528 -13.46 -28.95 -40.57
CA GLN A 528 -13.60 -29.97 -41.61
C GLN A 528 -12.85 -29.49 -42.85
N GLN A 529 -11.54 -29.56 -42.77
CA GLN A 529 -10.65 -29.17 -43.86
C GLN A 529 -10.22 -30.39 -44.66
N ASN A 530 -9.75 -30.14 -45.88
CA ASN A 530 -9.19 -31.19 -46.73
C ASN A 530 -7.79 -31.53 -46.24
N SER A 531 -7.73 -31.99 -44.99
CA SER A 531 -6.47 -32.21 -44.30
C SER A 531 -6.16 -33.70 -44.23
N THR A 532 -4.86 -34.01 -44.20
CA THR A 532 -4.42 -35.39 -44.06
C THR A 532 -4.46 -35.86 -42.62
N TYR A 533 -4.35 -34.94 -41.67
CA TYR A 533 -4.37 -35.26 -40.24
C TYR A 533 -5.36 -34.34 -39.55
N PRO A 534 -6.59 -34.81 -39.30
CA PRO A 534 -7.55 -33.97 -38.58
C PRO A 534 -7.21 -33.78 -37.12
N ILE A 535 -6.57 -34.74 -36.47
CA ILE A 535 -6.18 -34.62 -35.08
C ILE A 535 -5.05 -33.62 -34.90
N LEU A 536 -4.00 -33.72 -35.72
CA LEU A 536 -2.91 -32.75 -35.64
C LEU A 536 -3.39 -31.34 -35.96
N PHE A 537 -4.35 -31.22 -36.87
CA PHE A 537 -4.91 -29.91 -37.17
C PHE A 537 -5.61 -29.33 -35.96
N LEU A 538 -6.42 -30.13 -35.27
CA LEU A 538 -7.09 -29.64 -34.07
C LEU A 538 -6.08 -29.29 -32.97
N PHE A 539 -5.00 -30.07 -32.86
CA PHE A 539 -4.03 -29.79 -31.81
C PHE A 539 -3.35 -28.44 -32.03
N LEU A 540 -2.91 -28.17 -33.26
CA LEU A 540 -2.27 -26.89 -33.55
C LEU A 540 -3.25 -25.73 -33.42
N LEU A 541 -4.50 -25.91 -33.84
CA LEU A 541 -5.50 -24.86 -33.78
C LEU A 541 -5.95 -24.55 -32.36
N ILE A 542 -6.06 -25.56 -31.51
CA ILE A 542 -6.48 -25.36 -30.13
C ILE A 542 -5.32 -24.81 -29.31
N THR A 543 -4.09 -25.21 -29.65
CA THR A 543 -2.94 -24.61 -29.01
C THR A 543 -2.86 -23.12 -29.32
N TYR A 544 -3.18 -22.73 -30.56
CA TYR A 544 -3.20 -21.31 -30.89
C TYR A 544 -4.27 -20.58 -30.09
N VAL A 545 -5.44 -21.19 -29.93
CA VAL A 545 -6.49 -20.56 -29.14
C VAL A 545 -6.07 -20.41 -27.69
N ILE A 546 -5.39 -21.41 -27.13
CA ILE A 546 -4.94 -21.31 -25.74
C ILE A 546 -3.86 -20.26 -25.59
N LEU A 547 -3.01 -20.10 -26.59
CA LEU A 547 -1.90 -19.16 -26.46
C LEU A 547 -2.32 -17.72 -26.61
N THR A 548 -3.36 -17.44 -27.39
CA THR A 548 -3.75 -16.06 -27.64
C THR A 548 -5.05 -15.66 -26.96
N PHE A 549 -6.11 -16.43 -27.15
CA PHE A 549 -7.39 -16.04 -26.57
C PHE A 549 -7.37 -16.11 -25.05
N VAL A 550 -6.50 -16.95 -24.48
CA VAL A 550 -6.49 -17.18 -23.04
C VAL A 550 -5.32 -16.47 -22.39
N LEU A 551 -4.11 -16.77 -22.84
CA LEU A 551 -2.92 -16.24 -22.19
C LEU A 551 -2.65 -14.80 -22.59
N LEU A 552 -2.41 -14.55 -23.87
CA LEU A 552 -1.80 -13.28 -24.27
C LEU A 552 -2.75 -12.11 -24.10
N LEU A 553 -4.01 -12.26 -24.49
CA LEU A 553 -4.93 -11.13 -24.41
C LEU A 553 -5.30 -10.77 -22.97
N ASN A 554 -5.57 -11.75 -22.12
CA ASN A 554 -5.82 -11.47 -20.71
C ASN A 554 -4.59 -10.98 -19.98
N MET A 555 -3.42 -11.45 -20.36
CA MET A 555 -2.19 -10.92 -19.79
C MET A 555 -1.92 -9.50 -20.25
N LEU A 556 -2.44 -9.13 -21.43
CA LEU A 556 -2.35 -7.73 -21.84
C LEU A 556 -3.18 -6.85 -20.94
N ILE A 557 -4.40 -7.29 -20.59
CA ILE A 557 -5.21 -6.49 -19.68
C ILE A 557 -4.56 -6.37 -18.31
N ALA A 558 -3.92 -7.43 -17.82
CA ALA A 558 -3.28 -7.38 -16.51
C ALA A 558 -2.08 -6.44 -16.49
N LEU A 559 -1.21 -6.51 -17.49
CA LEU A 559 -0.07 -5.61 -17.54
C LEU A 559 -0.48 -4.17 -17.76
N MET A 560 -1.53 -3.95 -18.55
CA MET A 560 -2.06 -2.62 -18.79
C MET A 560 -2.66 -2.02 -17.53
N GLY A 561 -3.15 -2.85 -16.62
CA GLY A 561 -3.58 -2.39 -15.32
C GLY A 561 -2.43 -1.94 -14.43
N GLU A 562 -1.32 -2.67 -14.48
CA GLU A 562 -0.12 -2.25 -13.75
C GLU A 562 0.45 -0.94 -14.26
N THR A 563 0.48 -0.73 -15.58
CA THR A 563 0.96 0.52 -16.14
C THR A 563 0.06 1.69 -15.75
N VAL A 564 -1.25 1.52 -15.82
CA VAL A 564 -2.16 2.60 -15.44
C VAL A 564 -1.97 2.97 -13.98
N GLU A 565 -1.80 1.98 -13.11
CA GLU A 565 -1.56 2.28 -11.70
C GLU A 565 -0.26 3.01 -11.46
N ASN A 566 0.78 2.74 -12.25
CA ASN A 566 2.05 3.44 -12.04
C ASN A 566 2.01 4.87 -12.53
N VAL A 567 1.44 5.10 -13.71
CA VAL A 567 1.49 6.42 -14.34
C VAL A 567 0.25 7.25 -14.02
N SER A 568 -0.56 6.82 -13.06
CA SER A 568 -1.67 7.66 -12.60
C SER A 568 -1.28 8.61 -11.48
N LYS A 569 -0.16 8.36 -10.82
CA LYS A 569 0.32 9.30 -9.81
C LYS A 569 0.95 10.54 -10.42
N GLU A 570 1.41 10.44 -11.67
CA GLU A 570 2.22 11.50 -12.26
C GLU A 570 1.80 11.80 -13.68
N SER A 571 0.51 11.75 -13.97
CA SER A 571 -0.01 12.08 -15.29
C SER A 571 -0.53 13.50 -15.39
N GLU A 572 -0.97 14.09 -14.27
CA GLU A 572 -1.35 15.49 -14.29
C GLU A 572 -0.14 16.37 -14.51
N ARG A 573 1.02 15.96 -14.01
CA ARG A 573 2.22 16.75 -14.19
C ARG A 573 2.73 16.66 -15.62
N ILE A 574 2.70 15.48 -16.24
CA ILE A 574 3.09 15.37 -17.64
C ILE A 574 2.15 16.14 -18.52
N TRP A 575 0.85 16.10 -18.22
CA TRP A 575 -0.10 16.88 -19.01
C TRP A 575 0.18 18.37 -18.89
N ARG A 576 0.36 18.87 -17.66
CA ARG A 576 0.63 20.29 -17.48
C ARG A 576 1.92 20.69 -18.18
N LEU A 577 2.85 19.76 -18.34
CA LEU A 577 4.09 20.07 -19.03
C LEU A 577 3.88 20.26 -20.52
N GLN A 578 3.08 19.41 -21.15
CA GLN A 578 2.83 19.60 -22.58
C GLN A 578 1.83 20.71 -22.88
N ARG A 579 0.89 20.97 -21.98
CA ARG A 579 0.10 22.19 -22.09
C ARG A 579 0.98 23.43 -21.97
N ALA A 580 2.02 23.38 -21.14
CA ALA A 580 2.95 24.51 -21.06
C ALA A 580 3.73 24.68 -22.35
N ARG A 581 4.04 23.58 -23.03
CA ARG A 581 4.74 23.70 -24.31
C ARG A 581 3.88 24.42 -25.34
N THR A 582 2.58 24.15 -25.40
CA THR A 582 1.75 24.87 -26.35
C THR A 582 1.56 26.33 -25.95
N ILE A 583 1.49 26.62 -24.64
CA ILE A 583 1.39 28.01 -24.20
C ILE A 583 2.61 28.79 -24.64
N LEU A 584 3.80 28.22 -24.42
CA LEU A 584 5.03 28.90 -24.79
C LEU A 584 5.17 29.04 -26.30
N GLU A 585 4.66 28.09 -27.07
CA GLU A 585 4.72 28.19 -28.51
C GLU A 585 3.71 29.19 -29.06
N PHE A 586 2.61 29.42 -28.35
CA PHE A 586 1.68 30.47 -28.76
C PHE A 586 2.20 31.84 -28.40
N GLU A 587 2.95 31.96 -27.30
CA GLU A 587 3.50 33.23 -26.89
C GLU A 587 4.43 33.79 -27.96
N LYS A 588 5.42 33.00 -28.38
CA LYS A 588 6.34 33.49 -29.39
C LYS A 588 5.74 33.34 -30.77
N MET A 589 4.50 33.77 -30.94
CA MET A 589 3.85 33.79 -32.23
C MET A 589 3.05 35.05 -32.49
N LEU A 590 2.60 35.76 -31.47
CA LEU A 590 1.86 37.01 -31.58
C LEU A 590 2.78 38.21 -31.46
N PRO A 591 2.41 39.34 -32.09
CA PRO A 591 3.35 40.44 -32.24
C PRO A 591 3.56 41.21 -30.95
N GLU A 592 4.60 42.07 -30.98
CA GLU A 592 5.08 42.71 -29.77
C GLU A 592 4.11 43.74 -29.21
N TRP A 593 3.27 44.36 -30.04
CA TRP A 593 2.26 45.25 -29.47
C TRP A 593 1.20 44.47 -28.71
N LEU A 594 0.66 43.40 -29.30
CA LEU A 594 -0.26 42.52 -28.61
C LEU A 594 0.41 41.73 -27.49
N ARG A 595 1.69 41.45 -27.63
CA ARG A 595 2.43 40.81 -26.54
C ARG A 595 2.52 41.72 -25.33
N SER A 596 2.88 42.99 -25.55
CA SER A 596 2.96 43.94 -24.46
C SER A 596 1.59 44.18 -23.82
N ARG A 597 0.52 43.93 -24.56
CA ARG A 597 -0.81 44.06 -24.00
C ARG A 597 -1.01 43.11 -22.82
N PHE A 598 -0.45 41.90 -22.90
CA PHE A 598 -0.54 40.91 -21.83
C PHE A 598 0.81 40.84 -21.15
N ARG A 599 0.92 41.45 -19.97
CA ARG A 599 2.07 41.26 -19.10
C ARG A 599 1.61 40.74 -17.76
N MET A 600 2.49 39.97 -17.11
CA MET A 600 2.10 39.21 -15.93
C MET A 600 2.09 40.05 -14.67
N GLY A 601 3.15 40.82 -14.44
CA GLY A 601 3.28 41.51 -13.17
C GLY A 601 3.15 43.01 -13.25
N GLU A 602 3.63 43.70 -12.21
CA GLU A 602 3.58 45.16 -12.16
C GLU A 602 4.82 45.69 -11.46
N LEU A 603 5.25 46.88 -11.86
CA LEU A 603 6.39 47.51 -11.21
C LEU A 603 6.03 47.94 -9.79
N CYS A 604 6.82 47.50 -8.82
CA CYS A 604 6.55 47.80 -7.42
C CYS A 604 7.82 48.31 -6.76
N LYS A 605 7.66 49.29 -5.88
CA LYS A 605 8.80 49.87 -5.17
C LYS A 605 9.30 48.89 -4.13
N VAL A 606 10.34 48.14 -4.49
CA VAL A 606 10.85 47.08 -3.62
C VAL A 606 11.87 47.57 -2.60
N ALA A 607 12.72 48.52 -2.97
CA ALA A 607 13.76 49.02 -2.07
C ALA A 607 13.87 50.53 -2.20
N ASP A 608 14.98 51.10 -1.72
CA ASP A 608 15.20 52.53 -1.89
C ASP A 608 15.07 52.93 -3.36
N GLU A 609 15.81 52.26 -4.23
CA GLU A 609 15.69 52.44 -5.68
C GLU A 609 15.80 51.08 -6.34
N ASP A 610 14.65 50.41 -6.51
CA ASP A 610 14.63 49.08 -7.11
C ASP A 610 13.21 48.83 -7.62
N PHE A 611 13.06 48.75 -8.94
CA PHE A 611 11.81 48.31 -9.55
C PHE A 611 12.05 46.94 -10.15
N ARG A 612 11.17 45.99 -9.81
CA ARG A 612 11.48 44.61 -10.11
C ARG A 612 10.44 43.96 -11.02
N LEU A 613 9.25 44.56 -11.13
CA LEU A 613 8.20 44.00 -11.98
C LEU A 613 7.86 42.58 -11.53
N CYS A 614 7.23 42.46 -10.36
CA CYS A 614 6.99 41.18 -9.73
C CYS A 614 5.56 40.69 -9.96
N LEU A 615 5.36 39.40 -9.70
CA LEU A 615 4.06 38.74 -9.68
C LEU A 615 3.38 39.05 -8.36
N ARG A 616 2.33 38.32 -8.00
CA ARG A 616 1.70 38.51 -6.70
C ARG A 616 0.88 37.27 -6.36
N ILE A 617 1.12 36.70 -5.18
CA ILE A 617 0.47 35.46 -4.76
C ILE A 617 0.05 35.62 -3.31
N ASN A 618 -1.24 35.39 -3.04
CA ASN A 618 -1.76 35.46 -1.69
C ASN A 618 -1.86 34.06 -1.10
N GLU A 619 -1.72 33.97 0.22
CA GLU A 619 -1.78 32.69 0.90
C GLU A 619 -2.28 32.89 2.32
N VAL A 620 -2.60 31.78 2.97
CA VAL A 620 -3.16 31.77 4.32
C VAL A 620 -2.43 30.68 5.11
N LYS A 621 -1.84 31.05 6.23
CA LYS A 621 -1.08 30.10 7.04
C LYS A 621 -1.50 30.23 8.49
N TRP A 622 -1.98 29.14 9.08
CA TRP A 622 -2.56 29.14 10.41
C TRP A 622 -1.65 28.49 11.45
N THR A 623 -0.35 28.39 11.19
CA THR A 623 0.49 27.60 12.09
C THR A 623 1.63 28.39 12.71
N GLU A 624 2.29 29.26 11.95
CA GLU A 624 3.51 29.88 12.43
C GLU A 624 3.24 30.91 13.52
N TRP A 625 2.36 31.88 13.24
CA TRP A 625 1.98 32.89 14.21
C TRP A 625 3.17 33.69 14.73
N LYS A 626 3.80 34.47 13.85
CA LYS A 626 4.92 35.32 14.24
C LYS A 626 4.52 36.78 14.13
N THR A 627 5.21 37.63 14.89
CA THR A 627 5.03 39.07 14.73
C THR A 627 5.60 39.49 13.39
N HIS A 628 4.88 40.37 12.70
CA HIS A 628 5.15 40.67 11.29
C HIS A 628 6.05 41.89 11.18
N VAL A 629 7.30 41.65 10.77
CA VAL A 629 8.19 42.69 10.27
C VAL A 629 8.56 42.33 8.84
N SER A 630 9.28 43.24 8.21
CA SER A 630 9.71 43.13 6.81
C SER A 630 8.56 43.26 5.82
N PHE A 631 7.38 43.68 6.28
CA PHE A 631 6.30 43.97 5.36
C PHE A 631 6.69 45.11 4.43
N LEU A 632 6.19 45.04 3.20
CA LEU A 632 6.46 46.07 2.20
C LEU A 632 5.44 47.19 2.23
N ASN A 633 4.41 47.08 3.07
CA ASN A 633 3.34 48.05 3.12
C ASN A 633 2.63 47.90 4.46
N GLU A 634 2.69 48.95 5.30
CA GLU A 634 2.15 48.82 6.65
C GLU A 634 0.63 48.71 6.62
N ASP A 635 -0.05 49.48 5.77
CA ASP A 635 -1.49 49.30 5.71
C ASP A 635 -1.85 48.16 4.76
N PRO A 636 -2.69 47.23 5.16
CA PRO A 636 -2.92 46.03 4.34
C PRO A 636 -3.87 46.25 3.18
N GLY A 637 -4.23 45.17 2.51
CA GLY A 637 -5.30 45.18 1.55
C GLY A 637 -4.90 45.77 0.21
N PRO A 638 -5.70 45.48 -0.82
CA PRO A 638 -5.40 45.98 -2.16
C PRO A 638 -5.84 47.42 -2.32
N ILE A 639 -4.88 48.33 -2.45
CA ILE A 639 -5.18 49.73 -2.69
C ILE A 639 -3.93 50.46 -3.18
N ARG B 1 26.64 -48.16 44.96
CA ARG B 1 25.39 -47.71 45.56
C ARG B 1 25.54 -46.35 46.21
N LEU B 2 26.78 -45.97 46.50
CA LEU B 2 27.04 -44.64 47.03
C LEU B 2 27.01 -43.59 45.92
N LYS B 3 27.48 -43.97 44.73
CA LYS B 3 27.58 -43.02 43.63
C LYS B 3 26.22 -42.42 43.29
N LYS B 4 25.15 -43.18 43.47
CA LYS B 4 23.82 -42.65 43.18
C LYS B 4 23.46 -41.53 44.15
N ARG B 5 23.88 -41.66 45.41
CA ARG B 5 23.66 -40.59 46.38
C ARG B 5 24.53 -39.38 46.05
N ILE B 6 25.72 -39.61 45.48
CA ILE B 6 26.56 -38.50 45.07
C ILE B 6 25.91 -37.73 43.92
N PHE B 7 25.46 -38.46 42.90
CA PHE B 7 24.85 -37.81 41.74
C PHE B 7 23.60 -37.03 42.14
N ALA B 8 22.77 -37.61 43.00
CA ALA B 8 21.61 -36.88 43.49
C ALA B 8 22.03 -35.62 44.23
N ALA B 9 23.00 -35.74 45.14
CA ALA B 9 23.39 -34.59 45.96
C ALA B 9 23.99 -33.48 45.11
N VAL B 10 24.67 -33.83 44.03
CA VAL B 10 25.29 -32.82 43.18
C VAL B 10 24.28 -32.22 42.22
N SER B 11 23.21 -32.96 41.92
CA SER B 11 22.16 -32.41 41.08
C SER B 11 21.29 -31.44 41.86
N GLU B 12 20.99 -31.74 43.13
CA GLU B 12 20.13 -30.86 43.91
C GLU B 12 20.85 -29.57 44.29
N GLY B 13 22.12 -29.66 44.62
CA GLY B 13 22.91 -28.51 44.99
C GLY B 13 23.19 -28.35 46.47
N CYS B 14 23.16 -29.43 47.24
CA CYS B 14 23.39 -29.37 48.69
C CYS B 14 24.89 -29.40 48.93
N VAL B 15 25.42 -28.28 49.45
CA VAL B 15 26.86 -28.13 49.56
C VAL B 15 27.41 -29.00 50.69
N GLU B 16 26.82 -28.86 51.89
CA GLU B 16 27.32 -29.58 53.05
C GLU B 16 27.21 -31.08 52.84
N GLU B 17 26.06 -31.55 52.34
CA GLU B 17 25.91 -32.96 52.04
C GLU B 17 27.02 -33.45 51.13
N LEU B 18 27.40 -32.64 50.13
CA LEU B 18 28.48 -33.03 49.24
C LEU B 18 29.78 -33.18 50.01
N ARG B 19 30.09 -32.23 50.90
CA ARG B 19 31.30 -32.33 51.70
C ARG B 19 31.34 -33.63 52.49
N GLU B 20 30.22 -33.99 53.13
CA GLU B 20 30.20 -35.19 53.95
C GLU B 20 30.33 -36.45 53.10
N LEU B 21 29.67 -36.51 51.95
CA LEU B 21 29.77 -37.69 51.10
C LEU B 21 31.19 -37.86 50.56
N LEU B 22 31.84 -36.76 50.19
CA LEU B 22 33.21 -36.86 49.72
C LEU B 22 34.16 -37.30 50.82
N GLN B 23 33.90 -36.84 52.05
CA GLN B 23 34.71 -37.30 53.18
C GLN B 23 34.51 -38.79 53.42
N ASP B 24 33.25 -39.24 53.44
CA ASP B 24 32.98 -40.67 53.57
C ASP B 24 33.66 -41.46 52.47
N LEU B 25 33.74 -40.90 51.26
CA LEU B 25 34.35 -41.61 50.16
C LEU B 25 35.86 -41.69 50.33
N GLN B 26 36.49 -40.61 50.81
CA GLN B 26 37.92 -40.64 51.09
C GLN B 26 38.24 -41.64 52.20
N ASP B 27 37.34 -41.79 53.17
CA ASP B 27 37.50 -42.82 54.18
C ASP B 27 37.39 -44.21 53.56
N LEU B 28 36.48 -44.37 52.60
CA LEU B 28 36.41 -45.63 51.86
C LEU B 28 37.71 -45.90 51.12
N CYS B 29 38.38 -44.84 50.65
CA CYS B 29 39.70 -45.03 50.06
C CYS B 29 40.71 -45.51 51.09
N ARG B 30 40.64 -44.95 52.31
CA ARG B 30 41.57 -45.36 53.35
C ARG B 30 41.34 -46.80 53.76
N ARG B 31 40.11 -47.12 54.21
CA ARG B 31 39.83 -48.41 54.81
C ARG B 31 39.66 -49.50 53.74
N ARG B 32 40.64 -49.62 52.85
CA ARG B 32 40.64 -50.64 51.81
C ARG B 32 42.00 -50.66 51.12
N ARG B 33 42.50 -51.85 50.80
CA ARG B 33 43.74 -51.93 50.02
C ARG B 33 43.45 -51.73 48.54
N GLY B 34 42.65 -52.60 47.95
CA GLY B 34 42.24 -52.41 46.57
C GLY B 34 43.41 -52.51 45.62
N LEU B 35 43.25 -51.90 44.44
CA LEU B 35 44.30 -51.95 43.42
C LEU B 35 44.90 -50.57 43.17
N ASP B 36 44.07 -49.56 42.95
CA ASP B 36 44.56 -48.22 42.65
C ASP B 36 43.53 -47.22 43.21
N VAL B 37 43.94 -46.48 44.24
CA VAL B 37 42.99 -45.58 44.91
C VAL B 37 42.48 -44.49 43.99
N PRO B 38 43.31 -43.71 43.30
CA PRO B 38 42.74 -42.72 42.37
C PRO B 38 41.95 -43.34 41.23
N ASP B 39 42.39 -44.48 40.70
CA ASP B 39 41.64 -45.14 39.63
C ASP B 39 40.28 -45.62 40.12
N PHE B 40 40.25 -46.35 41.23
CA PHE B 40 38.99 -46.81 41.79
C PHE B 40 38.08 -45.64 42.11
N LEU B 41 38.64 -44.54 42.60
CA LEU B 41 37.85 -43.36 42.90
C LEU B 41 37.26 -42.76 41.64
N MET B 42 38.07 -42.66 40.58
CA MET B 42 37.57 -42.19 39.30
C MET B 42 36.43 -43.07 38.82
N HIS B 43 36.49 -44.38 39.11
CA HIS B 43 35.39 -45.26 38.76
C HIS B 43 34.16 -44.98 39.60
N LYS B 44 34.34 -44.52 40.85
CA LYS B 44 33.18 -44.23 41.70
C LYS B 44 32.46 -42.98 41.21
N LEU B 45 33.21 -41.94 40.84
CA LEU B 45 32.58 -40.69 40.43
C LEU B 45 32.03 -40.76 39.02
N THR B 46 32.33 -41.81 38.28
CA THR B 46 31.90 -41.92 36.90
C THR B 46 30.72 -42.88 36.76
N ALA B 47 29.70 -42.46 36.02
CA ALA B 47 28.59 -43.31 35.66
C ALA B 47 28.94 -44.08 34.38
N SER B 48 29.51 -45.27 34.58
CA SER B 48 30.13 -46.04 33.51
C SER B 48 29.21 -46.29 32.32
N ASP B 49 27.90 -46.31 32.55
CA ASP B 49 26.97 -46.62 31.47
C ASP B 49 26.99 -45.54 30.39
N THR B 50 27.05 -44.27 30.79
CA THR B 50 27.10 -43.17 29.85
C THR B 50 28.43 -42.44 29.82
N GLY B 51 29.32 -42.72 30.76
CA GLY B 51 30.53 -41.95 30.89
C GLY B 51 30.36 -40.63 31.60
N LYS B 52 29.15 -40.27 31.98
CA LYS B 52 28.90 -38.99 32.63
C LYS B 52 29.48 -38.99 34.03
N THR B 53 30.37 -38.04 34.29
CA THR B 53 30.99 -37.92 35.60
C THR B 53 30.16 -36.99 36.49
N CYS B 54 30.58 -36.88 37.75
CA CYS B 54 29.88 -36.02 38.69
C CYS B 54 29.99 -34.55 38.32
N LEU B 55 31.10 -34.15 37.68
CA LEU B 55 31.26 -32.75 37.31
C LEU B 55 30.32 -32.35 36.19
N MET B 56 30.18 -33.22 35.18
CA MET B 56 29.26 -32.93 34.09
C MET B 56 27.82 -32.86 34.58
N LYS B 57 27.45 -33.75 35.51
CA LYS B 57 26.13 -33.66 36.10
C LYS B 57 25.97 -32.41 36.95
N ALA B 58 27.07 -31.94 37.54
CA ALA B 58 27.01 -30.70 38.29
C ALA B 58 26.74 -29.50 37.39
N LEU B 59 27.20 -29.57 36.14
CA LEU B 59 27.08 -28.45 35.22
C LEU B 59 25.82 -28.49 34.39
N LEU B 60 25.26 -29.68 34.14
CA LEU B 60 23.99 -29.77 33.43
C LEU B 60 22.86 -29.13 34.24
N ASN B 61 22.94 -29.20 35.56
CA ASN B 61 21.95 -28.61 36.46
C ASN B 61 22.55 -27.37 37.08
N ILE B 62 21.86 -26.23 36.98
CA ILE B 62 22.54 -24.96 37.23
C ILE B 62 22.61 -24.57 38.70
N ASN B 63 21.65 -25.03 39.55
CA ASN B 63 21.87 -25.11 40.99
C ASN B 63 22.54 -23.88 41.59
N PRO B 64 21.80 -22.78 41.86
CA PRO B 64 22.44 -21.49 42.16
C PRO B 64 23.69 -21.52 43.03
N ASN B 65 23.89 -22.59 43.79
CA ASN B 65 25.14 -22.84 44.50
C ASN B 65 26.08 -23.79 43.77
N THR B 66 26.14 -23.72 42.44
CA THR B 66 26.88 -24.73 41.68
C THR B 66 28.36 -24.39 41.56
N LYS B 67 28.72 -23.11 41.64
CA LYS B 67 30.13 -22.75 41.52
C LYS B 67 30.94 -23.34 42.67
N GLU B 68 30.39 -23.29 43.88
CA GLU B 68 31.02 -23.97 45.02
C GLU B 68 31.16 -25.46 44.76
N ILE B 69 30.13 -26.07 44.16
CA ILE B 69 30.16 -27.50 43.89
C ILE B 69 31.32 -27.85 42.96
N VAL B 70 31.51 -27.04 41.92
CA VAL B 70 32.63 -27.29 41.01
C VAL B 70 33.95 -27.13 41.75
N ARG B 71 34.07 -26.09 42.60
CA ARG B 71 35.30 -25.89 43.36
C ARG B 71 35.59 -27.07 44.27
N ILE B 72 34.57 -27.55 45.00
CA ILE B 72 34.76 -28.66 45.91
C ILE B 72 35.18 -29.92 45.16
N LEU B 73 34.56 -30.17 44.01
CA LEU B 73 34.85 -31.38 43.25
C LEU B 73 36.27 -31.32 42.67
N LEU B 74 36.68 -30.14 42.20
CA LEU B 74 38.04 -29.99 41.70
C LEU B 74 39.05 -30.11 42.83
N ALA B 75 38.74 -29.57 44.01
CA ALA B 75 39.63 -29.70 45.14
C ALA B 75 39.78 -31.16 45.56
N PHE B 76 38.70 -31.92 45.52
CA PHE B 76 38.79 -33.34 45.84
C PHE B 76 39.64 -34.08 44.82
N ALA B 77 39.43 -33.80 43.54
CA ALA B 77 40.23 -34.43 42.49
C ALA B 77 41.71 -34.08 42.65
N GLU B 78 42.00 -32.89 43.17
CA GLU B 78 43.39 -32.51 43.42
C GLU B 78 43.96 -33.25 44.62
N GLU B 79 43.15 -33.45 45.66
CA GLU B 79 43.60 -34.23 46.80
C GLU B 79 44.03 -35.62 46.38
N ASN B 80 43.21 -36.30 45.59
CA ASN B 80 43.50 -37.65 45.14
C ASN B 80 44.31 -37.69 43.85
N ASP B 81 44.75 -36.52 43.37
CA ASP B 81 45.73 -36.37 42.29
C ASP B 81 45.16 -36.64 40.90
N ILE B 82 43.89 -37.06 40.80
CA ILE B 82 43.30 -37.24 39.48
C ILE B 82 42.56 -35.99 39.05
N LEU B 83 43.29 -35.03 38.47
CA LEU B 83 42.62 -33.84 37.95
C LEU B 83 42.50 -33.90 36.44
N ASP B 84 43.55 -34.35 35.76
CA ASP B 84 43.46 -34.48 34.31
C ASP B 84 42.57 -35.65 33.92
N ARG B 85 42.74 -36.79 34.58
CA ARG B 85 41.89 -37.94 34.30
C ARG B 85 40.43 -37.64 34.60
N PHE B 86 40.18 -36.68 35.48
CA PHE B 86 38.81 -36.35 35.86
C PHE B 86 38.22 -35.28 34.94
N ILE B 87 38.87 -34.13 34.86
CA ILE B 87 38.31 -32.98 34.16
C ILE B 87 38.34 -33.16 32.64
N ASN B 88 39.03 -34.18 32.13
CA ASN B 88 39.10 -34.46 30.71
C ASN B 88 38.43 -35.78 30.38
N ALA B 89 37.27 -36.03 30.99
CA ALA B 89 36.48 -37.20 30.69
C ALA B 89 35.40 -36.84 29.68
N GLU B 90 34.97 -37.83 28.93
CA GLU B 90 34.02 -37.64 27.84
C GLU B 90 32.86 -38.61 28.00
N TYR B 91 31.88 -38.48 27.11
CA TYR B 91 30.86 -39.49 26.96
C TYR B 91 31.38 -40.64 26.10
N THR B 92 30.68 -41.76 26.13
CA THR B 92 31.16 -42.95 25.43
C THR B 92 30.00 -43.69 24.77
N GLU B 93 28.95 -42.97 24.41
CA GLU B 93 27.84 -43.55 23.65
C GLU B 93 27.72 -42.83 22.32
N GLU B 94 27.11 -43.50 21.34
CA GLU B 94 27.04 -42.97 19.99
C GLU B 94 26.36 -41.61 19.95
N ALA B 95 25.56 -41.30 20.97
CA ALA B 95 24.76 -40.08 20.93
C ALA B 95 25.61 -38.84 21.19
N TYR B 96 26.45 -38.87 22.21
CA TYR B 96 27.18 -37.66 22.63
C TYR B 96 28.67 -37.93 22.76
N GLU B 97 29.20 -38.83 21.93
CA GLU B 97 30.61 -39.20 22.05
C GLU B 97 31.52 -38.00 21.87
N GLY B 98 32.19 -37.58 22.94
CA GLY B 98 33.15 -36.50 22.89
C GLY B 98 32.83 -35.33 23.80
N GLN B 99 31.58 -35.18 24.21
CA GLN B 99 31.19 -34.02 25.01
C GLN B 99 31.92 -34.04 26.34
N THR B 100 32.65 -32.97 26.63
CA THR B 100 33.38 -32.84 27.88
C THR B 100 32.75 -31.74 28.74
N ALA B 101 33.30 -31.57 29.94
CA ALA B 101 32.73 -30.61 30.88
C ALA B 101 32.89 -29.18 30.38
N LEU B 102 33.94 -28.90 29.62
CA LEU B 102 34.10 -27.56 29.06
C LEU B 102 32.99 -27.26 28.06
N ASN B 103 32.60 -28.26 27.29
CA ASN B 103 31.50 -28.11 26.34
C ASN B 103 30.18 -27.81 27.06
N ILE B 104 29.89 -28.49 28.15
CA ILE B 104 28.67 -28.22 28.90
C ILE B 104 28.71 -26.85 29.58
N ALA B 105 29.90 -26.39 29.99
CA ALA B 105 29.97 -25.08 30.60
C ALA B 105 29.86 -23.97 29.56
N ILE B 106 30.29 -24.22 28.33
CA ILE B 106 30.27 -23.16 27.33
C ILE B 106 28.87 -22.98 26.76
N GLU B 107 28.12 -24.05 26.56
CA GLU B 107 26.79 -23.88 26.00
C GLU B 107 25.75 -23.52 27.06
N ARG B 108 26.03 -23.77 28.34
CA ARG B 108 25.17 -23.27 29.40
C ARG B 108 25.41 -21.81 29.72
N ARG B 109 26.28 -21.14 28.95
CA ARG B 109 26.54 -19.72 29.10
C ARG B 109 27.12 -19.38 30.47
N GLN B 110 27.89 -20.30 31.04
CA GLN B 110 28.53 -20.07 32.34
C GLN B 110 29.91 -19.49 32.10
N GLY B 111 29.94 -18.16 31.96
CA GLY B 111 31.19 -17.46 31.68
C GLY B 111 32.18 -17.47 32.83
N ASP B 112 31.73 -17.86 34.02
CA ASP B 112 32.61 -17.93 35.19
C ASP B 112 33.24 -19.30 35.33
N ILE B 113 32.42 -20.34 35.39
CA ILE B 113 32.89 -21.70 35.63
C ILE B 113 33.76 -22.19 34.49
N THR B 114 33.62 -21.59 33.31
CA THR B 114 34.45 -21.99 32.18
C THR B 114 35.89 -21.54 32.35
N ALA B 115 36.12 -20.37 32.95
CA ALA B 115 37.47 -19.96 33.23
C ALA B 115 38.12 -20.85 34.28
N VAL B 116 37.34 -21.27 35.28
CA VAL B 116 37.85 -22.17 36.30
C VAL B 116 38.13 -23.55 35.71
N LEU B 117 37.38 -23.95 34.67
CA LEU B 117 37.63 -25.24 34.04
C LEU B 117 38.82 -25.19 33.09
N ILE B 118 39.09 -24.03 32.50
CA ILE B 118 40.27 -23.90 31.64
C ILE B 118 41.53 -23.77 32.48
N ALA B 119 41.48 -22.94 33.53
CA ALA B 119 42.64 -22.75 34.38
C ALA B 119 42.98 -24.01 35.15
N ALA B 120 41.99 -24.86 35.42
CA ALA B 120 42.27 -26.16 36.03
C ALA B 120 42.81 -27.17 35.03
N GLY B 121 43.02 -26.76 33.79
CA GLY B 121 43.64 -27.64 32.80
C GLY B 121 42.68 -28.53 32.04
N ALA B 122 41.71 -27.93 31.38
CA ALA B 122 40.79 -28.67 30.53
C ALA B 122 41.46 -28.96 29.19
N ASP B 123 40.69 -29.43 28.22
CA ASP B 123 41.17 -29.66 26.86
C ASP B 123 40.38 -28.77 25.93
N VAL B 124 41.04 -27.76 25.36
CA VAL B 124 40.37 -26.77 24.53
C VAL B 124 40.18 -27.30 23.12
N ASN B 125 40.49 -28.58 22.93
CA ASN B 125 40.19 -29.29 21.68
C ASN B 125 39.34 -30.48 22.05
N ALA B 126 38.04 -30.24 22.19
CA ALA B 126 37.14 -31.28 22.68
C ALA B 126 36.73 -32.23 21.58
N HIS B 127 36.29 -31.68 20.45
CA HIS B 127 35.88 -32.45 19.28
C HIS B 127 34.75 -33.42 19.63
N ALA B 128 33.60 -32.82 19.96
CA ALA B 128 32.41 -33.57 20.33
C ALA B 128 31.85 -34.21 19.08
N LYS B 129 32.41 -35.38 18.73
CA LYS B 129 32.06 -36.05 17.48
C LYS B 129 30.58 -36.42 17.47
N GLY B 130 30.20 -37.38 18.29
CA GLY B 130 28.79 -37.71 18.50
C GLY B 130 27.99 -38.01 17.26
N VAL B 131 26.68 -38.16 17.45
CA VAL B 131 25.71 -38.13 16.37
C VAL B 131 24.58 -37.15 16.64
N PHE B 132 24.57 -36.53 17.82
CA PHE B 132 23.73 -35.39 18.09
C PHE B 132 24.42 -34.08 17.75
N PHE B 133 25.75 -34.01 17.90
CA PHE B 133 26.53 -32.87 17.47
C PHE B 133 26.98 -32.97 16.02
N ASN B 134 26.39 -33.88 15.27
CA ASN B 134 26.75 -34.11 13.88
C ASN B 134 25.60 -34.85 13.22
N PRO B 135 24.42 -34.26 13.16
CA PRO B 135 23.21 -35.04 12.91
C PRO B 135 23.02 -35.32 11.42
N LYS B 136 21.90 -35.99 11.12
CA LYS B 136 21.50 -36.28 9.76
C LYS B 136 20.50 -35.25 9.24
N TYR B 137 19.38 -35.11 9.92
CA TYR B 137 18.39 -34.10 9.57
C TYR B 137 18.64 -32.84 10.40
N GLN B 138 17.87 -31.80 10.13
CA GLN B 138 18.13 -30.52 10.78
C GLN B 138 17.73 -30.53 12.24
N HIS B 139 16.51 -30.93 12.55
CA HIS B 139 16.12 -31.01 13.95
C HIS B 139 16.75 -32.22 14.60
N GLU B 140 16.65 -32.28 15.93
CA GLU B 140 17.23 -33.35 16.73
C GLU B 140 18.75 -33.41 16.52
N GLY B 141 19.39 -32.27 16.75
CA GLY B 141 20.83 -32.13 16.60
C GLY B 141 21.17 -30.69 16.30
N PHE B 142 22.40 -30.31 16.63
CA PHE B 142 22.83 -28.92 16.50
C PHE B 142 23.90 -28.72 15.44
N TYR B 143 25.01 -29.44 15.50
CA TYR B 143 26.19 -29.19 14.65
C TYR B 143 26.67 -27.74 14.77
N PHE B 144 27.23 -27.47 15.94
CA PHE B 144 27.88 -26.17 16.15
C PHE B 144 29.23 -26.09 15.46
N GLY B 145 29.95 -27.20 15.31
CA GLY B 145 31.26 -27.17 14.72
C GLY B 145 32.24 -28.15 15.33
N GLU B 146 31.84 -28.82 16.40
CA GLU B 146 32.63 -29.85 17.07
C GLU B 146 33.92 -29.29 17.68
N THR B 147 33.78 -28.22 18.45
CA THR B 147 34.93 -27.57 19.09
C THR B 147 34.44 -26.52 20.07
N PRO B 148 35.04 -26.41 21.25
CA PRO B 148 34.60 -25.37 22.20
C PRO B 148 34.68 -23.96 21.65
N LEU B 149 35.65 -23.67 20.79
CA LEU B 149 35.69 -22.35 20.18
C LEU B 149 34.56 -22.18 19.16
N ALA B 150 34.24 -23.25 18.43
CA ALA B 150 33.13 -23.17 17.50
C ALA B 150 31.80 -23.06 18.22
N LEU B 151 31.66 -23.72 19.36
CA LEU B 151 30.42 -23.62 20.11
C LEU B 151 30.27 -22.25 20.74
N ALA B 152 31.36 -21.72 21.30
CA ALA B 152 31.31 -20.38 21.89
C ALA B 152 31.04 -19.32 20.84
N ALA B 153 31.42 -19.56 19.59
CA ALA B 153 31.17 -18.60 18.53
C ALA B 153 29.81 -18.78 17.89
N CYS B 154 29.24 -19.99 17.91
CA CYS B 154 27.94 -20.24 17.30
C CYS B 154 26.79 -20.07 18.27
N THR B 155 27.06 -19.87 19.56
CA THR B 155 26.02 -19.54 20.52
C THR B 155 26.06 -18.08 20.94
N ASN B 156 26.80 -17.25 20.19
CA ASN B 156 26.78 -15.79 20.36
C ASN B 156 27.14 -15.38 21.79
N GLN B 157 28.38 -15.68 22.15
CA GLN B 157 28.95 -15.21 23.41
C GLN B 157 30.41 -14.86 23.18
N PRO B 158 30.70 -13.59 22.86
CA PRO B 158 32.06 -13.23 22.48
C PRO B 158 33.03 -13.21 23.63
N GLU B 159 32.57 -13.05 24.86
CA GLU B 159 33.50 -13.02 25.98
C GLU B 159 34.26 -14.34 26.11
N ILE B 160 33.55 -15.46 26.02
CA ILE B 160 34.21 -16.76 26.05
C ILE B 160 35.04 -16.99 24.80
N VAL B 161 34.64 -16.42 23.66
CA VAL B 161 35.45 -16.55 22.45
C VAL B 161 36.79 -15.85 22.64
N GLN B 162 36.77 -14.63 23.19
CA GLN B 162 38.01 -13.93 23.46
C GLN B 162 38.87 -14.70 24.47
N LEU B 163 38.23 -15.30 25.47
CA LEU B 163 38.97 -16.10 26.44
C LEU B 163 39.62 -17.30 25.79
N LEU B 164 38.95 -17.93 24.83
CA LEU B 164 39.53 -19.07 24.13
C LEU B 164 40.59 -18.62 23.13
N MET B 165 40.36 -17.52 22.44
CA MET B 165 41.24 -17.08 21.37
C MET B 165 42.64 -16.77 21.90
N GLU B 166 42.72 -15.83 22.84
CA GLU B 166 44.02 -15.40 23.38
C GLU B 166 44.57 -16.43 24.36
N ASN B 167 44.76 -17.63 23.84
CA ASN B 167 45.33 -18.75 24.59
C ASN B 167 46.38 -19.42 23.72
N GLU B 168 47.44 -19.90 24.36
CA GLU B 168 48.51 -20.54 23.60
C GLU B 168 48.21 -21.99 23.29
N GLN B 169 47.27 -22.61 24.01
CA GLN B 169 46.97 -24.03 23.83
C GLN B 169 45.87 -24.27 22.82
N THR B 170 45.01 -23.30 22.57
CA THR B 170 43.91 -23.48 21.63
C THR B 170 44.43 -23.65 20.21
N ASP B 171 43.79 -24.53 19.46
CA ASP B 171 44.17 -24.82 18.08
C ASP B 171 43.13 -24.17 17.18
N ILE B 172 43.47 -22.99 16.65
CA ILE B 172 42.49 -22.18 15.94
C ILE B 172 42.11 -22.77 14.60
N THR B 173 42.94 -23.64 14.02
CA THR B 173 42.69 -24.16 12.69
C THR B 173 42.55 -25.68 12.68
N SER B 174 41.76 -26.23 13.60
CA SER B 174 41.60 -27.67 13.73
C SER B 174 40.31 -28.10 13.05
N GLN B 175 40.44 -28.80 11.92
CA GLN B 175 39.28 -29.22 11.16
C GLN B 175 38.61 -30.41 11.82
N ASP B 176 37.28 -30.40 11.82
CA ASP B 176 36.50 -31.44 12.47
C ASP B 176 36.28 -32.60 11.50
N SER B 177 35.35 -33.50 11.82
CA SER B 177 35.12 -34.71 11.04
C SER B 177 34.38 -34.44 9.73
N ARG B 178 33.91 -33.23 9.49
CA ARG B 178 33.35 -32.87 8.21
C ARG B 178 34.35 -32.16 7.31
N GLY B 179 35.53 -31.83 7.84
CA GLY B 179 36.46 -30.96 7.16
C GLY B 179 36.34 -29.51 7.51
N ASN B 180 35.27 -29.12 8.21
CA ASN B 180 35.00 -27.73 8.52
C ASN B 180 35.92 -27.24 9.63
N ASN B 181 36.65 -26.16 9.37
CA ASN B 181 37.32 -25.45 10.45
C ASN B 181 36.32 -24.51 11.10
N ILE B 182 36.79 -23.56 11.89
CA ILE B 182 35.86 -22.65 12.57
C ILE B 182 35.05 -21.84 11.58
N LEU B 183 35.66 -21.42 10.48
CA LEU B 183 34.98 -20.52 9.55
C LEU B 183 33.95 -21.23 8.67
N HIS B 184 34.19 -22.48 8.27
CA HIS B 184 33.14 -23.22 7.58
C HIS B 184 31.93 -23.43 8.49
N ALA B 185 32.18 -23.64 9.78
CA ALA B 185 31.07 -23.80 10.71
C ALA B 185 30.27 -22.53 10.85
N LEU B 186 30.94 -21.38 10.91
CA LEU B 186 30.21 -20.13 11.02
C LEU B 186 29.39 -19.82 9.78
N VAL B 187 29.91 -20.09 8.58
CA VAL B 187 29.09 -19.90 7.38
C VAL B 187 28.10 -21.02 7.20
N THR B 188 28.15 -22.07 8.03
CA THR B 188 27.14 -23.12 7.97
C THR B 188 25.92 -22.75 8.79
N VAL B 189 26.10 -22.17 9.99
CA VAL B 189 24.98 -21.83 10.85
C VAL B 189 24.37 -20.47 10.53
N ALA B 190 24.95 -19.72 9.61
CA ALA B 190 24.50 -18.35 9.39
C ALA B 190 23.11 -18.31 8.80
N GLU B 191 22.27 -17.41 9.30
CA GLU B 191 20.94 -17.17 8.74
C GLU B 191 20.76 -15.69 8.45
N ASP B 192 19.55 -15.29 8.09
CA ASP B 192 19.29 -13.92 7.66
C ASP B 192 18.99 -13.02 8.85
N PHE B 193 18.95 -11.72 8.58
CA PHE B 193 18.85 -10.73 9.63
C PHE B 193 17.55 -10.83 10.41
N LYS B 194 16.48 -11.32 9.78
CA LYS B 194 15.21 -11.37 10.48
C LYS B 194 15.11 -12.59 11.40
N THR B 195 15.82 -13.67 11.09
CA THR B 195 15.81 -14.85 11.96
C THR B 195 16.77 -14.65 13.13
N GLN B 196 18.06 -14.55 12.84
CA GLN B 196 19.05 -14.18 13.83
C GLN B 196 19.61 -12.81 13.50
N ASN B 197 20.34 -12.24 14.45
CA ASN B 197 20.96 -10.95 14.20
C ASN B 197 22.18 -11.14 13.33
N ASP B 198 23.04 -10.13 13.23
CA ASP B 198 24.27 -10.25 12.48
C ASP B 198 25.44 -10.72 13.33
N PHE B 199 25.20 -11.51 14.37
CA PHE B 199 26.28 -11.86 15.28
C PHE B 199 27.26 -12.82 14.63
N VAL B 200 26.83 -13.58 13.62
CA VAL B 200 27.73 -14.53 12.98
C VAL B 200 28.72 -13.80 12.08
N LYS B 201 28.30 -12.72 11.45
CA LYS B 201 29.24 -11.91 10.68
C LYS B 201 30.25 -11.23 11.58
N ARG B 202 29.81 -10.71 12.72
CA ARG B 202 30.73 -10.07 13.66
C ARG B 202 31.71 -11.07 14.24
N MET B 203 31.24 -12.27 14.59
CA MET B 203 32.14 -13.29 15.08
C MET B 203 33.06 -13.81 13.99
N TYR B 204 32.63 -13.75 12.72
CA TYR B 204 33.49 -14.16 11.62
C TYR B 204 34.71 -13.25 11.52
N ASP B 205 34.49 -11.94 11.51
CA ASP B 205 35.65 -11.05 11.41
C ASP B 205 36.43 -11.01 12.71
N MET B 206 35.79 -11.23 13.85
CA MET B 206 36.53 -11.29 15.10
C MET B 206 37.55 -12.42 15.08
N ILE B 207 37.11 -13.62 14.73
CA ILE B 207 38.03 -14.76 14.70
C ILE B 207 39.07 -14.60 13.61
N LEU B 208 38.66 -14.11 12.43
CA LEU B 208 39.60 -13.96 11.33
C LEU B 208 40.68 -12.95 11.67
N LEU B 209 40.28 -11.74 12.07
CA LEU B 209 41.26 -10.70 12.36
C LEU B 209 42.13 -11.06 13.54
N ARG B 210 41.55 -11.68 14.57
CA ARG B 210 42.33 -11.98 15.76
C ARG B 210 43.32 -13.11 15.55
N SER B 211 43.09 -14.00 14.58
CA SER B 211 44.18 -14.89 14.21
C SER B 211 45.12 -14.20 13.23
N GLY B 212 44.63 -13.91 12.03
CA GLY B 212 45.28 -13.01 11.10
C GLY B 212 46.15 -13.77 10.13
N ASN B 213 45.60 -14.13 8.98
CA ASN B 213 46.28 -14.91 7.96
C ASN B 213 45.30 -15.16 6.83
N TRP B 214 45.80 -15.72 5.74
CA TRP B 214 44.95 -16.30 4.73
C TRP B 214 44.82 -17.82 4.89
N GLU B 215 45.53 -18.40 5.86
CA GLU B 215 45.53 -19.85 6.01
C GLU B 215 44.16 -20.36 6.43
N LEU B 216 43.43 -19.56 7.20
CA LEU B 216 42.14 -20.01 7.71
C LEU B 216 41.04 -19.87 6.67
N GLU B 217 41.22 -19.02 5.68
CA GLU B 217 40.20 -18.77 4.68
C GLU B 217 40.56 -19.35 3.31
N THR B 218 41.55 -20.23 3.25
CA THR B 218 41.81 -21.03 2.05
C THR B 218 41.83 -22.52 2.35
N MET B 219 41.50 -22.92 3.57
CA MET B 219 41.41 -24.33 3.89
C MET B 219 40.28 -24.96 3.10
N ARG B 220 40.44 -26.24 2.79
CA ARG B 220 39.51 -26.95 1.92
C ARG B 220 38.63 -27.86 2.76
N ASN B 221 37.34 -27.69 2.62
CA ASN B 221 36.36 -28.60 3.18
C ASN B 221 36.61 -30.01 2.65
N ASN B 222 35.92 -30.99 3.24
CA ASN B 222 35.99 -32.34 2.68
C ASN B 222 35.32 -32.44 1.32
N ASP B 223 34.66 -31.39 0.87
CA ASP B 223 34.11 -31.31 -0.48
C ASP B 223 34.93 -30.40 -1.37
N GLY B 224 36.10 -29.97 -0.92
CA GLY B 224 36.89 -29.04 -1.69
C GLY B 224 36.27 -27.67 -1.77
N LEU B 225 35.75 -27.15 -0.65
CA LEU B 225 35.05 -25.87 -0.64
C LEU B 225 35.71 -24.95 0.37
N THR B 226 36.32 -23.88 -0.12
CA THR B 226 36.79 -22.79 0.71
C THR B 226 35.59 -22.22 1.51
N PRO B 227 35.82 -21.66 2.69
CA PRO B 227 34.70 -21.06 3.44
C PRO B 227 33.96 -19.97 2.68
N LEU B 228 34.46 -19.53 1.53
CA LEU B 228 33.72 -18.60 0.68
C LEU B 228 32.79 -19.35 -0.27
N GLN B 229 33.30 -20.35 -0.98
CA GLN B 229 32.47 -21.15 -1.87
C GLN B 229 31.42 -21.93 -1.13
N LEU B 230 31.61 -22.21 0.16
CA LEU B 230 30.55 -22.78 0.95
C LEU B 230 29.42 -21.78 1.16
N ALA B 231 29.74 -20.54 1.48
CA ALA B 231 28.73 -19.50 1.61
C ALA B 231 27.98 -19.27 0.32
N ALA B 232 28.58 -19.54 -0.83
CA ALA B 232 27.88 -19.45 -2.10
C ALA B 232 27.11 -20.71 -2.46
N LYS B 233 27.58 -21.88 -2.01
CA LYS B 233 26.91 -23.12 -2.35
C LYS B 233 25.65 -23.35 -1.55
N MET B 234 25.54 -22.79 -0.34
CA MET B 234 24.30 -22.91 0.42
C MET B 234 23.54 -21.61 0.53
N GLY B 235 23.99 -20.57 -0.16
CA GLY B 235 23.20 -19.36 -0.31
C GLY B 235 23.10 -18.47 0.90
N LYS B 236 24.23 -18.20 1.56
CA LYS B 236 24.26 -17.29 2.70
C LYS B 236 24.58 -15.90 2.19
N ALA B 237 23.54 -15.21 1.73
CA ALA B 237 23.74 -13.93 1.05
C ALA B 237 24.35 -12.87 1.96
N GLU B 238 24.07 -12.93 3.26
CA GLU B 238 24.54 -11.88 4.15
C GLU B 238 26.02 -12.01 4.44
N ILE B 239 26.49 -13.21 4.79
CA ILE B 239 27.89 -13.38 5.16
C ILE B 239 28.72 -13.43 3.89
N LEU B 240 28.09 -13.72 2.76
CA LEU B 240 28.76 -13.63 1.46
C LEU B 240 28.95 -12.19 1.02
N LYS B 241 27.91 -11.35 1.17
CA LYS B 241 28.07 -9.93 0.92
C LYS B 241 29.18 -9.35 1.77
N TYR B 242 29.32 -9.83 3.00
CA TYR B 242 30.38 -9.32 3.87
C TYR B 242 31.75 -9.75 3.37
N ILE B 243 31.91 -11.00 2.94
CA ILE B 243 33.23 -11.48 2.54
C ILE B 243 33.69 -10.82 1.26
N LEU B 244 32.80 -10.66 0.28
CA LEU B 244 33.22 -10.21 -1.04
C LEU B 244 33.72 -8.77 -1.02
N SER B 245 33.20 -7.93 -0.14
CA SER B 245 33.64 -6.55 0.01
C SER B 245 34.00 -6.35 1.47
N ARG B 246 35.22 -6.74 1.82
CA ARG B 246 35.69 -6.73 3.20
C ARG B 246 36.97 -5.93 3.23
N GLU B 247 36.94 -4.76 3.85
CA GLU B 247 38.09 -3.87 3.89
C GLU B 247 38.56 -3.70 5.33
N ILE B 248 39.86 -3.90 5.54
CA ILE B 248 40.49 -3.72 6.84
C ILE B 248 41.36 -2.47 6.74
N LYS B 249 40.97 -1.42 7.45
CA LYS B 249 41.61 -0.12 7.33
C LYS B 249 42.76 0.07 8.31
N GLU B 250 43.40 -1.03 8.72
CA GLU B 250 44.53 -0.98 9.65
C GLU B 250 45.78 -1.43 8.94
N LYS B 251 46.90 -0.80 9.25
CA LYS B 251 48.13 -1.08 8.51
C LYS B 251 48.64 -2.51 8.64
N PRO B 252 48.65 -3.14 9.82
CA PRO B 252 49.17 -4.52 9.86
C PRO B 252 48.25 -5.54 9.21
N LEU B 253 46.94 -5.31 9.22
CA LEU B 253 45.97 -6.26 8.70
C LEU B 253 45.31 -5.77 7.42
N ARG B 254 45.90 -4.78 6.76
CA ARG B 254 45.38 -4.32 5.48
C ARG B 254 45.49 -5.42 4.42
N SER B 255 46.38 -6.37 4.63
CA SER B 255 46.69 -7.34 3.59
C SER B 255 45.55 -8.32 3.38
N LEU B 256 44.86 -8.71 4.44
CA LEU B 256 43.76 -9.66 4.31
C LEU B 256 42.40 -9.00 4.13
N SER B 257 42.30 -8.08 3.18
CA SER B 257 41.03 -7.51 2.77
C SER B 257 40.78 -7.83 1.31
N ARG B 258 39.55 -7.64 0.88
CA ARG B 258 39.16 -7.97 -0.48
C ARG B 258 38.62 -6.77 -1.24
N LYS B 259 38.88 -5.56 -0.77
CA LYS B 259 38.40 -4.36 -1.43
C LYS B 259 39.28 -3.20 -0.98
N PHE B 260 40.06 -2.65 -1.90
CA PHE B 260 41.03 -1.62 -1.59
C PHE B 260 40.63 -0.32 -2.27
N THR B 261 40.82 0.79 -1.59
CA THR B 261 40.51 2.09 -2.17
C THR B 261 41.77 2.68 -2.80
N ASP B 262 41.66 3.09 -4.07
CA ASP B 262 42.85 3.58 -4.77
C ASP B 262 43.13 5.05 -4.46
N TRP B 263 42.25 5.95 -4.88
CA TRP B 263 42.59 7.36 -4.77
C TRP B 263 41.62 8.17 -3.93
N ALA B 264 40.33 8.17 -4.22
CA ALA B 264 39.33 8.79 -3.35
C ALA B 264 39.69 10.25 -3.01
N TYR B 265 39.61 11.10 -4.03
CA TYR B 265 39.99 12.50 -3.81
C TYR B 265 39.03 13.24 -2.88
N GLY B 266 37.78 13.41 -3.30
CA GLY B 266 36.82 14.09 -2.47
C GLY B 266 35.68 13.16 -2.13
N PRO B 267 34.51 13.41 -2.71
CA PRO B 267 33.49 12.36 -2.72
C PRO B 267 33.86 11.20 -3.62
N VAL B 268 34.38 11.49 -4.82
CA VAL B 268 34.69 10.43 -5.76
C VAL B 268 35.75 9.51 -5.20
N SER B 269 35.61 8.21 -5.47
CA SER B 269 36.54 7.22 -4.95
C SER B 269 36.53 6.01 -5.87
N SER B 270 37.71 5.49 -6.17
CA SER B 270 37.86 4.35 -7.05
C SER B 270 38.37 3.18 -6.25
N SER B 271 37.47 2.29 -5.85
CA SER B 271 37.82 1.13 -5.06
C SER B 271 37.84 -0.09 -5.96
N LEU B 272 38.91 -0.87 -5.85
CA LEU B 272 39.09 -2.07 -6.67
C LEU B 272 38.86 -3.31 -5.81
N TYR B 273 38.07 -4.24 -6.35
CA TYR B 273 37.62 -5.43 -5.65
C TYR B 273 38.50 -6.60 -6.02
N ASP B 274 39.01 -7.31 -5.02
CA ASP B 274 39.77 -8.52 -5.28
C ASP B 274 38.90 -9.54 -5.99
N LEU B 275 39.42 -10.11 -7.06
CA LEU B 275 38.66 -10.97 -7.95
C LEU B 275 39.27 -12.36 -8.05
N THR B 276 40.04 -12.78 -7.06
CA THR B 276 40.82 -14.01 -7.19
C THR B 276 39.94 -15.21 -7.43
N ASN B 277 39.00 -15.48 -6.52
CA ASN B 277 38.24 -16.71 -6.58
C ASN B 277 36.76 -16.48 -6.81
N VAL B 278 36.38 -15.34 -7.38
CA VAL B 278 35.00 -15.04 -7.71
C VAL B 278 34.77 -14.91 -9.20
N ASP B 279 35.78 -15.18 -10.00
CA ASP B 279 35.67 -15.13 -11.44
C ASP B 279 35.93 -16.52 -12.00
N THR B 280 35.31 -16.82 -13.14
CA THR B 280 35.37 -18.17 -13.69
C THR B 280 36.70 -18.41 -14.40
N THR B 281 37.80 -18.19 -13.70
CA THR B 281 39.12 -18.54 -14.21
C THR B 281 39.52 -19.95 -13.81
N THR B 282 38.99 -20.44 -12.69
CA THR B 282 39.34 -21.75 -12.17
C THR B 282 38.12 -22.63 -11.98
N ASP B 283 38.29 -23.77 -11.33
CA ASP B 283 37.21 -24.71 -11.11
C ASP B 283 36.44 -24.31 -9.86
N ASN B 284 35.11 -24.35 -9.95
CA ASN B 284 34.22 -24.00 -8.84
C ASN B 284 34.52 -22.60 -8.31
N SER B 285 34.36 -21.62 -9.18
CA SER B 285 34.42 -20.22 -8.77
C SER B 285 33.11 -19.88 -8.07
N VAL B 286 32.92 -18.61 -7.74
CA VAL B 286 31.68 -18.21 -7.08
C VAL B 286 30.59 -17.87 -8.08
N LEU B 287 30.93 -17.35 -9.26
CA LEU B 287 29.92 -17.19 -10.30
C LEU B 287 29.34 -18.54 -10.70
N GLU B 288 30.19 -19.50 -11.01
CA GLU B 288 29.67 -20.79 -11.47
C GLU B 288 28.83 -21.45 -10.39
N ILE B 289 29.22 -21.32 -9.13
CA ILE B 289 28.48 -21.92 -8.03
C ILE B 289 27.15 -21.21 -7.81
N ILE B 290 27.11 -19.89 -7.93
CA ILE B 290 25.87 -19.17 -7.70
C ILE B 290 24.91 -19.34 -8.87
N VAL B 291 25.42 -19.31 -10.10
CA VAL B 291 24.54 -19.37 -11.27
C VAL B 291 24.01 -20.78 -11.47
N TYR B 292 24.87 -21.80 -11.33
CA TYR B 292 24.49 -23.17 -11.58
C TYR B 292 23.96 -23.87 -10.33
N ASN B 293 23.38 -23.12 -9.40
CA ASN B 293 22.91 -23.69 -8.14
C ASN B 293 21.41 -23.91 -8.24
N THR B 294 21.02 -25.05 -8.80
CA THR B 294 19.61 -25.41 -8.86
C THR B 294 19.18 -26.15 -7.59
N ASN B 295 19.51 -25.56 -6.45
CA ASN B 295 19.12 -26.12 -5.17
C ASN B 295 18.70 -25.06 -4.16
N ILE B 296 18.79 -23.78 -4.51
CA ILE B 296 18.42 -22.69 -3.63
C ILE B 296 17.60 -21.68 -4.42
N ASP B 297 16.90 -20.82 -3.69
CA ASP B 297 16.10 -19.77 -4.30
C ASP B 297 16.64 -18.37 -4.06
N ASN B 298 17.78 -18.25 -3.37
CA ASN B 298 18.39 -16.97 -3.06
C ASN B 298 19.31 -16.48 -4.17
N ARG B 299 19.19 -17.01 -5.38
CA ARG B 299 20.19 -16.74 -6.41
C ARG B 299 20.10 -15.31 -6.91
N HIS B 300 18.93 -14.92 -7.43
CA HIS B 300 18.80 -13.60 -8.05
C HIS B 300 19.01 -12.46 -7.07
N GLU B 301 19.05 -12.74 -5.77
CA GLU B 301 19.39 -11.75 -4.77
C GLU B 301 20.84 -11.84 -4.33
N MET B 302 21.58 -12.79 -4.87
CA MET B 302 23.01 -12.89 -4.64
C MET B 302 23.82 -12.43 -5.83
N LEU B 303 23.21 -12.29 -7.00
CA LEU B 303 23.91 -11.75 -8.16
C LEU B 303 23.94 -10.23 -8.17
N THR B 304 23.34 -9.57 -7.19
CA THR B 304 23.36 -8.12 -7.15
C THR B 304 24.49 -7.56 -6.30
N LEU B 305 25.28 -8.42 -5.66
CA LEU B 305 26.42 -7.96 -4.90
C LEU B 305 27.47 -7.40 -5.87
N GLU B 306 28.40 -6.61 -5.31
CA GLU B 306 29.14 -5.65 -6.10
C GLU B 306 30.07 -6.26 -7.16
N PRO B 307 30.98 -7.17 -6.80
CA PRO B 307 31.88 -7.71 -7.83
C PRO B 307 31.13 -8.52 -8.88
N LEU B 308 30.18 -9.36 -8.47
CA LEU B 308 29.46 -10.19 -9.42
C LEU B 308 28.57 -9.41 -10.37
N HIS B 309 28.00 -8.29 -9.92
CA HIS B 309 27.19 -7.48 -10.80
C HIS B 309 28.02 -6.84 -11.90
N THR B 310 29.10 -6.14 -11.53
CA THR B 310 29.93 -5.54 -12.55
C THR B 310 30.66 -6.57 -13.39
N LEU B 311 30.85 -7.78 -12.86
CA LEU B 311 31.50 -8.84 -13.61
C LEU B 311 30.61 -9.33 -14.74
N LEU B 312 29.35 -9.61 -14.43
CA LEU B 312 28.45 -10.10 -15.47
C LEU B 312 28.14 -9.04 -16.51
N HIS B 313 28.12 -7.77 -16.12
CA HIS B 313 27.92 -6.73 -17.13
C HIS B 313 29.12 -6.63 -18.06
N THR B 314 30.34 -6.68 -17.52
CA THR B 314 31.52 -6.63 -18.39
C THR B 314 31.54 -7.79 -19.36
N LYS B 315 31.06 -8.97 -18.95
CA LYS B 315 30.96 -10.07 -19.89
C LYS B 315 29.90 -9.81 -20.95
N TRP B 316 28.72 -9.33 -20.57
CA TRP B 316 27.77 -8.91 -21.60
C TRP B 316 28.10 -7.50 -22.05
N LYS B 317 29.38 -7.24 -22.27
CA LYS B 317 29.81 -6.11 -23.07
C LYS B 317 30.97 -6.45 -23.99
N LYS B 318 31.75 -7.47 -23.68
CA LYS B 318 32.91 -7.83 -24.48
C LYS B 318 32.62 -8.91 -25.50
N PHE B 319 32.09 -10.05 -25.08
CA PHE B 319 31.93 -11.15 -26.02
C PHE B 319 30.54 -11.78 -26.01
N ALA B 320 29.83 -11.70 -24.89
CA ALA B 320 28.59 -12.45 -24.79
C ALA B 320 27.47 -11.81 -25.60
N LYS B 321 27.46 -10.48 -25.71
CA LYS B 321 26.42 -9.82 -26.48
C LYS B 321 26.45 -10.25 -27.94
N TYR B 322 27.63 -10.33 -28.54
CA TYR B 322 27.78 -10.68 -29.94
C TYR B 322 27.63 -12.17 -30.21
N MET B 323 28.08 -13.03 -29.30
CA MET B 323 27.82 -14.45 -29.47
C MET B 323 26.34 -14.76 -29.34
N PHE B 324 25.61 -13.99 -28.53
CA PHE B 324 24.17 -14.18 -28.43
C PHE B 324 23.48 -13.78 -29.72
N PHE B 325 23.75 -12.58 -30.22
CA PHE B 325 23.15 -12.15 -31.47
C PHE B 325 23.52 -13.08 -32.61
N LEU B 326 24.76 -13.56 -32.63
CA LEU B 326 25.19 -14.48 -33.68
C LEU B 326 24.43 -15.80 -33.60
N SER B 327 24.22 -16.31 -32.39
CA SER B 327 23.43 -17.52 -32.22
C SER B 327 21.98 -17.31 -32.65
N PHE B 328 21.43 -16.13 -32.40
CA PHE B 328 20.06 -15.86 -32.83
C PHE B 328 19.93 -15.84 -34.34
N CYS B 329 20.90 -15.24 -35.04
CA CYS B 329 20.88 -15.26 -36.49
C CYS B 329 21.00 -16.68 -37.04
N PHE B 330 21.86 -17.51 -36.47
CA PHE B 330 21.95 -18.88 -36.94
C PHE B 330 20.68 -19.67 -36.74
N TYR B 331 20.01 -19.54 -35.59
CA TYR B 331 18.75 -20.22 -35.38
C TYR B 331 17.61 -19.65 -36.18
N PHE B 332 17.59 -18.34 -36.42
CA PHE B 332 16.55 -17.77 -37.27
C PHE B 332 16.64 -18.30 -38.69
N PHE B 333 17.85 -18.32 -39.25
CA PHE B 333 18.01 -18.84 -40.60
C PHE B 333 17.77 -20.34 -40.69
N TYR B 334 18.06 -21.09 -39.64
CA TYR B 334 17.71 -22.51 -39.62
C TYR B 334 16.21 -22.72 -39.59
N ASN B 335 15.47 -21.86 -38.88
CA ASN B 335 14.02 -21.97 -38.88
C ASN B 335 13.42 -21.61 -40.23
N ILE B 336 13.84 -20.50 -40.82
CA ILE B 336 13.31 -20.13 -42.13
C ILE B 336 13.61 -21.20 -43.16
N THR B 337 14.85 -21.67 -43.21
CA THR B 337 15.19 -22.72 -44.16
C THR B 337 14.41 -24.00 -43.88
N LEU B 338 13.99 -24.21 -42.64
CA LEU B 338 13.13 -25.36 -42.36
C LEU B 338 11.71 -25.14 -42.82
N THR B 339 11.22 -23.90 -42.76
CA THR B 339 9.83 -23.63 -43.10
C THR B 339 9.61 -23.27 -44.56
N LEU B 340 10.68 -23.12 -45.33
CA LEU B 340 10.53 -22.95 -46.78
C LEU B 340 10.72 -24.26 -47.54
N VAL B 341 11.49 -25.20 -47.02
CA VAL B 341 11.62 -26.52 -47.62
C VAL B 341 10.53 -27.45 -47.12
N SER B 342 9.60 -26.95 -46.31
CA SER B 342 8.47 -27.71 -45.84
C SER B 342 7.13 -27.16 -46.29
N TYR B 343 7.06 -25.88 -46.62
CA TYR B 343 5.85 -25.29 -47.16
C TYR B 343 5.85 -25.30 -48.69
N TYR B 344 7.02 -25.36 -49.31
CA TYR B 344 7.17 -25.43 -50.76
C TYR B 344 7.55 -26.84 -51.20
N ARG B 345 7.00 -27.86 -50.56
CA ARG B 345 7.24 -29.24 -50.94
C ARG B 345 6.93 -29.47 -52.41
N PRO B 346 7.49 -30.49 -53.04
CA PRO B 346 7.06 -30.88 -54.39
C PRO B 346 5.76 -31.68 -54.29
N ARG B 347 4.73 -31.19 -54.98
CA ARG B 347 3.40 -31.80 -54.96
C ARG B 347 2.87 -31.98 -53.54
N LEU B 365 20.11 -25.71 -58.03
CA LEU B 365 21.09 -25.01 -57.20
C LEU B 365 20.36 -24.16 -56.17
N GLN B 366 21.07 -23.80 -55.10
CA GLN B 366 20.51 -23.06 -53.97
C GLN B 366 19.33 -23.80 -53.35
N LEU B 367 19.36 -25.13 -53.40
CA LEU B 367 18.50 -25.98 -52.60
C LEU B 367 19.32 -26.87 -51.68
N LEU B 368 20.54 -26.46 -51.34
CA LEU B 368 21.30 -27.14 -50.30
C LEU B 368 20.72 -26.89 -48.92
N GLY B 369 19.66 -26.07 -48.82
CA GLY B 369 19.02 -25.80 -47.56
C GLY B 369 18.50 -27.03 -46.85
N ARG B 370 18.16 -28.07 -47.61
CA ARG B 370 17.67 -29.30 -46.99
C ARG B 370 18.77 -29.99 -46.19
N MET B 371 19.97 -30.09 -46.78
CA MET B 371 21.07 -30.71 -46.05
C MET B 371 21.62 -29.77 -44.98
N PHE B 372 21.46 -28.45 -45.17
CA PHE B 372 21.80 -27.52 -44.10
C PHE B 372 20.92 -27.76 -42.89
N VAL B 373 19.62 -27.89 -43.10
CA VAL B 373 18.70 -28.15 -41.99
C VAL B 373 19.06 -29.45 -41.29
N LEU B 374 19.38 -30.48 -42.07
CA LEU B 374 19.78 -31.75 -41.48
C LEU B 374 21.05 -31.60 -40.65
N ILE B 375 22.02 -30.83 -41.15
CA ILE B 375 23.29 -30.66 -40.46
C ILE B 375 23.07 -29.97 -39.11
N TRP B 376 22.30 -28.87 -39.12
CA TRP B 376 22.12 -28.11 -37.90
C TRP B 376 21.13 -28.78 -36.95
N ALA B 377 20.26 -29.63 -37.48
CA ALA B 377 19.45 -30.46 -36.61
C ALA B 377 20.31 -31.47 -35.87
N THR B 378 21.30 -32.06 -36.55
CA THR B 378 22.20 -32.99 -35.88
C THR B 378 23.01 -32.27 -34.82
N CYS B 379 23.58 -31.12 -35.17
CA CYS B 379 24.30 -30.28 -34.21
C CYS B 379 23.48 -29.99 -32.97
N ILE B 380 22.28 -29.43 -33.15
CA ILE B 380 21.47 -28.99 -32.01
C ILE B 380 21.04 -30.17 -31.17
N SER B 381 20.69 -31.29 -31.81
CA SER B 381 20.25 -32.46 -31.07
C SER B 381 21.37 -33.00 -30.18
N VAL B 382 22.57 -33.13 -30.74
CA VAL B 382 23.71 -33.66 -29.97
C VAL B 382 24.04 -32.74 -28.80
N LYS B 383 24.20 -31.45 -29.11
CA LYS B 383 24.60 -30.48 -28.11
C LYS B 383 23.60 -30.40 -26.96
N GLU B 384 22.30 -30.37 -27.29
CA GLU B 384 21.29 -30.24 -26.25
C GLU B 384 21.14 -31.52 -25.45
N GLY B 385 21.36 -32.67 -26.09
CA GLY B 385 21.35 -33.92 -25.34
C GLY B 385 22.44 -33.98 -24.30
N ILE B 386 23.63 -33.50 -24.64
CA ILE B 386 24.71 -33.40 -23.66
C ILE B 386 24.31 -32.46 -22.53
N ALA B 387 23.72 -31.31 -22.86
CA ALA B 387 23.33 -30.36 -21.82
C ALA B 387 22.31 -30.95 -20.86
N ILE B 388 21.41 -31.80 -21.37
CA ILE B 388 20.41 -32.42 -20.49
C ILE B 388 21.07 -33.47 -19.59
N PHE B 389 22.06 -34.20 -20.12
CA PHE B 389 22.74 -35.18 -19.29
C PHE B 389 23.56 -34.53 -18.19
N LEU B 390 24.04 -33.31 -18.42
CA LEU B 390 24.79 -32.61 -17.39
C LEU B 390 23.86 -31.91 -16.40
N LEU B 391 22.69 -31.48 -16.87
CA LEU B 391 21.77 -30.75 -15.98
C LEU B 391 21.13 -31.66 -14.94
N ARG B 392 21.03 -32.96 -15.25
CA ARG B 392 20.46 -33.96 -14.35
C ARG B 392 19.06 -33.57 -13.91
N PRO B 393 18.07 -33.60 -14.80
CA PRO B 393 16.73 -33.14 -14.47
C PRO B 393 15.89 -34.12 -13.65
N SER B 394 16.52 -35.13 -13.03
CA SER B 394 15.76 -36.11 -12.25
C SER B 394 15.05 -35.46 -11.07
N ASP B 395 15.68 -34.45 -10.46
CA ASP B 395 15.04 -33.74 -9.36
C ASP B 395 13.81 -32.98 -9.82
N LEU B 396 12.78 -32.99 -9.00
CA LEU B 396 11.48 -32.45 -9.38
C LEU B 396 11.55 -30.95 -9.58
N GLN B 397 10.80 -30.45 -10.56
CA GLN B 397 10.59 -29.04 -10.89
C GLN B 397 11.82 -28.42 -11.56
N SER B 398 12.95 -29.14 -11.63
CA SER B 398 14.14 -28.55 -12.24
C SER B 398 13.97 -28.38 -13.75
N ILE B 399 13.23 -29.29 -14.39
CA ILE B 399 13.07 -29.22 -15.84
C ILE B 399 12.33 -27.95 -16.22
N LEU B 400 11.36 -27.52 -15.40
CA LEU B 400 10.70 -26.24 -15.63
C LEU B 400 11.52 -25.09 -15.07
N SER B 401 12.58 -25.41 -14.32
CA SER B 401 13.28 -24.37 -13.57
C SER B 401 14.42 -23.77 -14.38
N ASP B 402 15.25 -24.62 -14.99
CA ASP B 402 16.43 -24.14 -15.71
C ASP B 402 16.62 -24.77 -17.08
N ALA B 403 16.06 -25.94 -17.34
CA ALA B 403 16.32 -26.65 -18.59
C ALA B 403 15.07 -26.84 -19.43
N TRP B 404 14.12 -25.91 -19.36
CA TRP B 404 12.95 -26.02 -20.23
C TRP B 404 13.34 -25.84 -21.69
N PHE B 405 14.15 -24.83 -21.98
CA PHE B 405 14.49 -24.58 -23.38
C PHE B 405 15.53 -25.55 -23.88
N HIS B 406 16.31 -26.17 -22.98
CA HIS B 406 17.15 -27.28 -23.39
C HIS B 406 16.30 -28.43 -23.91
N PHE B 407 15.26 -28.79 -23.16
CA PHE B 407 14.37 -29.88 -23.55
C PHE B 407 13.63 -29.54 -24.83
N VAL B 408 13.17 -28.29 -24.98
CA VAL B 408 12.39 -27.93 -26.16
C VAL B 408 13.24 -27.88 -27.41
N PHE B 409 14.46 -27.34 -27.32
CA PHE B 409 15.35 -27.33 -28.48
C PHE B 409 15.71 -28.77 -28.88
N PHE B 410 15.85 -29.66 -27.90
CA PHE B 410 16.14 -31.05 -28.21
C PHE B 410 14.97 -31.72 -28.90
N VAL B 411 13.75 -31.48 -28.41
CA VAL B 411 12.56 -32.11 -29.00
C VAL B 411 12.41 -31.67 -30.46
N GLN B 412 12.56 -30.38 -30.72
CA GLN B 412 12.37 -29.91 -32.09
C GLN B 412 13.44 -30.43 -33.02
N ALA B 413 14.70 -30.47 -32.57
CA ALA B 413 15.75 -31.01 -33.44
C ALA B 413 15.59 -32.50 -33.69
N VAL B 414 15.15 -33.29 -32.71
CA VAL B 414 15.00 -34.72 -32.92
C VAL B 414 13.77 -34.97 -33.78
N LEU B 415 12.80 -34.06 -33.73
CA LEU B 415 11.62 -34.21 -34.58
C LEU B 415 12.00 -34.06 -36.05
N VAL B 416 12.80 -33.04 -36.37
CA VAL B 416 13.30 -32.91 -37.73
C VAL B 416 14.13 -34.13 -38.11
N ILE B 417 14.90 -34.67 -37.18
CA ILE B 417 15.70 -35.85 -37.47
C ILE B 417 14.82 -37.01 -37.92
N LEU B 418 13.90 -37.43 -37.06
CA LEU B 418 13.15 -38.62 -37.47
C LEU B 418 12.13 -38.33 -38.55
N SER B 419 11.90 -37.08 -38.91
CA SER B 419 11.12 -36.77 -40.10
C SER B 419 11.95 -36.90 -41.37
N VAL B 420 13.27 -36.88 -41.27
CA VAL B 420 14.14 -37.24 -42.39
C VAL B 420 14.38 -38.74 -42.43
N PHE B 421 14.48 -39.39 -41.27
CA PHE B 421 14.67 -40.83 -41.23
C PHE B 421 13.32 -41.54 -41.25
N LEU B 422 12.31 -40.88 -41.81
CA LEU B 422 11.02 -41.48 -42.12
C LEU B 422 10.66 -41.17 -43.56
N TYR B 423 11.13 -40.03 -44.06
CA TYR B 423 10.80 -39.60 -45.41
C TYR B 423 11.40 -40.53 -46.45
N LEU B 424 12.63 -40.98 -46.23
CA LEU B 424 13.33 -41.82 -47.18
C LEU B 424 13.53 -43.26 -46.71
N PHE B 425 13.70 -43.48 -45.41
CA PHE B 425 14.05 -44.81 -44.94
C PHE B 425 12.84 -45.74 -44.95
N ALA B 426 11.66 -45.24 -44.62
CA ALA B 426 10.47 -46.07 -44.55
C ALA B 426 9.31 -45.57 -45.40
N TYR B 427 9.35 -44.31 -45.85
CA TYR B 427 8.33 -43.75 -46.75
C TYR B 427 6.94 -43.86 -46.11
N LYS B 428 6.78 -43.12 -45.02
CA LYS B 428 5.56 -43.08 -44.23
C LYS B 428 5.08 -41.62 -44.10
N GLU B 429 4.10 -41.42 -43.21
CA GLU B 429 3.61 -40.08 -42.92
C GLU B 429 4.68 -39.26 -42.20
N TYR B 430 5.38 -38.43 -42.96
CA TYR B 430 6.50 -37.64 -42.46
C TYR B 430 6.13 -36.19 -42.27
N LEU B 431 4.85 -35.86 -42.30
CA LEU B 431 4.43 -34.47 -42.14
C LEU B 431 4.08 -34.12 -40.72
N ALA B 432 3.60 -35.09 -39.92
CA ALA B 432 3.34 -34.80 -38.53
C ALA B 432 4.58 -34.31 -37.81
N CYS B 433 5.72 -34.98 -37.99
CA CYS B 433 6.97 -34.56 -37.38
C CYS B 433 7.49 -33.24 -37.93
N LEU B 434 7.45 -33.06 -39.24
CA LEU B 434 7.98 -31.84 -39.83
C LEU B 434 7.17 -30.63 -39.42
N VAL B 435 5.84 -30.75 -39.39
CA VAL B 435 5.01 -29.60 -39.07
C VAL B 435 5.07 -29.29 -37.58
N LEU B 436 5.06 -30.31 -36.73
CA LEU B 436 5.28 -30.08 -35.30
C LEU B 436 6.61 -29.37 -35.07
N ALA B 437 7.65 -29.77 -35.80
CA ALA B 437 8.96 -29.15 -35.63
C ALA B 437 8.94 -27.69 -36.08
N MET B 438 8.16 -27.37 -37.10
CA MET B 438 8.08 -25.99 -37.55
C MET B 438 7.45 -25.08 -36.49
N ALA B 439 6.27 -25.43 -36.00
CA ALA B 439 5.62 -24.63 -34.96
C ALA B 439 6.47 -24.52 -33.70
N LEU B 440 7.08 -25.62 -33.26
CA LEU B 440 7.95 -25.56 -32.11
C LEU B 440 9.13 -24.62 -32.33
N GLY B 441 9.65 -24.55 -33.56
CA GLY B 441 10.76 -23.66 -33.82
C GLY B 441 10.45 -22.22 -33.50
N TRP B 442 9.24 -21.77 -33.85
CA TRP B 442 8.93 -20.36 -33.61
C TRP B 442 8.73 -20.05 -32.13
N ALA B 443 8.17 -21.00 -31.36
CA ALA B 443 8.18 -20.82 -29.92
C ALA B 443 9.60 -20.65 -29.36
N ASN B 444 10.57 -21.36 -29.93
CA ASN B 444 11.93 -21.19 -29.44
C ASN B 444 12.49 -19.81 -29.74
N MET B 445 11.99 -19.13 -30.78
CA MET B 445 12.40 -17.73 -30.92
C MET B 445 12.02 -16.94 -29.68
N LEU B 446 10.88 -17.25 -29.06
CA LEU B 446 10.57 -16.63 -27.78
C LEU B 446 11.69 -16.83 -26.76
N TYR B 447 12.39 -17.97 -26.81
CA TYR B 447 13.58 -18.09 -25.97
C TYR B 447 14.56 -16.96 -26.21
N TYR B 448 14.75 -16.58 -27.46
CA TYR B 448 15.81 -15.62 -27.80
C TYR B 448 15.47 -14.19 -27.38
N THR B 449 14.41 -13.98 -26.62
CA THR B 449 14.15 -12.65 -26.09
C THR B 449 14.99 -12.27 -24.88
N ARG B 450 15.85 -13.16 -24.37
CA ARG B 450 16.64 -12.87 -23.18
C ARG B 450 17.56 -11.65 -23.36
N GLY B 451 17.92 -11.32 -24.60
CA GLY B 451 18.94 -10.32 -24.81
C GLY B 451 18.54 -8.91 -24.46
N PHE B 452 17.24 -8.65 -24.36
CA PHE B 452 16.75 -7.31 -24.07
C PHE B 452 16.07 -7.28 -22.71
N GLN B 453 16.19 -6.16 -22.02
CA GLN B 453 15.59 -6.05 -20.69
C GLN B 453 14.08 -5.99 -20.77
N SER B 454 13.54 -5.06 -21.57
CA SER B 454 12.10 -4.91 -21.68
C SER B 454 11.46 -6.18 -22.24
N MET B 455 11.81 -6.53 -23.47
CA MET B 455 11.24 -7.68 -24.13
C MET B 455 11.62 -9.00 -23.47
N GLY B 456 12.57 -8.99 -22.55
CA GLY B 456 13.08 -10.24 -22.00
C GLY B 456 12.61 -10.52 -20.61
N MET B 457 12.22 -9.50 -19.87
CA MET B 457 11.51 -9.69 -18.62
C MET B 457 10.00 -9.52 -18.79
N TYR B 458 9.55 -9.30 -20.03
CA TYR B 458 8.16 -9.59 -20.37
C TYR B 458 7.93 -11.09 -20.49
N SER B 459 8.88 -11.80 -21.09
CA SER B 459 8.84 -13.24 -21.27
C SER B 459 9.07 -13.99 -20.03
N VAL B 460 9.19 -13.33 -18.88
CA VAL B 460 9.32 -14.03 -17.60
C VAL B 460 8.08 -13.85 -16.75
N MET B 461 7.12 -13.03 -17.19
CA MET B 461 5.78 -13.08 -16.64
C MET B 461 4.89 -14.03 -17.41
N ILE B 462 5.20 -14.30 -18.68
CA ILE B 462 4.48 -15.34 -19.40
C ILE B 462 4.67 -16.68 -18.70
N GLN B 463 5.86 -16.92 -18.16
CA GLN B 463 6.14 -18.17 -17.48
C GLN B 463 5.42 -18.28 -16.15
N LYS B 464 5.49 -17.23 -15.33
CA LYS B 464 4.79 -17.22 -14.06
C LYS B 464 3.27 -17.25 -14.22
N VAL B 465 2.74 -16.58 -15.24
CA VAL B 465 1.30 -16.57 -15.47
C VAL B 465 0.82 -17.91 -16.00
N ILE B 466 1.57 -18.55 -16.91
CA ILE B 466 1.16 -19.87 -17.39
C ILE B 466 1.12 -20.86 -16.25
N LEU B 467 2.12 -20.82 -15.37
CA LEU B 467 2.17 -21.81 -14.30
C LEU B 467 1.06 -21.60 -13.28
N HIS B 468 0.88 -20.36 -12.82
CA HIS B 468 -0.05 -20.15 -11.72
C HIS B 468 -1.50 -20.14 -12.19
N ASP B 469 -1.81 -19.39 -13.24
CA ASP B 469 -3.20 -19.03 -13.54
C ASP B 469 -3.80 -19.82 -14.69
N VAL B 470 -3.05 -20.05 -15.77
CA VAL B 470 -3.66 -20.66 -16.95
C VAL B 470 -3.86 -22.16 -16.76
N LEU B 471 -3.02 -22.79 -15.93
CA LEU B 471 -3.15 -24.23 -15.73
C LEU B 471 -4.36 -24.55 -14.87
N LYS B 472 -4.54 -23.83 -13.76
CA LYS B 472 -5.70 -24.04 -12.92
C LYS B 472 -7.00 -23.72 -13.64
N PHE B 473 -7.01 -22.68 -14.46
CA PHE B 473 -8.18 -22.36 -15.27
C PHE B 473 -8.50 -23.46 -16.27
N LEU B 474 -7.50 -23.97 -16.96
CA LEU B 474 -7.75 -25.04 -17.92
C LEU B 474 -8.29 -26.29 -17.26
N PHE B 475 -7.86 -26.61 -16.06
CA PHE B 475 -8.40 -27.74 -15.33
C PHE B 475 -9.89 -27.61 -15.04
N VAL B 476 -10.32 -26.50 -14.44
CA VAL B 476 -11.74 -26.34 -14.15
C VAL B 476 -12.55 -26.19 -15.42
N TYR B 477 -12.02 -25.49 -16.43
CA TYR B 477 -12.79 -25.27 -17.64
C TYR B 477 -13.02 -26.57 -18.39
N ILE B 478 -12.02 -27.45 -18.43
CA ILE B 478 -12.22 -28.73 -19.11
C ILE B 478 -13.23 -29.58 -18.36
N LEU B 479 -13.28 -29.47 -17.03
CA LEU B 479 -14.30 -30.19 -16.28
C LEU B 479 -15.70 -29.76 -16.69
N PHE B 480 -15.93 -28.46 -16.85
CA PHE B 480 -17.25 -27.98 -17.22
C PHE B 480 -17.55 -28.27 -18.70
N LEU B 481 -16.56 -28.09 -19.56
CA LEU B 481 -16.75 -28.34 -20.99
C LEU B 481 -17.20 -29.78 -21.23
N LEU B 482 -16.49 -30.74 -20.65
CA LEU B 482 -16.82 -32.14 -20.86
C LEU B 482 -18.04 -32.59 -20.08
N GLY B 483 -18.30 -32.03 -18.90
CA GLY B 483 -19.48 -32.38 -18.16
C GLY B 483 -20.76 -31.97 -18.85
N PHE B 484 -20.85 -30.70 -19.24
CA PHE B 484 -22.02 -30.23 -19.97
C PHE B 484 -22.05 -30.74 -21.41
N GLY B 485 -20.90 -31.04 -21.99
CA GLY B 485 -20.89 -31.66 -23.31
C GLY B 485 -21.61 -33.00 -23.32
N VAL B 486 -21.26 -33.87 -22.37
CA VAL B 486 -21.91 -35.18 -22.34
C VAL B 486 -23.36 -35.09 -21.88
N ALA B 487 -23.70 -34.14 -21.00
CA ALA B 487 -25.08 -33.98 -20.61
C ALA B 487 -25.96 -33.49 -21.74
N LEU B 488 -25.59 -32.41 -22.42
CA LEU B 488 -26.32 -31.91 -23.57
C LEU B 488 -26.39 -32.94 -24.69
N ALA B 489 -25.30 -33.66 -24.94
CA ALA B 489 -25.30 -34.64 -26.01
C ALA B 489 -26.26 -35.79 -25.71
N SER B 490 -26.27 -36.28 -24.48
CA SER B 490 -27.17 -37.37 -24.13
C SER B 490 -28.62 -36.93 -24.01
N LEU B 491 -28.90 -35.63 -24.14
CA LEU B 491 -30.26 -35.13 -24.13
C LEU B 491 -30.93 -35.17 -25.49
N ILE B 492 -30.17 -35.32 -26.57
CA ILE B 492 -30.70 -35.27 -27.93
C ILE B 492 -31.12 -36.66 -28.36
N GLU B 493 -32.31 -36.77 -28.93
CA GLU B 493 -32.82 -38.07 -29.38
C GLU B 493 -32.19 -38.43 -30.71
N LYS B 494 -32.78 -39.42 -31.39
CA LYS B 494 -32.23 -39.96 -32.63
C LYS B 494 -31.89 -38.84 -33.61
N CYS B 495 -30.90 -39.11 -34.45
CA CYS B 495 -30.29 -38.09 -35.30
C CYS B 495 -31.31 -37.21 -35.99
N SER B 496 -32.13 -37.79 -36.86
CA SER B 496 -33.20 -37.09 -37.55
C SER B 496 -34.03 -38.14 -38.28
N LYS B 497 -35.00 -37.70 -39.07
CA LYS B 497 -35.70 -38.59 -39.98
C LYS B 497 -34.88 -38.88 -41.22
N ASP B 498 -33.77 -38.17 -41.42
CA ASP B 498 -32.88 -38.38 -42.56
C ASP B 498 -31.43 -38.50 -42.12
N LYS B 499 -31.18 -38.73 -40.83
CA LYS B 499 -29.87 -39.01 -40.25
C LYS B 499 -28.96 -37.79 -40.16
N LYS B 500 -29.36 -36.67 -40.75
CA LYS B 500 -28.54 -35.47 -40.66
C LYS B 500 -29.43 -34.23 -40.77
N ASP B 501 -29.82 -33.67 -39.63
CA ASP B 501 -30.54 -32.40 -39.52
C ASP B 501 -30.56 -31.91 -38.08
N CYS B 502 -30.21 -30.64 -37.89
CA CYS B 502 -30.19 -29.97 -36.57
C CYS B 502 -29.49 -30.83 -35.51
N SER B 503 -28.57 -31.69 -35.95
CA SER B 503 -27.79 -32.52 -35.05
C SER B 503 -26.47 -31.85 -34.72
N SER B 504 -26.53 -30.60 -34.27
CA SER B 504 -25.32 -29.93 -33.79
C SER B 504 -24.84 -30.58 -32.51
N TYR B 505 -25.71 -30.71 -31.52
CA TYR B 505 -25.40 -31.43 -30.29
C TYR B 505 -25.79 -32.89 -30.39
N GLY B 506 -25.36 -33.56 -31.46
CA GLY B 506 -25.79 -34.92 -31.69
C GLY B 506 -25.07 -35.93 -30.82
N SER B 507 -23.77 -36.03 -30.99
CA SER B 507 -22.93 -36.94 -30.23
C SER B 507 -22.10 -36.17 -29.21
N PHE B 508 -21.23 -36.89 -28.51
CA PHE B 508 -20.40 -36.25 -27.50
C PHE B 508 -19.48 -35.22 -28.15
N SER B 509 -18.56 -35.66 -29.02
CA SER B 509 -17.55 -34.76 -29.56
C SER B 509 -18.15 -33.60 -30.34
N ASP B 510 -19.31 -33.79 -30.96
CA ASP B 510 -19.99 -32.68 -31.62
C ASP B 510 -20.55 -31.66 -30.64
N ALA B 511 -21.11 -32.10 -29.52
CA ALA B 511 -21.55 -31.16 -28.49
C ALA B 511 -20.38 -30.47 -27.81
N VAL B 512 -19.26 -31.15 -27.62
CA VAL B 512 -18.09 -30.51 -27.04
C VAL B 512 -17.55 -29.44 -27.97
N LEU B 513 -17.58 -29.69 -29.28
CA LEU B 513 -17.13 -28.67 -30.22
C LEU B 513 -18.05 -27.46 -30.23
N GLU B 514 -19.37 -27.68 -30.15
CA GLU B 514 -20.28 -26.56 -30.14
C GLU B 514 -20.11 -25.69 -28.90
N LEU B 515 -19.90 -26.30 -27.74
CA LEU B 515 -19.66 -25.51 -26.54
C LEU B 515 -18.33 -24.77 -26.61
N PHE B 516 -17.30 -25.40 -27.17
CA PHE B 516 -16.03 -24.71 -27.36
C PHE B 516 -16.19 -23.46 -28.21
N LYS B 517 -17.00 -23.54 -29.26
CA LYS B 517 -17.22 -22.40 -30.13
C LYS B 517 -18.08 -21.32 -29.47
N LEU B 518 -18.91 -21.64 -28.49
CA LEU B 518 -19.57 -20.59 -27.74
C LEU B 518 -18.62 -19.86 -26.82
N THR B 519 -17.58 -20.53 -26.32
CA THR B 519 -16.61 -19.85 -25.48
C THR B 519 -15.74 -18.90 -26.30
N ILE B 520 -15.28 -19.34 -27.47
CA ILE B 520 -14.49 -18.47 -28.32
C ILE B 520 -15.33 -17.33 -28.86
N GLY B 521 -16.63 -17.54 -29.03
CA GLY B 521 -17.49 -16.53 -29.57
C GLY B 521 -17.72 -16.61 -31.06
N LEU B 522 -17.58 -17.80 -31.63
CA LEU B 522 -17.74 -18.01 -33.07
C LEU B 522 -19.03 -18.74 -33.37
N GLY B 523 -19.38 -18.77 -34.63
CA GLY B 523 -20.55 -19.51 -35.04
C GLY B 523 -21.84 -18.76 -34.74
N ASP B 524 -22.92 -19.53 -34.63
CA ASP B 524 -24.24 -18.98 -34.33
C ASP B 524 -24.93 -19.92 -33.37
N LEU B 525 -25.36 -19.41 -32.23
CA LEU B 525 -26.06 -20.21 -31.25
C LEU B 525 -27.43 -20.60 -31.78
N ASN B 526 -27.65 -21.89 -31.96
CA ASN B 526 -28.94 -22.41 -32.42
C ASN B 526 -29.48 -23.37 -31.38
N ILE B 527 -30.60 -22.99 -30.75
CA ILE B 527 -31.22 -23.80 -29.73
C ILE B 527 -32.33 -24.69 -30.28
N GLN B 528 -32.74 -24.48 -31.53
CA GLN B 528 -33.80 -25.28 -32.14
C GLN B 528 -33.22 -26.64 -32.52
N GLN B 529 -33.01 -27.46 -31.51
CA GLN B 529 -32.48 -28.81 -31.68
C GLN B 529 -33.61 -29.82 -31.68
N ASN B 530 -33.31 -31.02 -32.21
CA ASN B 530 -34.25 -32.14 -32.18
C ASN B 530 -34.26 -32.74 -30.77
N SER B 531 -34.64 -31.91 -29.81
CA SER B 531 -34.57 -32.26 -28.40
C SER B 531 -35.95 -32.58 -27.86
N THR B 532 -35.97 -33.45 -26.85
CA THR B 532 -37.22 -33.80 -26.18
C THR B 532 -37.63 -32.76 -25.16
N TYR B 533 -36.67 -32.02 -24.62
CA TYR B 533 -36.94 -30.99 -23.61
C TYR B 533 -36.22 -29.72 -24.03
N PRO B 534 -36.93 -28.77 -24.66
CA PRO B 534 -36.29 -27.50 -25.02
C PRO B 534 -35.97 -26.62 -23.83
N ILE B 535 -36.74 -26.68 -22.76
CA ILE B 535 -36.49 -25.89 -21.57
C ILE B 535 -35.27 -26.39 -20.82
N LEU B 536 -35.17 -27.70 -20.60
CA LEU B 536 -33.99 -28.25 -19.94
C LEU B 536 -32.73 -28.01 -20.76
N PHE B 537 -32.85 -28.04 -22.09
CA PHE B 537 -31.72 -27.74 -22.93
C PHE B 537 -31.24 -26.31 -22.72
N LEU B 538 -32.17 -25.36 -22.69
CA LEU B 538 -31.78 -23.96 -22.46
C LEU B 538 -31.19 -23.78 -21.07
N PHE B 539 -31.71 -24.50 -20.07
CA PHE B 539 -31.19 -24.34 -18.72
C PHE B 539 -29.74 -24.79 -18.64
N LEU B 540 -29.43 -25.96 -19.19
CA LEU B 540 -28.05 -26.45 -19.16
C LEU B 540 -27.12 -25.58 -20.00
N LEU B 541 -27.59 -25.08 -21.14
CA LEU B 541 -26.77 -24.26 -22.01
C LEU B 541 -26.51 -22.87 -21.44
N ILE B 542 -27.48 -22.28 -20.76
CA ILE B 542 -27.32 -20.95 -20.18
C ILE B 542 -26.51 -21.06 -18.90
N THR B 543 -26.65 -22.17 -18.16
CA THR B 543 -25.79 -22.39 -17.02
C THR B 543 -24.33 -22.50 -17.44
N TYR B 544 -24.07 -23.16 -18.57
CA TYR B 544 -22.70 -23.22 -19.08
C TYR B 544 -22.18 -21.84 -19.44
N VAL B 545 -23.02 -21.02 -20.06
CA VAL B 545 -22.61 -19.66 -20.41
C VAL B 545 -22.31 -18.85 -19.16
N ILE B 546 -23.11 -19.00 -18.11
CA ILE B 546 -22.87 -18.26 -16.87
C ILE B 546 -21.61 -18.74 -16.19
N LEU B 547 -21.31 -20.03 -16.28
CA LEU B 547 -20.15 -20.56 -15.56
C LEU B 547 -18.84 -20.22 -16.24
N THR B 548 -18.82 -20.08 -17.55
CA THR B 548 -17.56 -19.85 -18.26
C THR B 548 -17.42 -18.44 -18.81
N PHE B 549 -18.41 -17.97 -19.56
CA PHE B 549 -18.28 -16.64 -20.16
C PHE B 549 -18.29 -15.54 -19.11
N VAL B 550 -18.90 -15.79 -17.96
CA VAL B 550 -19.06 -14.75 -16.94
C VAL B 550 -18.10 -14.97 -15.79
N LEU B 551 -18.14 -16.14 -15.17
CA LEU B 551 -17.35 -16.38 -13.98
C LEU B 551 -15.90 -16.69 -14.32
N LEU B 552 -15.65 -17.77 -15.05
CA LEU B 552 -14.31 -18.33 -15.12
C LEU B 552 -13.35 -17.44 -15.90
N LEU B 553 -13.78 -16.90 -17.04
CA LEU B 553 -12.88 -16.11 -17.86
C LEU B 553 -12.55 -14.76 -17.22
N ASN B 554 -13.53 -14.06 -16.67
CA ASN B 554 -13.26 -12.82 -15.95
C ASN B 554 -12.48 -13.03 -14.67
N MET B 555 -12.71 -14.15 -13.99
CA MET B 555 -11.90 -14.47 -12.82
C MET B 555 -10.48 -14.83 -13.21
N LEU B 556 -10.27 -15.31 -14.43
CA LEU B 556 -8.91 -15.52 -14.91
C LEU B 556 -8.19 -14.20 -15.06
N ILE B 557 -8.87 -13.19 -15.62
CA ILE B 557 -8.23 -11.88 -15.74
C ILE B 557 -7.91 -11.28 -14.38
N ALA B 558 -8.79 -11.47 -13.39
CA ALA B 558 -8.55 -10.91 -12.06
C ALA B 558 -7.38 -11.58 -11.36
N LEU B 559 -7.30 -12.91 -11.39
CA LEU B 559 -6.18 -13.60 -10.77
C LEU B 559 -4.87 -13.32 -11.48
N MET B 560 -4.91 -13.19 -12.81
CA MET B 560 -3.74 -12.86 -13.60
C MET B 560 -3.23 -11.46 -13.29
N GLY B 561 -4.11 -10.55 -12.88
CA GLY B 561 -3.70 -9.25 -12.40
C GLY B 561 -2.98 -9.31 -11.06
N GLU B 562 -3.46 -10.16 -10.16
CA GLU B 562 -2.76 -10.37 -8.89
C GLU B 562 -1.38 -10.97 -9.07
N THR B 563 -1.22 -11.94 -9.97
CA THR B 563 0.08 -12.53 -10.23
C THR B 563 1.05 -11.52 -10.83
N VAL B 564 0.59 -10.72 -11.79
CA VAL B 564 1.46 -9.71 -12.38
C VAL B 564 1.93 -8.72 -11.34
N GLU B 565 1.04 -8.29 -10.45
CA GLU B 565 1.43 -7.37 -9.39
C GLU B 565 2.43 -7.97 -8.43
N ASN B 566 2.36 -9.28 -8.16
CA ASN B 566 3.32 -9.88 -7.23
C ASN B 566 4.69 -10.05 -7.86
N VAL B 567 4.75 -10.52 -9.10
CA VAL B 567 6.02 -10.87 -9.73
C VAL B 567 6.58 -9.72 -10.56
N SER B 568 6.02 -8.52 -10.42
CA SER B 568 6.63 -7.35 -11.07
C SER B 568 7.68 -6.67 -10.21
N LYS B 569 7.70 -6.94 -8.91
CA LYS B 569 8.76 -6.40 -8.06
C LYS B 569 10.08 -7.13 -8.25
N GLU B 570 10.04 -8.37 -8.75
CA GLU B 570 11.21 -9.23 -8.75
C GLU B 570 11.36 -9.97 -10.06
N SER B 571 11.03 -9.33 -11.17
CA SER B 571 11.19 -9.92 -12.49
C SER B 571 12.46 -9.50 -13.19
N GLU B 572 12.98 -8.30 -12.87
CA GLU B 572 14.27 -7.91 -13.41
C GLU B 572 15.38 -8.77 -12.85
N ARG B 573 15.24 -9.22 -11.61
CA ARG B 573 16.26 -10.06 -11.00
C ARG B 573 16.23 -11.46 -11.59
N ILE B 574 15.05 -12.03 -11.81
CA ILE B 574 14.97 -13.34 -12.44
C ILE B 574 15.49 -13.28 -13.86
N TRP B 575 15.18 -12.21 -14.58
CA TRP B 575 15.70 -12.07 -15.93
C TRP B 575 17.23 -11.99 -15.93
N ARG B 576 17.80 -11.15 -15.07
CA ARG B 576 19.25 -11.03 -15.01
C ARG B 576 19.89 -12.35 -14.63
N LEU B 577 19.17 -13.19 -13.90
CA LEU B 577 19.71 -14.49 -13.52
C LEU B 577 19.81 -15.43 -14.72
N GLN B 578 18.78 -15.47 -15.55
CA GLN B 578 18.85 -16.34 -16.73
C GLN B 578 19.70 -15.77 -17.85
N ARG B 579 19.79 -14.45 -17.97
CA ARG B 579 20.81 -13.87 -18.83
C ARG B 579 22.21 -14.23 -18.35
N ALA B 580 22.42 -14.30 -17.04
CA ALA B 580 23.72 -14.73 -16.53
C ALA B 580 24.01 -16.18 -16.86
N ARG B 581 22.97 -17.02 -16.89
CA ARG B 581 23.19 -18.41 -17.27
C ARG B 581 23.67 -18.53 -18.71
N THR B 582 23.12 -17.74 -19.63
CA THR B 582 23.61 -17.81 -21.01
C THR B 582 25.01 -17.22 -21.14
N ILE B 583 25.33 -16.17 -20.37
CA ILE B 583 26.68 -15.62 -20.40
C ILE B 583 27.69 -16.66 -19.96
N LEU B 584 27.39 -17.35 -18.85
CA LEU B 584 28.31 -18.36 -18.34
C LEU B 584 28.41 -19.55 -19.28
N GLU B 585 27.34 -19.90 -19.99
CA GLU B 585 27.40 -20.99 -20.94
C GLU B 585 28.14 -20.62 -22.21
N PHE B 586 28.16 -19.34 -22.57
CA PHE B 586 28.96 -18.90 -23.70
C PHE B 586 30.43 -18.83 -23.34
N GLU B 587 30.75 -18.49 -22.08
CA GLU B 587 32.13 -18.41 -21.65
C GLU B 587 32.83 -19.75 -21.80
N LYS B 588 32.25 -20.80 -21.23
CA LYS B 588 32.89 -22.11 -21.34
C LYS B 588 32.55 -22.76 -22.66
N MET B 589 32.71 -22.00 -23.75
CA MET B 589 32.53 -22.53 -25.09
C MET B 589 33.58 -22.05 -26.07
N LEU B 590 34.22 -20.91 -25.84
CA LEU B 590 35.27 -20.36 -26.67
C LEU B 590 36.65 -20.74 -26.16
N PRO B 591 37.65 -20.83 -27.05
CA PRO B 591 38.92 -21.44 -26.69
C PRO B 591 39.77 -20.54 -25.81
N GLU B 592 40.82 -21.14 -25.24
CA GLU B 592 41.61 -20.49 -24.20
C GLU B 592 42.42 -19.32 -24.71
N TRP B 593 42.81 -19.30 -25.99
CA TRP B 593 43.49 -18.11 -26.50
C TRP B 593 42.53 -16.94 -26.60
N LEU B 594 41.35 -17.14 -27.18
CA LEU B 594 40.31 -16.12 -27.22
C LEU B 594 39.74 -15.82 -25.85
N ARG B 595 39.73 -16.81 -24.96
CA ARG B 595 39.30 -16.56 -23.59
C ARG B 595 40.26 -15.62 -22.88
N SER B 596 41.57 -15.88 -23.00
CA SER B 596 42.56 -15.01 -22.39
C SER B 596 42.53 -13.61 -22.99
N ARG B 597 42.02 -13.47 -24.21
CA ARG B 597 41.89 -12.16 -24.81
C ARG B 597 40.97 -11.26 -23.99
N PHE B 598 39.90 -11.83 -23.42
CA PHE B 598 38.95 -11.09 -22.58
C PHE B 598 39.20 -11.49 -21.14
N ARG B 599 39.86 -10.63 -20.38
CA ARG B 599 39.96 -10.77 -18.94
C ARG B 599 39.41 -9.52 -18.27
N MET B 600 38.87 -9.71 -17.06
CA MET B 600 38.09 -8.67 -16.42
C MET B 600 38.96 -7.63 -15.73
N GLY B 601 39.94 -8.08 -14.95
CA GLY B 601 40.70 -7.14 -14.14
C GLY B 601 42.13 -6.94 -14.56
N GLU B 602 42.95 -6.41 -13.65
CA GLU B 602 44.36 -6.16 -13.92
C GLU B 602 45.17 -6.41 -12.66
N LEU B 603 46.41 -6.85 -12.84
CA LEU B 603 47.30 -7.05 -11.70
C LEU B 603 47.69 -5.72 -11.09
N CYS B 604 47.48 -5.56 -9.79
CA CYS B 604 47.76 -4.32 -9.09
C CYS B 604 48.56 -4.61 -7.84
N LYS B 605 49.52 -3.74 -7.54
CA LYS B 605 50.36 -3.90 -6.35
C LYS B 605 49.54 -3.57 -5.11
N VAL B 606 49.02 -4.61 -4.47
CA VAL B 606 48.13 -4.43 -3.33
C VAL B 606 48.87 -4.30 -2.00
N ALA B 607 49.97 -5.02 -1.81
CA ALA B 607 50.71 -4.98 -0.56
C ALA B 607 52.20 -4.98 -0.84
N ASP B 608 53.01 -5.29 0.17
CA ASP B 608 54.45 -5.40 -0.04
C ASP B 608 54.75 -6.36 -1.20
N GLU B 609 54.22 -7.57 -1.13
CA GLU B 609 54.32 -8.54 -2.22
C GLU B 609 52.98 -9.26 -2.33
N ASP B 610 52.08 -8.71 -3.15
CA ASP B 610 50.75 -9.28 -3.32
C ASP B 610 50.19 -8.75 -4.63
N PHE B 611 50.02 -9.65 -5.61
CA PHE B 611 49.30 -9.32 -6.84
C PHE B 611 47.99 -10.08 -6.81
N ARG B 612 46.89 -9.36 -7.04
CA ARG B 612 45.60 -9.94 -6.77
C ARG B 612 44.71 -10.00 -8.00
N LEU B 613 45.03 -9.23 -9.04
CA LEU B 613 44.23 -9.23 -10.27
C LEU B 613 42.80 -8.83 -9.95
N CYS B 614 42.58 -7.56 -9.60
CA CYS B 614 41.30 -7.09 -9.11
C CYS B 614 40.51 -6.36 -10.19
N LEU B 615 39.22 -6.19 -9.93
CA LEU B 615 38.30 -5.39 -10.73
C LEU B 615 38.51 -3.93 -10.39
N ARG B 616 37.59 -3.05 -10.77
CA ARG B 616 37.68 -1.65 -10.38
C ARG B 616 36.31 -1.00 -10.51
N ILE B 617 35.85 -0.35 -9.44
CA ILE B 617 34.52 0.25 -9.41
C ILE B 617 34.64 1.62 -8.76
N ASN B 618 34.16 2.65 -9.46
CA ASN B 618 34.17 4.00 -8.94
C ASN B 618 32.80 4.34 -8.36
N GLU B 619 32.79 5.22 -7.36
CA GLU B 619 31.55 5.61 -6.72
C GLU B 619 31.71 7.02 -6.15
N VAL B 620 30.57 7.59 -5.75
CA VAL B 620 30.49 8.95 -5.23
C VAL B 620 29.63 8.93 -3.99
N LYS B 621 30.15 9.41 -2.87
CA LYS B 621 29.42 9.40 -1.61
C LYS B 621 29.52 10.77 -0.97
N TRP B 622 28.37 11.40 -0.72
CA TRP B 622 28.30 12.77 -0.24
C TRP B 622 27.90 12.86 1.23
N THR B 623 28.07 11.80 2.00
CA THR B 623 27.52 11.81 3.36
C THR B 623 28.56 11.61 4.45
N GLU B 624 29.52 10.71 4.25
CA GLU B 624 30.40 10.33 5.34
C GLU B 624 31.39 11.44 5.68
N TRP B 625 32.14 11.92 4.69
CA TRP B 625 33.08 13.01 4.87
C TRP B 625 34.14 12.70 5.93
N LYS B 626 35.00 11.73 5.65
CA LYS B 626 36.09 11.37 6.56
C LYS B 626 37.42 11.72 5.92
N THR B 627 38.43 11.92 6.77
CA THR B 627 39.79 12.09 6.28
C THR B 627 40.27 10.77 5.71
N HIS B 628 40.95 10.84 4.57
CA HIS B 628 41.24 9.65 3.76
C HIS B 628 42.62 9.11 4.11
N VAL B 629 42.63 7.95 4.77
CA VAL B 629 43.82 7.12 4.89
C VAL B 629 43.50 5.77 4.26
N SER B 630 44.51 4.93 4.18
CA SER B 630 44.44 3.60 3.58
C SER B 630 44.28 3.64 2.06
N PHE B 631 44.46 4.80 1.44
CA PHE B 631 44.47 4.88 0.00
C PHE B 631 45.62 4.05 -0.55
N LEU B 632 45.41 3.47 -1.73
CA LEU B 632 46.43 2.67 -2.39
C LEU B 632 47.31 3.50 -3.31
N ASN B 633 47.02 4.79 -3.46
CA ASN B 633 47.74 5.65 -4.39
C ASN B 633 47.49 7.09 -3.96
N GLU B 634 48.56 7.79 -3.55
CA GLU B 634 48.37 9.14 -3.02
C GLU B 634 47.94 10.11 -4.10
N ASP B 635 48.51 10.02 -5.30
CA ASP B 635 48.02 10.90 -6.35
C ASP B 635 46.80 10.30 -7.03
N PRO B 636 45.72 11.05 -7.19
CA PRO B 636 44.47 10.46 -7.69
C PRO B 636 44.43 10.25 -9.19
N GLY B 637 43.28 9.87 -9.70
CA GLY B 637 43.02 9.87 -11.11
C GLY B 637 43.63 8.68 -11.83
N PRO B 638 43.14 8.41 -13.04
CA PRO B 638 43.64 7.28 -13.82
C PRO B 638 44.94 7.61 -14.52
N ILE B 639 46.02 6.99 -14.07
CA ILE B 639 47.32 7.17 -14.71
C ILE B 639 48.29 6.07 -14.27
N ARG C 1 -39.53 10.13 58.18
CA ARG C 1 -39.34 11.45 57.60
C ARG C 1 -37.96 11.99 57.90
N LEU C 2 -37.30 11.42 58.91
CA LEU C 2 -35.92 11.80 59.21
C LEU C 2 -34.96 11.12 58.25
N LYS C 3 -35.27 9.88 57.85
CA LYS C 3 -34.36 9.11 57.01
C LYS C 3 -34.08 9.83 55.70
N LYS C 4 -35.05 10.58 55.19
CA LYS C 4 -34.83 11.31 53.94
C LYS C 4 -33.77 12.39 54.13
N ARG C 5 -33.76 13.04 55.30
CA ARG C 5 -32.73 14.02 55.59
C ARG C 5 -31.37 13.35 55.78
N ILE C 6 -31.37 12.11 56.29
CA ILE C 6 -30.12 11.37 56.41
C ILE C 6 -29.55 11.04 55.03
N PHE C 7 -30.40 10.50 54.16
CA PHE C 7 -29.94 10.12 52.83
C PHE C 7 -29.43 11.33 52.05
N ALA C 8 -30.14 12.46 52.14
CA ALA C 8 -29.65 13.67 51.50
C ALA C 8 -28.31 14.09 52.07
N ALA C 9 -28.18 14.10 53.39
CA ALA C 9 -26.94 14.58 54.01
C ALA C 9 -25.76 13.69 53.66
N VAL C 10 -26.00 12.39 53.49
CA VAL C 10 -24.92 11.47 53.19
C VAL C 10 -24.59 11.50 51.71
N SER C 11 -25.55 11.90 50.88
CA SER C 11 -25.27 12.04 49.45
C SER C 11 -24.48 13.30 49.18
N GLU C 12 -24.79 14.40 49.86
CA GLU C 12 -24.08 15.65 49.61
C GLU C 12 -22.66 15.61 50.13
N GLY C 13 -22.46 15.00 51.29
CA GLY C 13 -21.15 14.88 51.89
C GLY C 13 -20.87 15.82 53.06
N CYS C 14 -21.91 16.28 53.76
CA CYS C 14 -21.74 17.20 54.88
C CYS C 14 -21.44 16.39 56.12
N VAL C 15 -20.21 16.55 56.64
CA VAL C 15 -19.75 15.70 57.73
C VAL C 15 -20.44 16.08 59.04
N GLU C 16 -20.38 17.36 59.39
CA GLU C 16 -20.94 17.81 60.67
C GLU C 16 -22.43 17.56 60.73
N GLU C 17 -23.15 17.90 59.65
CA GLU C 17 -24.58 17.61 59.60
C GLU C 17 -24.85 16.14 59.87
N LEU C 18 -24.02 15.25 59.33
CA LEU C 18 -24.20 13.82 59.58
C LEU C 18 -24.04 13.52 61.06
N ARG C 19 -23.01 14.08 61.70
CA ARG C 19 -22.82 13.86 63.13
C ARG C 19 -24.05 14.27 63.92
N GLU C 20 -24.61 15.44 63.62
CA GLU C 20 -25.76 15.93 64.37
C GLU C 20 -26.99 15.06 64.13
N LEU C 21 -27.23 14.64 62.89
CA LEU C 21 -28.40 13.81 62.62
C LEU C 21 -28.29 12.46 63.30
N LEU C 22 -27.09 11.88 63.32
CA LEU C 22 -26.91 10.60 64.01
C LEU C 22 -27.09 10.75 65.51
N GLN C 23 -26.65 11.88 66.06
CA GLN C 23 -26.88 12.13 67.48
C GLN C 23 -28.37 12.27 67.78
N ASP C 24 -29.07 13.06 66.97
CA ASP C 24 -30.52 13.18 67.13
C ASP C 24 -31.20 11.82 67.02
N LEU C 25 -30.68 10.94 66.17
CA LEU C 25 -31.28 9.63 66.00
C LEU C 25 -31.03 8.75 67.21
N GLN C 26 -29.82 8.82 67.78
CA GLN C 26 -29.53 8.07 69.00
C GLN C 26 -30.40 8.57 70.17
N ASP C 27 -30.70 9.87 70.20
CA ASP C 27 -31.63 10.39 71.19
C ASP C 27 -33.03 9.84 70.94
N LEU C 28 -33.42 9.71 69.68
CA LEU C 28 -34.69 9.07 69.36
C LEU C 28 -34.72 7.62 69.85
N CYS C 29 -33.55 6.96 69.82
CA CYS C 29 -33.48 5.62 70.41
C CYS C 29 -33.69 5.67 71.91
N ARG C 30 -33.12 6.68 72.57
CA ARG C 30 -33.27 6.79 74.02
C ARG C 30 -34.71 7.08 74.40
N ARG C 31 -35.27 8.18 73.87
CA ARG C 31 -36.57 8.66 74.31
C ARG C 31 -37.70 7.87 73.67
N ARG C 32 -37.64 6.54 73.81
CA ARG C 32 -38.68 5.65 73.30
C ARG C 32 -38.44 4.24 73.81
N ARG C 33 -39.51 3.53 74.18
CA ARG C 33 -39.35 2.13 74.56
C ARG C 33 -39.27 1.24 73.32
N GLY C 34 -40.32 1.24 72.51
CA GLY C 34 -40.28 0.51 71.25
C GLY C 34 -40.16 -0.99 71.47
N LEU C 35 -39.65 -1.68 70.46
CA LEU C 35 -39.51 -3.14 70.53
C LEU C 35 -38.04 -3.56 70.55
N ASP C 36 -37.24 -3.05 69.61
CA ASP C 36 -35.84 -3.45 69.52
C ASP C 36 -35.07 -2.24 68.97
N VAL C 37 -34.21 -1.66 69.82
CA VAL C 37 -33.52 -0.43 69.42
C VAL C 37 -32.60 -0.65 68.23
N PRO C 38 -31.68 -1.62 68.23
CA PRO C 38 -30.87 -1.82 67.01
C PRO C 38 -31.69 -2.21 65.79
N ASP C 39 -32.74 -3.02 65.96
CA ASP C 39 -33.58 -3.40 64.83
C ASP C 39 -34.32 -2.19 64.27
N PHE C 40 -34.99 -1.44 65.13
CA PHE C 40 -35.70 -0.23 64.68
C PHE C 40 -34.74 0.74 64.02
N LEU C 41 -33.53 0.86 64.55
CA LEU C 41 -32.53 1.74 63.97
C LEU C 41 -32.11 1.26 62.59
N MET C 42 -31.89 -0.05 62.44
CA MET C 42 -31.59 -0.61 61.14
C MET C 42 -32.71 -0.31 60.16
N HIS C 43 -33.96 -0.29 60.64
CA HIS C 43 -35.07 0.08 59.78
C HIS C 43 -35.03 1.55 59.41
N LYS C 44 -34.49 2.40 60.29
CA LYS C 44 -34.42 3.83 59.97
C LYS C 44 -33.38 4.10 58.89
N LEU C 45 -32.21 3.44 58.99
CA LEU C 45 -31.14 3.70 58.04
C LEU C 45 -31.38 3.01 56.70
N THR C 46 -32.39 2.14 56.63
CA THR C 46 -32.63 1.39 55.40
C THR C 46 -33.82 1.97 54.64
N ALA C 47 -33.66 2.14 53.33
CA ALA C 47 -34.75 2.51 52.45
C ALA C 47 -35.48 1.24 51.99
N SER C 48 -36.50 0.87 52.75
CA SER C 48 -37.17 -0.42 52.62
C SER C 48 -37.65 -0.72 51.20
N ASP C 49 -37.94 0.31 50.42
CA ASP C 49 -38.48 0.10 49.09
C ASP C 49 -37.47 -0.60 48.18
N THR C 50 -36.20 -0.19 48.26
CA THR C 50 -35.16 -0.80 47.45
C THR C 50 -34.16 -1.62 48.26
N GLY C 51 -34.21 -1.54 49.58
CA GLY C 51 -33.19 -2.16 50.40
C GLY C 51 -31.91 -1.37 50.51
N LYS C 52 -31.81 -0.24 49.82
CA LYS C 52 -30.58 0.56 49.84
C LYS C 52 -30.40 1.20 51.20
N THR C 53 -29.27 0.92 51.84
CA THR C 53 -28.97 1.50 53.14
C THR C 53 -28.21 2.81 52.98
N CYS C 54 -27.96 3.48 54.09
CA CYS C 54 -27.23 4.74 54.07
C CYS C 54 -25.79 4.56 53.63
N LEU C 55 -25.19 3.40 53.92
CA LEU C 55 -23.80 3.18 53.53
C LEU C 55 -23.66 3.01 52.03
N MET C 56 -24.57 2.26 51.40
CA MET C 56 -24.53 2.10 49.96
C MET C 56 -24.76 3.42 49.24
N LYS C 57 -25.66 4.25 49.77
CA LYS C 57 -25.84 5.57 49.20
C LYS C 57 -24.63 6.45 49.43
N ALA C 58 -23.90 6.22 50.52
CA ALA C 58 -22.67 6.96 50.75
C ALA C 58 -21.59 6.61 49.74
N LEU C 59 -21.62 5.37 49.24
CA LEU C 59 -20.58 4.90 48.32
C LEU C 59 -20.92 5.11 46.87
N LEU C 60 -22.22 5.16 46.53
CA LEU C 60 -22.61 5.46 45.16
C LEU C 60 -22.19 6.88 44.76
N ASN C 61 -22.19 7.80 45.72
CA ASN C 61 -21.79 9.19 45.50
C ASN C 61 -20.42 9.39 46.13
N ILE C 62 -19.47 9.91 45.35
CA ILE C 62 -18.07 9.79 45.77
C ILE C 62 -17.62 10.88 46.73
N ASN C 63 -18.23 12.09 46.70
CA ASN C 63 -18.21 13.00 47.84
C ASN C 63 -16.84 13.14 48.49
N PRO C 64 -15.93 13.95 47.95
CA PRO C 64 -14.51 13.91 48.36
C PRO C 64 -14.24 13.72 49.84
N ASN C 65 -15.21 14.02 50.70
CA ASN C 65 -15.16 13.70 52.12
C ASN C 65 -15.92 12.43 52.48
N THR C 66 -15.89 11.41 51.62
CA THR C 66 -16.75 10.24 51.83
C THR C 66 -16.10 9.21 52.75
N LYS C 67 -14.77 9.18 52.82
CA LYS C 67 -14.12 8.20 53.69
C LYS C 67 -14.48 8.45 55.15
N GLU C 68 -14.50 9.71 55.57
CA GLU C 68 -14.98 10.06 56.90
C GLU C 68 -16.41 9.61 57.11
N ILE C 69 -17.25 9.77 56.07
CA ILE C 69 -18.66 9.39 56.18
C ILE C 69 -18.79 7.89 56.45
N VAL C 70 -18.00 7.08 55.75
CA VAL C 70 -18.03 5.65 55.99
C VAL C 70 -17.57 5.34 57.40
N ARG C 71 -16.50 6.01 57.86
CA ARG C 71 -16.01 5.78 59.22
C ARG C 71 -17.06 6.13 60.25
N ILE C 72 -17.71 7.28 60.10
CA ILE C 72 -18.72 7.71 61.06
C ILE C 72 -19.89 6.72 61.08
N LEU C 73 -20.31 6.26 59.91
CA LEU C 73 -21.46 5.36 59.84
C LEU C 73 -21.12 4.00 60.46
N LEU C 74 -19.90 3.52 60.22
CA LEU C 74 -19.48 2.27 60.84
C LEU C 74 -19.34 2.42 62.34
N ALA C 75 -18.84 3.56 62.80
CA ALA C 75 -18.72 3.80 64.23
C ALA C 75 -20.10 3.84 64.89
N PHE C 76 -21.08 4.43 64.22
CA PHE C 76 -22.43 4.45 64.77
C PHE C 76 -23.01 3.04 64.83
N ALA C 77 -22.83 2.27 63.76
CA ALA C 77 -23.32 0.89 63.76
C ALA C 77 -22.66 0.07 64.86
N GLU C 78 -21.41 0.40 65.20
CA GLU C 78 -20.73 -0.29 66.29
C GLU C 78 -21.28 0.13 67.64
N GLU C 79 -21.61 1.41 67.80
CA GLU C 79 -22.23 1.88 69.03
C GLU C 79 -23.52 1.12 69.32
N ASN C 80 -24.39 0.99 68.32
CA ASN C 80 -25.66 0.31 68.48
C ASN C 80 -25.57 -1.18 68.20
N ASP C 81 -24.35 -1.70 67.98
CA ASP C 81 -24.04 -3.12 67.93
C ASP C 81 -24.48 -3.81 66.64
N ILE C 82 -25.16 -3.09 65.74
CA ILE C 82 -25.52 -3.70 64.47
C ILE C 82 -24.47 -3.38 63.41
N LEU C 83 -23.41 -4.18 63.37
CA LEU C 83 -22.41 -3.99 62.32
C LEU C 83 -22.55 -5.03 61.24
N ASP C 84 -22.79 -6.29 61.61
CA ASP C 84 -23.00 -7.32 60.60
C ASP C 84 -24.34 -7.15 59.91
N ARG C 85 -25.40 -6.90 60.69
CA ARG C 85 -26.71 -6.69 60.11
C ARG C 85 -26.72 -5.46 59.20
N PHE C 86 -25.80 -4.53 59.43
CA PHE C 86 -25.75 -3.31 58.64
C PHE C 86 -24.88 -3.47 57.41
N ILE C 87 -23.61 -3.83 57.61
CA ILE C 87 -22.64 -3.85 56.52
C ILE C 87 -22.87 -5.01 55.56
N ASN C 88 -23.73 -5.96 55.90
CA ASN C 88 -24.05 -7.10 55.05
C ASN C 88 -25.50 -7.05 54.59
N ALA C 89 -25.97 -5.86 54.22
CA ALA C 89 -27.29 -5.69 53.66
C ALA C 89 -27.21 -5.68 52.14
N GLU C 90 -28.30 -6.07 51.51
CA GLU C 90 -28.36 -6.22 50.06
C GLU C 90 -29.55 -5.45 49.51
N TYR C 91 -29.66 -5.45 48.20
CA TYR C 91 -30.88 -5.00 47.55
C TYR C 91 -31.91 -6.11 47.56
N THR C 92 -33.16 -5.76 47.27
CA THR C 92 -34.25 -6.73 47.37
C THR C 92 -35.24 -6.54 46.23
N GLU C 93 -34.78 -6.03 45.10
CA GLU C 93 -35.62 -5.92 43.91
C GLU C 93 -34.99 -6.75 42.80
N GLU C 94 -35.82 -7.14 41.83
CA GLU C 94 -35.37 -8.04 40.77
C GLU C 94 -34.18 -7.46 40.01
N ALA C 95 -34.01 -6.14 40.06
CA ALA C 95 -33.00 -5.50 39.23
C ALA C 95 -31.59 -5.73 39.78
N TYR C 96 -31.40 -5.53 41.08
CA TYR C 96 -30.05 -5.56 41.66
C TYR C 96 -29.99 -6.49 42.86
N GLU C 97 -30.78 -7.55 42.86
CA GLU C 97 -30.84 -8.44 44.02
C GLU C 97 -29.48 -9.04 44.33
N GLY C 98 -28.89 -8.64 45.45
CA GLY C 98 -27.63 -9.19 45.91
C GLY C 98 -26.52 -8.17 46.07
N GLN C 99 -26.63 -7.02 45.42
CA GLN C 99 -25.54 -6.04 45.47
C GLN C 99 -25.35 -5.53 46.88
N THR C 100 -24.14 -5.67 47.40
CA THR C 100 -23.80 -5.21 48.74
C THR C 100 -22.84 -4.04 48.66
N ALA C 101 -22.50 -3.49 49.84
CA ALA C 101 -21.65 -2.31 49.88
C ALA C 101 -20.24 -2.62 49.39
N LEU C 102 -19.77 -3.84 49.58
CA LEU C 102 -18.45 -4.21 49.08
C LEU C 102 -18.43 -4.19 47.56
N ASN C 103 -19.53 -4.61 46.94
CA ASN C 103 -19.66 -4.57 45.49
C ASN C 103 -19.61 -3.13 44.97
N ILE C 104 -20.30 -2.21 45.62
CA ILE C 104 -20.27 -0.82 45.19
C ILE C 104 -18.90 -0.18 45.42
N ALA C 105 -18.18 -0.61 46.46
CA ALA C 105 -16.85 -0.06 46.68
C ALA C 105 -15.83 -0.62 45.71
N ILE C 106 -16.04 -1.85 45.23
CA ILE C 106 -15.05 -2.45 44.35
C ILE C 106 -15.19 -1.93 42.93
N GLU C 107 -16.42 -1.71 42.46
CA GLU C 107 -16.55 -1.21 41.09
C GLU C 107 -16.37 0.30 40.99
N ARG C 108 -16.51 1.03 42.09
CA ARG C 108 -16.17 2.45 42.10
C ARG C 108 -14.68 2.69 42.22
N ARG C 109 -13.87 1.63 42.20
CA ARG C 109 -12.42 1.73 42.23
C ARG C 109 -11.90 2.39 43.50
N GLN C 110 -12.62 2.20 44.60
CA GLN C 110 -12.21 2.76 45.89
C GLN C 110 -11.35 1.74 46.61
N GLY C 111 -10.05 1.77 46.30
CA GLY C 111 -9.12 0.82 46.88
C GLY C 111 -8.87 1.01 48.36
N ASP C 112 -9.30 2.15 48.91
CA ASP C 112 -9.13 2.43 50.34
C ASP C 112 -10.33 1.95 51.14
N ILE C 113 -11.52 2.42 50.78
CA ILE C 113 -12.74 2.13 51.53
C ILE C 113 -13.07 0.65 51.48
N THR C 114 -12.56 -0.06 50.48
CA THR C 114 -12.82 -1.49 50.40
C THR C 114 -12.06 -2.27 51.45
N ALA C 115 -10.85 -1.83 51.81
CA ALA C 115 -10.15 -2.48 52.90
C ALA C 115 -10.84 -2.23 54.23
N VAL C 116 -11.38 -1.03 54.41
CA VAL C 116 -12.11 -0.72 55.63
C VAL C 116 -13.41 -1.49 55.69
N LEU C 117 -14.00 -1.81 54.53
CA LEU C 117 -15.23 -2.59 54.53
C LEU C 117 -14.97 -4.08 54.73
N ILE C 118 -13.80 -4.56 54.31
CA ILE C 118 -13.46 -5.96 54.56
C ILE C 118 -13.03 -6.16 56.01
N ALA C 119 -12.19 -5.25 56.52
CA ALA C 119 -11.72 -5.36 57.89
C ALA C 119 -12.85 -5.17 58.89
N ALA C 120 -13.88 -4.41 58.52
CA ALA C 120 -15.06 -4.30 59.36
C ALA C 120 -15.97 -5.51 59.27
N GLY C 121 -15.58 -6.52 58.51
CA GLY C 121 -16.34 -7.77 58.46
C GLY C 121 -17.45 -7.79 57.42
N ALA C 122 -17.09 -7.57 56.16
CA ALA C 122 -18.05 -7.68 55.07
C ALA C 122 -18.24 -9.15 54.72
N ASP C 123 -18.90 -9.41 53.60
CA ASP C 123 -19.08 -10.76 53.08
C ASP C 123 -18.41 -10.82 51.71
N VAL C 124 -17.31 -11.57 51.62
CA VAL C 124 -16.52 -11.63 50.40
C VAL C 124 -17.13 -12.60 49.42
N ASN C 125 -18.32 -13.10 49.75
CA ASN C 125 -19.12 -13.91 48.83
C ASN C 125 -20.46 -13.21 48.68
N ALA C 126 -20.50 -12.22 47.79
CA ALA C 126 -21.69 -11.38 47.67
C ALA C 126 -22.74 -12.03 46.81
N HIS C 127 -22.34 -12.52 45.64
CA HIS C 127 -23.23 -13.20 44.70
C HIS C 127 -24.41 -12.30 44.31
N ALA C 128 -24.05 -11.24 43.59
CA ALA C 128 -25.02 -10.25 43.12
C ALA C 128 -25.82 -10.89 41.99
N LYS C 129 -26.85 -11.65 42.38
CA LYS C 129 -27.63 -12.42 41.41
C LYS C 129 -28.31 -11.49 40.41
N GLY C 130 -29.30 -10.74 40.87
CA GLY C 130 -29.91 -9.70 40.06
C GLY C 130 -30.43 -10.11 38.70
N VAL C 131 -30.84 -9.12 37.92
CA VAL C 131 -31.07 -9.28 36.49
C VAL C 131 -30.34 -8.22 35.68
N PHE C 132 -29.69 -7.27 36.35
CA PHE C 132 -28.74 -6.38 35.72
C PHE C 132 -27.33 -6.94 35.74
N PHE C 133 -26.98 -7.70 36.78
CA PHE C 133 -25.71 -8.40 36.85
C PHE C 133 -25.77 -9.78 36.22
N ASN C 134 -26.82 -10.06 35.46
CA ASN C 134 -27.01 -11.35 34.82
C ASN C 134 -28.01 -11.17 33.70
N PRO C 135 -27.70 -10.36 32.70
CA PRO C 135 -28.72 -9.83 31.80
C PRO C 135 -29.10 -10.84 30.72
N LYS C 136 -30.00 -10.40 29.84
CA LYS C 136 -30.42 -11.18 28.69
C LYS C 136 -29.66 -10.79 27.43
N TYR C 137 -29.73 -9.52 27.06
CA TYR C 137 -28.96 -9.01 25.93
C TYR C 137 -27.65 -8.41 26.43
N GLN C 138 -26.81 -7.98 25.50
CA GLN C 138 -25.48 -7.53 25.89
C GLN C 138 -25.52 -6.19 26.59
N HIS C 139 -26.16 -5.20 25.99
CA HIS C 139 -26.26 -3.91 26.66
C HIS C 139 -27.29 -3.98 27.78
N GLU C 140 -27.31 -2.93 28.60
CA GLU C 140 -28.20 -2.85 29.76
C GLU C 140 -27.94 -4.02 30.72
N GLY C 141 -26.69 -4.14 31.13
CA GLY C 141 -26.25 -5.19 32.03
C GLY C 141 -24.78 -5.47 31.81
N PHE C 142 -24.14 -6.00 32.85
CA PHE C 142 -22.69 -6.22 32.80
C PHE C 142 -22.30 -7.69 32.83
N TYR C 143 -22.77 -8.46 33.80
CA TYR C 143 -22.31 -9.84 34.03
C TYR C 143 -20.79 -9.90 34.19
N PHE C 144 -20.35 -9.38 35.33
CA PHE C 144 -18.94 -9.50 35.70
C PHE C 144 -18.60 -10.90 36.19
N GLY C 145 -19.54 -11.61 36.81
CA GLY C 145 -19.25 -12.91 37.35
C GLY C 145 -19.97 -13.23 38.64
N GLU C 146 -20.67 -12.24 39.20
CA GLU C 146 -21.48 -12.39 40.40
C GLU C 146 -20.63 -12.72 41.64
N THR C 147 -19.58 -11.93 41.85
CA THR C 147 -18.68 -12.15 42.98
C THR C 147 -17.72 -10.98 43.10
N PRO C 148 -17.43 -10.49 44.30
CA PRO C 148 -16.47 -9.37 44.43
C PRO C 148 -15.11 -9.67 43.86
N LEU C 149 -14.65 -10.91 43.93
CA LEU C 149 -13.37 -11.25 43.30
C LEU C 149 -13.50 -11.24 41.78
N ALA C 150 -14.63 -11.69 41.25
CA ALA C 150 -14.83 -11.63 39.81
C ALA C 150 -14.98 -10.20 39.32
N LEU C 151 -15.61 -9.34 40.11
CA LEU C 151 -15.75 -7.95 39.71
C LEU C 151 -14.41 -7.23 39.77
N ALA C 152 -13.64 -7.48 40.83
CA ALA C 152 -12.33 -6.85 40.93
C ALA C 152 -11.39 -7.33 39.85
N ALA C 153 -11.60 -8.54 39.33
CA ALA C 153 -10.75 -9.05 38.26
C ALA C 153 -11.23 -8.63 36.88
N CYS C 154 -12.54 -8.39 36.71
CA CYS C 154 -13.09 -8.01 35.42
C CYS C 154 -13.12 -6.50 35.20
N THR C 155 -12.83 -5.71 36.23
CA THR C 155 -12.70 -4.27 36.07
C THR C 155 -11.24 -3.82 36.11
N ASN C 156 -10.30 -4.76 35.98
CA ASN C 156 -8.88 -4.46 35.81
C ASN C 156 -8.35 -3.59 36.95
N GLN C 157 -8.36 -4.18 38.14
CA GLN C 157 -7.72 -3.56 39.30
C GLN C 157 -7.08 -4.66 40.14
N PRO C 158 -5.79 -4.94 39.89
CA PRO C 158 -5.16 -6.09 40.55
C PRO C 158 -4.89 -5.88 42.02
N GLU C 159 -4.78 -4.64 42.48
CA GLU C 159 -4.51 -4.42 43.90
C GLU C 159 -5.63 -4.98 44.77
N ILE C 160 -6.88 -4.71 44.40
CA ILE C 160 -8.01 -5.27 45.14
C ILE C 160 -8.11 -6.77 44.94
N VAL C 161 -7.68 -7.29 43.79
CA VAL C 161 -7.68 -8.73 43.58
C VAL C 161 -6.70 -9.40 44.54
N GLN C 162 -5.49 -8.84 44.67
CA GLN C 162 -4.53 -9.38 45.62
C GLN C 162 -5.07 -9.29 47.05
N LEU C 163 -5.75 -8.20 47.37
CA LEU C 163 -6.33 -8.05 48.70
C LEU C 163 -7.39 -9.11 48.96
N LEU C 164 -8.18 -9.44 47.95
CA LEU C 164 -9.20 -10.48 48.11
C LEU C 164 -8.58 -11.87 48.12
N MET C 165 -7.57 -12.10 47.28
CA MET C 165 -7.00 -13.43 47.11
C MET C 165 -6.38 -13.92 48.42
N GLU C 166 -5.40 -13.18 48.94
CA GLU C 166 -4.68 -13.58 50.15
C GLU C 166 -5.53 -13.34 51.40
N ASN C 167 -6.69 -13.99 51.41
CA ASN C 167 -7.62 -13.94 52.52
C ASN C 167 -8.09 -15.35 52.81
N GLU C 168 -8.31 -15.64 54.09
CA GLU C 168 -8.73 -16.98 54.47
C GLU C 168 -10.23 -17.18 54.32
N GLN C 169 -11.00 -16.10 54.24
CA GLN C 169 -12.45 -16.20 54.17
C GLN C 169 -12.97 -16.25 52.74
N THR C 170 -12.21 -15.75 51.78
CA THR C 170 -12.66 -15.74 50.39
C THR C 170 -12.78 -17.15 49.85
N ASP C 171 -13.80 -17.39 49.04
CA ASP C 171 -14.06 -18.69 48.45
C ASP C 171 -13.68 -18.59 46.97
N ILE C 172 -12.48 -19.09 46.65
CA ILE C 172 -11.92 -18.86 45.32
C ILE C 172 -12.63 -19.68 44.25
N THR C 173 -13.32 -20.75 44.63
CA THR C 173 -13.94 -21.64 43.64
C THR C 173 -15.46 -21.72 43.82
N SER C 174 -16.12 -20.58 43.97
CA SER C 174 -17.56 -20.54 44.21
C SER C 174 -18.28 -20.24 42.90
N GLN C 175 -18.97 -21.24 42.37
CA GLN C 175 -19.67 -21.09 41.10
C GLN C 175 -20.95 -20.30 41.29
N ASP C 176 -21.22 -19.42 40.33
CA ASP C 176 -22.38 -18.54 40.40
C ASP C 176 -23.60 -19.25 39.80
N SER C 177 -24.66 -18.50 39.51
CA SER C 177 -25.92 -19.06 39.05
C SER C 177 -25.87 -19.51 37.59
N ARG C 178 -24.80 -19.24 36.87
CA ARG C 178 -24.61 -19.78 35.53
C ARG C 178 -23.75 -21.03 35.52
N GLY C 179 -23.15 -21.37 36.66
CA GLY C 179 -22.14 -22.40 36.72
C GLY C 179 -20.72 -21.88 36.60
N ASN C 180 -20.55 -20.61 36.23
CA ASN C 180 -19.23 -20.05 35.98
C ASN C 180 -18.51 -19.78 37.30
N ASN C 181 -17.31 -20.33 37.45
CA ASN C 181 -16.43 -19.89 38.53
C ASN C 181 -15.70 -18.64 38.06
N ILE C 182 -14.65 -18.25 38.75
CA ILE C 182 -13.93 -17.03 38.38
C ILE C 182 -13.35 -17.13 36.98
N LEU C 183 -12.85 -18.31 36.60
CA LEU C 183 -12.17 -18.44 35.33
C LEU C 183 -13.11 -18.50 34.13
N HIS C 184 -14.30 -19.09 34.26
CA HIS C 184 -15.27 -18.99 33.18
C HIS C 184 -15.70 -17.55 32.96
N ALA C 185 -15.80 -16.77 34.04
CA ALA C 185 -16.16 -15.37 33.90
C ALA C 185 -15.08 -14.59 33.18
N LEU C 186 -13.81 -14.85 33.49
CA LEU C 186 -12.74 -14.15 32.81
C LEU C 186 -12.67 -14.49 31.33
N VAL C 187 -12.86 -15.75 30.96
CA VAL C 187 -12.90 -16.08 29.53
C VAL C 187 -14.22 -15.69 28.90
N THR C 188 -15.19 -15.22 29.69
CA THR C 188 -16.43 -14.71 29.11
C THR C 188 -16.31 -13.26 28.72
N VAL C 189 -15.66 -12.43 29.55
CA VAL C 189 -15.53 -11.01 29.25
C VAL C 189 -14.35 -10.68 28.35
N ALA C 190 -13.52 -11.66 28.01
CA ALA C 190 -12.29 -11.37 27.29
C ALA C 190 -12.58 -10.89 25.88
N GLU C 191 -11.86 -9.85 25.45
CA GLU C 191 -11.93 -9.36 24.08
C GLU C 191 -10.54 -9.29 23.48
N ASP C 192 -10.42 -8.70 22.29
CA ASP C 192 -9.16 -8.70 21.57
C ASP C 192 -8.30 -7.51 21.98
N PHE C 193 -7.05 -7.54 21.53
CA PHE C 193 -6.05 -6.57 21.98
C PHE C 193 -6.40 -5.15 21.59
N LYS C 194 -7.14 -4.97 20.49
CA LYS C 194 -7.43 -3.61 20.06
C LYS C 194 -8.61 -3.01 20.83
N THR C 195 -9.52 -3.83 21.33
CA THR C 195 -10.63 -3.31 22.12
C THR C 195 -10.19 -3.05 23.56
N GLN C 196 -9.83 -4.11 24.27
CA GLN C 196 -9.23 -4.00 25.59
C GLN C 196 -7.77 -4.45 25.51
N ASN C 197 -7.02 -4.17 26.57
CA ASN C 197 -5.64 -4.61 26.60
C ASN C 197 -5.60 -6.08 26.94
N ASP C 198 -4.43 -6.61 27.30
CA ASP C 198 -4.31 -8.00 27.70
C ASP C 198 -4.49 -8.20 29.20
N PHE C 199 -5.27 -7.36 29.87
CA PHE C 199 -5.35 -7.44 31.31
C PHE C 199 -6.10 -8.68 31.76
N VAL C 200 -6.97 -9.22 30.92
CA VAL C 200 -7.72 -10.41 31.31
C VAL C 200 -6.84 -11.64 31.29
N LYS C 201 -5.90 -11.71 30.36
CA LYS C 201 -4.94 -12.81 30.37
C LYS C 201 -4.03 -12.73 31.58
N ARG C 202 -3.57 -11.54 31.93
CA ARG C 202 -2.71 -11.38 33.10
C ARG C 202 -3.46 -11.71 34.38
N MET C 203 -4.71 -11.28 34.50
CA MET C 203 -5.50 -11.63 35.66
C MET C 203 -5.85 -13.11 35.68
N TYR C 204 -5.93 -13.75 34.52
CA TYR C 204 -6.19 -15.18 34.46
C TYR C 204 -5.05 -15.95 35.11
N ASP C 205 -3.81 -15.67 34.70
CA ASP C 205 -2.70 -16.41 35.31
C ASP C 205 -2.44 -15.96 36.73
N MET C 206 -2.75 -14.72 37.08
CA MET C 206 -2.60 -14.29 38.46
C MET C 206 -3.48 -15.11 39.39
N ILE C 207 -4.77 -15.22 39.06
CA ILE C 207 -5.69 -15.98 39.90
C ILE C 207 -5.34 -17.45 39.90
N LEU C 208 -5.01 -18.00 38.72
CA LEU C 208 -4.70 -19.41 38.62
C LEU C 208 -3.46 -19.76 39.45
N LEU C 209 -2.36 -19.06 39.21
CA LEU C 209 -1.12 -19.38 39.91
C LEU C 209 -1.24 -19.12 41.40
N ARG C 210 -1.93 -18.05 41.78
CA ARG C 210 -2.00 -17.71 43.20
C ARG C 210 -2.90 -18.66 43.98
N SER C 211 -3.86 -19.33 43.33
CA SER C 211 -4.52 -20.43 44.02
C SER C 211 -3.67 -21.69 43.91
N GLY C 212 -3.54 -22.22 42.70
CA GLY C 212 -2.57 -23.24 42.38
C GLY C 212 -3.16 -24.62 42.50
N ASN C 213 -3.67 -25.15 41.40
CA ASN C 213 -4.33 -26.45 41.35
C ASN C 213 -4.83 -26.66 39.93
N TRP C 214 -5.31 -27.87 39.66
CA TRP C 214 -6.10 -28.12 38.48
C TRP C 214 -7.60 -28.09 38.78
N GLU C 215 -7.98 -27.91 40.04
CA GLU C 215 -9.39 -27.96 40.41
C GLU C 215 -10.16 -26.81 39.81
N LEU C 216 -9.50 -25.66 39.64
CA LEU C 216 -10.20 -24.48 39.14
C LEU C 216 -10.35 -24.50 37.63
N GLU C 217 -9.51 -25.26 36.94
CA GLU C 217 -9.53 -25.30 35.49
C GLU C 217 -10.07 -26.62 34.93
N THR C 218 -10.72 -27.42 35.77
CA THR C 218 -11.49 -28.57 35.30
C THR C 218 -12.92 -28.53 35.79
N MET C 219 -13.34 -27.46 36.45
CA MET C 219 -14.72 -27.32 36.86
C MET C 219 -15.62 -27.23 35.63
N ARG C 220 -16.84 -27.72 35.78
CA ARG C 220 -17.77 -27.83 34.66
C ARG C 220 -18.81 -26.73 34.76
N ASN C 221 -18.93 -25.96 33.70
CA ASN C 221 -20.00 -25.00 33.54
C ASN C 221 -21.35 -25.72 33.62
N ASN C 222 -22.43 -24.94 33.70
CA ASN C 222 -23.75 -25.55 33.63
C ASN C 222 -24.05 -26.14 32.26
N ASP C 223 -23.18 -25.91 31.28
CA ASP C 223 -23.27 -26.53 29.97
C ASP C 223 -22.24 -27.64 29.80
N GLY C 224 -21.56 -28.02 30.86
CA GLY C 224 -20.51 -29.01 30.74
C GLY C 224 -19.30 -28.50 29.98
N LEU C 225 -18.87 -27.28 30.27
CA LEU C 225 -17.77 -26.65 29.53
C LEU C 225 -16.69 -26.23 30.52
N THR C 226 -15.54 -26.88 30.43
CA THR C 226 -14.33 -26.44 31.12
C THR C 226 -14.01 -25.00 30.69
N PRO C 227 -13.36 -24.20 31.54
CA PRO C 227 -12.99 -22.84 31.12
C PRO C 227 -12.11 -22.79 29.88
N LEU C 228 -11.62 -23.92 29.39
CA LEU C 228 -10.91 -23.96 28.11
C LEU C 228 -11.88 -24.13 26.95
N GLN C 229 -12.78 -25.11 27.04
CA GLN C 229 -13.76 -25.31 25.98
C GLN C 229 -14.72 -24.15 25.87
N LEU C 230 -14.90 -23.36 26.92
CA LEU C 230 -15.66 -22.14 26.80
C LEU C 230 -14.92 -21.12 25.94
N ALA C 231 -13.62 -20.95 26.15
CA ALA C 231 -12.82 -20.07 25.32
C ALA C 231 -12.80 -20.49 23.88
N ALA C 232 -12.99 -21.78 23.59
CA ALA C 232 -13.10 -22.25 22.22
C ALA C 232 -14.51 -22.15 21.66
N LYS C 233 -15.53 -22.26 22.51
CA LYS C 233 -16.90 -22.21 22.03
C LYS C 233 -17.36 -20.81 21.70
N MET C 234 -16.79 -19.78 22.33
CA MET C 234 -17.14 -18.41 21.97
C MET C 234 -16.03 -17.68 21.26
N GLY C 235 -14.94 -18.36 20.93
CA GLY C 235 -13.94 -17.82 20.04
C GLY C 235 -13.05 -16.75 20.62
N LYS C 236 -12.51 -16.98 21.82
CA LYS C 236 -11.57 -16.05 22.44
C LYS C 236 -10.17 -16.47 22.06
N ALA C 237 -9.73 -16.05 20.88
CA ALA C 237 -8.48 -16.54 20.33
C ALA C 237 -7.27 -16.14 21.18
N GLU C 238 -7.34 -15.01 21.87
CA GLU C 238 -6.18 -14.53 22.61
C GLU C 238 -5.98 -15.32 23.89
N ILE C 239 -7.03 -15.50 24.69
CA ILE C 239 -6.88 -16.17 25.97
C ILE C 239 -6.80 -17.67 25.73
N LEU C 240 -7.27 -18.12 24.57
CA LEU C 240 -7.09 -19.51 24.16
C LEU C 240 -5.66 -19.81 23.73
N LYS C 241 -5.06 -18.91 22.94
CA LYS C 241 -3.65 -19.05 22.63
C LYS C 241 -2.81 -19.07 23.88
N TYR C 242 -3.20 -18.31 24.90
CA TYR C 242 -2.44 -18.31 26.14
C TYR C 242 -2.58 -19.64 26.87
N ILE C 243 -3.79 -20.20 26.93
CA ILE C 243 -3.99 -21.43 27.70
C ILE C 243 -3.29 -22.60 27.05
N LEU C 244 -3.37 -22.72 25.73
CA LEU C 244 -2.89 -23.93 25.06
C LEU C 244 -1.38 -24.09 25.16
N SER C 245 -0.64 -22.98 25.23
CA SER C 245 0.81 -23.01 25.39
C SER C 245 1.14 -22.14 26.59
N ARG C 246 1.04 -22.73 27.77
CA ARG C 246 1.20 -22.02 29.03
C ARG C 246 2.26 -22.76 29.83
N GLU C 247 3.42 -22.15 30.00
CA GLU C 247 4.54 -22.76 30.69
C GLU C 247 4.86 -21.99 31.96
N ILE C 248 4.95 -22.72 33.07
CA ILE C 248 5.31 -22.15 34.37
C ILE C 248 6.71 -22.66 34.69
N LYS C 249 7.68 -21.75 34.69
CA LYS C 249 9.09 -22.12 34.83
C LYS C 249 9.55 -22.13 36.29
N GLU C 250 8.64 -22.37 37.22
CA GLU C 250 8.96 -22.42 38.65
C GLU C 250 8.76 -23.84 39.16
N LYS C 251 9.63 -24.27 40.05
CA LYS C 251 9.59 -25.67 40.49
C LYS C 251 8.30 -26.07 41.20
N PRO C 252 7.74 -25.28 42.12
CA PRO C 252 6.50 -25.76 42.77
C PRO C 252 5.29 -25.74 41.87
N LEU C 253 5.23 -24.84 40.89
CA LEU C 253 4.07 -24.69 40.02
C LEU C 253 4.36 -25.15 38.59
N ARG C 254 5.42 -25.91 38.39
CA ARG C 254 5.72 -26.46 37.08
C ARG C 254 4.63 -27.45 36.65
N SER C 255 3.89 -28.00 37.61
CA SER C 255 2.97 -29.08 37.31
C SER C 255 1.76 -28.60 36.53
N LEU C 256 1.28 -27.39 36.82
CA LEU C 256 0.11 -26.88 36.12
C LEU C 256 0.46 -26.03 34.90
N SER C 257 1.30 -26.56 34.02
CA SER C 257 1.57 -25.96 32.73
C SER C 257 1.14 -26.92 31.63
N ARG C 258 1.05 -26.40 30.42
CA ARG C 258 0.59 -27.19 29.28
C ARG C 258 1.61 -27.26 28.17
N LYS C 259 2.87 -26.94 28.45
CA LYS C 259 3.91 -26.97 27.44
C LYS C 259 5.25 -27.09 28.16
N PHE C 260 5.92 -28.22 27.99
CA PHE C 260 7.14 -28.52 28.72
C PHE C 260 8.30 -28.60 27.74
N THR C 261 9.45 -28.09 28.12
CA THR C 261 10.63 -28.17 27.27
C THR C 261 11.45 -29.40 27.64
N ASP C 262 11.77 -30.23 26.64
CA ASP C 262 12.49 -31.47 26.93
C ASP C 262 13.99 -31.26 27.07
N TRP C 263 14.66 -30.88 25.99
CA TRP C 263 16.11 -30.87 26.04
C TRP C 263 16.73 -29.51 25.76
N ALA C 264 16.44 -28.87 24.64
CA ALA C 264 16.87 -27.49 24.39
C ALA C 264 18.38 -27.31 24.61
N TYR C 265 19.16 -27.91 23.71
CA TYR C 265 20.61 -27.84 23.87
C TYR C 265 21.16 -26.43 23.67
N GLY C 266 21.05 -25.90 22.46
CA GLY C 266 21.54 -24.57 22.20
C GLY C 266 20.40 -23.67 21.78
N PRO C 267 20.37 -23.29 20.51
CA PRO C 267 19.13 -22.75 19.96
C PRO C 267 18.04 -23.79 19.83
N VAL C 268 18.38 -24.99 19.35
CA VAL C 268 17.39 -26.02 19.14
C VAL C 268 16.73 -26.41 20.45
N SER C 269 15.43 -26.67 20.40
CA SER C 269 14.68 -27.02 21.60
C SER C 269 13.46 -27.83 21.20
N SER C 270 13.19 -28.89 21.94
CA SER C 270 12.07 -29.77 21.67
C SER C 270 11.07 -29.65 22.79
N SER C 271 10.03 -28.86 22.58
CA SER C 271 9.00 -28.65 23.57
C SER C 271 7.78 -29.47 23.21
N LEU C 272 7.25 -30.19 24.20
CA LEU C 272 6.09 -31.05 24.00
C LEU C 272 4.86 -30.40 24.63
N TYR C 273 3.77 -30.38 23.88
CA TYR C 273 2.53 -29.70 24.25
C TYR C 273 1.57 -30.69 24.85
N ASP C 274 1.02 -30.37 26.01
CA ASP C 274 0.00 -31.21 26.61
C ASP C 274 -1.22 -31.27 25.70
N LEU C 275 -1.70 -32.48 25.46
CA LEU C 275 -2.74 -32.74 24.48
C LEU C 275 -3.97 -33.37 25.10
N THR C 276 -4.17 -33.20 26.40
CA THR C 276 -5.21 -33.95 27.10
C THR C 276 -6.59 -33.69 26.52
N ASN C 277 -7.01 -32.42 26.50
CA ASN C 277 -8.38 -32.11 26.16
C ASN C 277 -8.48 -31.26 24.89
N VAL C 278 -7.47 -31.31 24.02
CA VAL C 278 -7.49 -30.60 22.76
C VAL C 278 -7.46 -31.54 21.57
N ASP C 279 -7.55 -32.84 21.80
CA ASP C 279 -7.58 -33.83 20.76
C ASP C 279 -8.90 -34.57 20.82
N THR C 280 -9.38 -35.04 19.67
CA THR C 280 -10.69 -35.65 19.59
C THR C 280 -10.68 -37.08 20.11
N THR C 281 -10.20 -37.26 21.34
CA THR C 281 -10.28 -38.55 22.00
C THR C 281 -11.55 -38.68 22.82
N THR C 282 -12.10 -37.56 23.28
CA THR C 282 -13.28 -37.56 24.13
C THR C 282 -14.40 -36.71 23.54
N ASP C 283 -15.45 -36.48 24.31
CA ASP C 283 -16.59 -35.70 23.85
C ASP C 283 -16.32 -34.22 24.06
N ASN C 284 -16.64 -33.41 23.05
CA ASN C 284 -16.44 -31.96 23.10
C ASN C 284 -14.99 -31.60 23.41
N SER C 285 -14.10 -32.03 22.52
CA SER C 285 -12.71 -31.61 22.59
C SER C 285 -12.63 -30.18 22.06
N VAL C 286 -11.42 -29.66 21.90
CA VAL C 286 -11.27 -28.31 21.38
C VAL C 286 -11.21 -28.29 19.86
N LEU C 287 -10.67 -29.32 19.22
CA LEU C 287 -10.77 -29.41 17.77
C LEU C 287 -12.23 -29.48 17.33
N GLU C 288 -13.00 -30.39 17.91
CA GLU C 288 -14.39 -30.53 17.47
C GLU C 288 -15.17 -29.25 17.71
N ILE C 289 -14.91 -28.56 18.82
CA ILE C 289 -15.61 -27.32 19.12
C ILE C 289 -15.20 -26.20 18.19
N ILE C 290 -13.92 -26.10 17.84
CA ILE C 290 -13.47 -25.03 16.97
C ILE C 290 -13.89 -25.28 15.52
N VAL C 291 -13.80 -26.53 15.06
CA VAL C 291 -14.09 -26.83 13.65
C VAL C 291 -15.60 -26.79 13.40
N TYR C 292 -16.39 -27.37 14.30
CA TYR C 292 -17.83 -27.46 14.11
C TYR C 292 -18.57 -26.26 14.69
N ASN C 293 -17.93 -25.10 14.76
CA ASN C 293 -18.53 -23.92 15.37
C ASN C 293 -19.07 -23.03 14.27
N THR C 294 -20.29 -23.32 13.83
CA THR C 294 -20.95 -22.47 12.84
C THR C 294 -21.71 -21.33 13.52
N ASN C 295 -21.02 -20.63 14.41
CA ASN C 295 -21.60 -19.49 15.10
C ASN C 295 -20.62 -18.35 15.28
N ILE C 296 -19.36 -18.52 14.87
CA ILE C 296 -18.34 -17.49 14.99
C ILE C 296 -17.57 -17.42 13.68
N ASP C 297 -16.84 -16.32 13.51
CA ASP C 297 -16.02 -16.12 12.34
C ASP C 297 -14.53 -16.14 12.63
N ASN C 298 -14.14 -16.37 13.88
CA ASN C 298 -12.75 -16.39 14.29
C ASN C 298 -12.12 -17.77 14.13
N ARG C 299 -12.70 -18.65 13.32
CA ARG C 299 -12.27 -20.04 13.30
C ARG C 299 -10.91 -20.18 12.64
N HIS C 300 -10.80 -19.76 11.38
CA HIS C 300 -9.57 -19.97 10.62
C HIS C 300 -8.37 -19.25 11.22
N GLU C 301 -8.58 -18.35 12.18
CA GLU C 301 -7.50 -17.72 12.90
C GLU C 301 -7.26 -18.36 14.26
N MET C 302 -8.06 -19.36 14.61
CA MET C 302 -7.85 -20.16 15.81
C MET C 302 -7.27 -21.52 15.51
N LEU C 303 -7.30 -21.96 14.26
CA LEU C 303 -6.67 -23.22 13.87
C LEU C 303 -5.18 -23.07 13.62
N THR C 304 -4.63 -21.88 13.71
CA THR C 304 -3.20 -21.69 13.49
C THR C 304 -2.39 -21.74 14.77
N LEU C 305 -3.03 -21.89 15.92
CA LEU C 305 -2.30 -22.04 17.17
C LEU C 305 -1.57 -23.38 17.17
N GLU C 306 -0.58 -23.49 18.07
CA GLU C 306 0.49 -24.46 17.89
C GLU C 306 0.05 -25.92 17.96
N PRO C 307 -0.63 -26.37 19.03
CA PRO C 307 -1.01 -27.78 19.08
C PRO C 307 -2.00 -28.16 17.98
N LEU C 308 -3.01 -27.32 17.73
CA LEU C 308 -4.01 -27.65 16.73
C LEU C 308 -3.47 -27.67 15.32
N HIS C 309 -2.49 -26.83 15.00
CA HIS C 309 -1.90 -26.85 13.67
C HIS C 309 -1.14 -28.14 13.42
N THR C 310 -0.22 -28.50 14.31
CA THR C 310 0.51 -29.74 14.12
C THR C 310 -0.38 -30.96 14.26
N LEU C 311 -1.49 -30.84 14.99
CA LEU C 311 -2.42 -31.95 15.14
C LEU C 311 -3.13 -32.25 13.84
N LEU C 312 -3.66 -31.22 13.18
CA LEU C 312 -4.38 -31.45 11.94
C LEU C 312 -3.44 -31.89 10.82
N HIS C 313 -2.19 -31.45 10.83
CA HIS C 313 -1.27 -31.94 9.82
C HIS C 313 -0.94 -33.41 10.04
N THR C 314 -0.71 -33.83 11.29
CA THR C 314 -0.44 -35.24 11.54
C THR C 314 -1.61 -36.11 11.12
N LYS C 315 -2.84 -35.62 11.26
CA LYS C 315 -3.98 -36.39 10.77
C LYS C 315 -3.99 -36.44 9.25
N TRP C 316 -3.76 -35.32 8.57
CA TRP C 316 -3.60 -35.41 7.12
C TRP C 316 -2.17 -35.80 6.79
N LYS C 317 -1.65 -36.77 7.51
CA LYS C 317 -0.49 -37.52 7.08
C LYS C 317 -0.61 -39.01 7.36
N LYS C 318 -1.42 -39.42 8.32
CA LYS C 318 -1.55 -40.81 8.68
C LYS C 318 -2.71 -41.51 7.99
N PHE C 319 -3.92 -40.97 8.09
CA PHE C 319 -5.07 -41.69 7.55
C PHE C 319 -5.98 -40.84 6.68
N ALA C 320 -6.01 -39.52 6.90
CA ALA C 320 -7.01 -38.72 6.22
C ALA C 320 -6.65 -38.51 4.75
N LYS C 321 -5.36 -38.42 4.43
CA LYS C 321 -4.97 -38.24 3.04
C LYS C 321 -5.43 -39.38 2.15
N TYR C 322 -5.29 -40.62 2.63
CA TYR C 322 -5.65 -41.80 1.85
C TYR C 322 -7.15 -42.06 1.85
N MET C 323 -7.85 -41.78 2.93
CA MET C 323 -9.30 -41.90 2.90
C MET C 323 -9.92 -40.87 1.98
N PHE C 324 -9.29 -39.70 1.85
CA PHE C 324 -9.78 -38.69 0.92
C PHE C 324 -9.59 -39.14 -0.51
N PHE C 325 -8.38 -39.55 -0.87
CA PHE C 325 -8.14 -40.03 -2.23
C PHE C 325 -9.01 -41.23 -2.55
N LEU C 326 -9.21 -42.12 -1.59
CA LEU C 326 -10.06 -43.29 -1.81
C LEU C 326 -11.51 -42.88 -2.06
N SER C 327 -12.01 -41.90 -1.30
CA SER C 327 -13.35 -41.39 -1.53
C SER C 327 -13.47 -40.73 -2.90
N PHE C 328 -12.42 -40.05 -3.35
CA PHE C 328 -12.47 -39.42 -4.67
C PHE C 328 -12.54 -40.46 -5.78
N CYS C 329 -11.78 -41.55 -5.66
CA CYS C 329 -11.86 -42.61 -6.65
C CYS C 329 -13.24 -43.26 -6.67
N PHE C 330 -13.84 -43.50 -5.51
CA PHE C 330 -15.18 -44.07 -5.51
C PHE C 330 -16.22 -43.17 -6.15
N TYR C 331 -16.18 -41.86 -5.88
CA TYR C 331 -17.12 -40.95 -6.51
C TYR C 331 -16.83 -40.72 -7.98
N PHE C 332 -15.57 -40.74 -8.39
CA PHE C 332 -15.26 -40.61 -9.81
C PHE C 332 -15.82 -41.78 -10.60
N PHE C 333 -15.60 -43.01 -10.11
CA PHE C 333 -16.13 -44.17 -10.81
C PHE C 333 -17.65 -44.25 -10.76
N TYR C 334 -18.27 -43.74 -9.71
CA TYR C 334 -19.73 -43.67 -9.68
C TYR C 334 -20.26 -42.68 -10.70
N ASN C 335 -19.55 -41.57 -10.92
CA ASN C 335 -19.98 -40.61 -11.94
C ASN C 335 -19.80 -41.17 -13.34
N ILE C 336 -18.65 -41.76 -13.64
CA ILE C 336 -18.44 -42.34 -14.97
C ILE C 336 -19.47 -43.43 -15.24
N THR C 337 -19.67 -44.34 -14.31
CA THR C 337 -20.66 -45.39 -14.50
C THR C 337 -22.06 -44.81 -14.64
N LEU C 338 -22.31 -43.64 -14.06
CA LEU C 338 -23.61 -43.00 -14.28
C LEU C 338 -23.71 -42.37 -15.66
N THR C 339 -22.60 -41.86 -16.20
CA THR C 339 -22.65 -41.16 -17.47
C THR C 339 -22.41 -42.06 -18.67
N LEU C 340 -22.06 -43.32 -18.45
CA LEU C 340 -21.98 -44.27 -19.56
C LEU C 340 -23.25 -45.11 -19.70
N VAL C 341 -23.98 -45.35 -18.62
CA VAL C 341 -25.26 -46.03 -18.68
C VAL C 341 -26.39 -45.04 -18.96
N SER C 342 -26.07 -43.77 -19.18
CA SER C 342 -27.04 -42.76 -19.54
C SER C 342 -26.81 -42.15 -20.90
N TYR C 343 -25.58 -42.19 -21.41
CA TYR C 343 -25.29 -41.73 -22.75
C TYR C 343 -25.35 -42.86 -23.77
N TYR C 344 -25.18 -44.10 -23.34
CA TYR C 344 -25.28 -45.28 -24.19
C TYR C 344 -26.59 -46.02 -23.95
N ARG C 345 -27.68 -45.30 -23.73
CA ARG C 345 -28.99 -45.90 -23.55
C ARG C 345 -29.34 -46.81 -24.73
N PRO C 346 -30.24 -47.77 -24.55
CA PRO C 346 -30.76 -48.52 -25.69
C PRO C 346 -31.82 -47.69 -26.42
N ARG C 347 -31.59 -47.46 -27.70
CA ARG C 347 -32.47 -46.64 -28.54
C ARG C 347 -32.69 -45.25 -27.94
N LEU C 365 -23.07 -59.27 -19.71
CA LEU C 365 -22.15 -59.21 -18.58
C LEU C 365 -21.43 -57.87 -18.57
N GLN C 366 -20.89 -57.51 -17.41
CA GLN C 366 -20.24 -56.21 -17.19
C GLN C 366 -21.18 -55.06 -17.49
N LEU C 367 -22.48 -55.28 -17.25
CA LEU C 367 -23.46 -54.21 -17.18
C LEU C 367 -24.12 -54.17 -15.80
N LEU C 368 -23.44 -54.68 -14.78
CA LEU C 368 -23.91 -54.49 -13.41
C LEU C 368 -23.73 -53.05 -12.95
N GLY C 369 -23.16 -52.19 -13.78
CA GLY C 369 -22.97 -50.79 -13.46
C GLY C 369 -24.26 -50.07 -13.13
N ARG C 370 -25.38 -50.52 -13.69
CA ARG C 370 -26.66 -49.88 -13.40
C ARG C 370 -27.07 -50.10 -11.95
N MET C 371 -26.93 -51.34 -11.46
CA MET C 371 -27.27 -51.60 -10.06
C MET C 371 -26.19 -51.06 -9.13
N PHE C 372 -24.96 -50.95 -9.61
CA PHE C 372 -23.93 -50.27 -8.83
C PHE C 372 -24.30 -48.82 -8.59
N VAL C 373 -24.71 -48.13 -9.65
CA VAL C 373 -25.12 -46.73 -9.52
C VAL C 373 -26.28 -46.60 -8.55
N LEU C 374 -27.25 -47.51 -8.65
CA LEU C 374 -28.39 -47.48 -7.73
C LEU C 374 -27.94 -47.69 -6.30
N ILE C 375 -27.00 -48.61 -6.08
CA ILE C 375 -26.53 -48.92 -4.73
C ILE C 375 -25.85 -47.70 -4.12
N TRP C 376 -24.94 -47.07 -4.88
CA TRP C 376 -24.19 -45.96 -4.33
C TRP C 376 -25.01 -44.68 -4.28
N ALA C 377 -26.06 -44.59 -5.10
CA ALA C 377 -27.00 -43.50 -4.95
C ALA C 377 -27.77 -43.64 -3.65
N THR C 378 -28.16 -44.87 -3.29
CA THR C 378 -28.86 -45.08 -2.01
C THR C 378 -27.94 -44.74 -0.85
N CYS C 379 -26.70 -45.24 -0.89
CA CYS C 379 -25.70 -44.92 0.11
C CYS C 379 -25.54 -43.42 0.31
N ILE C 380 -25.25 -42.69 -0.79
CA ILE C 380 -24.95 -41.27 -0.68
C ILE C 380 -26.17 -40.49 -0.21
N SER C 381 -27.36 -40.87 -0.69
CA SER C 381 -28.57 -40.16 -0.28
C SER C 381 -28.81 -40.30 1.21
N VAL C 382 -28.71 -41.53 1.73
CA VAL C 382 -28.96 -41.77 3.16
C VAL C 382 -27.94 -41.02 4.00
N LYS C 383 -26.66 -41.21 3.68
CA LYS C 383 -25.58 -40.61 4.46
C LYS C 383 -25.68 -39.09 4.49
N GLU C 384 -25.94 -38.47 3.33
CA GLU C 384 -25.99 -37.02 3.28
C GLU C 384 -27.24 -36.48 3.95
N GLY C 385 -28.34 -37.23 3.89
CA GLY C 385 -29.53 -36.81 4.61
C GLY C 385 -29.31 -36.77 6.11
N ILE C 386 -28.61 -37.76 6.64
CA ILE C 386 -28.24 -37.73 8.06
C ILE C 386 -27.36 -36.52 8.35
N ALA C 387 -26.37 -36.24 7.50
CA ALA C 387 -25.49 -35.11 7.74
C ALA C 387 -26.25 -33.79 7.76
N ILE C 388 -27.29 -33.67 6.93
CA ILE C 388 -28.07 -32.43 6.91
C ILE C 388 -28.92 -32.32 8.18
N PHE C 389 -29.44 -33.44 8.67
CA PHE C 389 -30.23 -33.39 9.90
C PHE C 389 -29.37 -33.05 11.11
N LEU C 390 -28.09 -33.40 11.07
CA LEU C 390 -27.21 -33.05 12.18
C LEU C 390 -26.68 -31.62 12.04
N LEU C 391 -26.53 -31.14 10.81
CA LEU C 391 -25.98 -29.79 10.61
C LEU C 391 -26.97 -28.70 11.01
N ARG C 392 -28.27 -29.01 10.97
CA ARG C 392 -29.33 -28.09 11.36
C ARG C 392 -29.23 -26.79 10.56
N PRO C 393 -29.51 -26.80 9.27
CA PRO C 393 -29.33 -25.61 8.44
C PRO C 393 -30.44 -24.57 8.57
N SER C 394 -31.26 -24.63 9.62
CA SER C 394 -32.35 -23.67 9.78
C SER C 394 -31.82 -22.25 9.94
N ASP C 395 -30.68 -22.10 10.61
CA ASP C 395 -30.08 -20.78 10.76
C ASP C 395 -29.62 -20.22 9.43
N LEU C 396 -29.82 -18.93 9.24
CA LEU C 396 -29.59 -18.29 7.95
C LEU C 396 -28.11 -18.31 7.59
N GLN C 397 -27.82 -18.48 6.30
CA GLN C 397 -26.50 -18.42 5.67
C GLN C 397 -25.67 -19.67 5.99
N SER C 398 -26.13 -20.55 6.88
CA SER C 398 -25.32 -21.71 7.23
C SER C 398 -25.25 -22.71 6.06
N ILE C 399 -26.32 -22.79 5.27
CA ILE C 399 -26.34 -23.75 4.17
C ILE C 399 -25.27 -23.40 3.14
N LEU C 400 -25.03 -22.11 2.92
CA LEU C 400 -23.94 -21.69 2.06
C LEU C 400 -22.61 -21.68 2.81
N SER C 401 -22.67 -21.86 4.13
CA SER C 401 -21.47 -21.65 4.94
C SER C 401 -20.68 -22.93 5.11
N ASP C 402 -21.35 -24.03 5.45
CA ASP C 402 -20.66 -25.30 5.73
C ASP C 402 -21.29 -26.51 5.06
N ALA C 403 -22.56 -26.46 4.70
CA ALA C 403 -23.25 -27.64 4.18
C ALA C 403 -23.73 -27.47 2.76
N TRP C 404 -23.03 -26.67 1.95
CA TRP C 404 -23.42 -26.56 0.54
C TRP C 404 -23.22 -27.87 -0.19
N PHE C 405 -22.07 -28.51 0.02
CA PHE C 405 -21.80 -29.74 -0.72
C PHE C 405 -22.56 -30.92 -0.12
N HIS C 406 -22.95 -30.84 1.15
CA HIS C 406 -23.88 -31.82 1.68
C HIS C 406 -25.20 -31.78 0.93
N PHE C 407 -25.75 -30.57 0.75
CA PHE C 407 -27.01 -30.40 0.05
C PHE C 407 -26.89 -30.82 -1.41
N VAL C 408 -25.78 -30.48 -2.07
CA VAL C 408 -25.64 -30.80 -3.48
C VAL C 408 -25.46 -32.28 -3.71
N PHE C 409 -24.66 -32.96 -2.88
CA PHE C 409 -24.51 -34.41 -3.02
C PHE C 409 -25.85 -35.11 -2.77
N PHE C 410 -26.65 -34.57 -1.84
CA PHE C 410 -27.96 -35.16 -1.58
C PHE C 410 -28.89 -34.97 -2.77
N VAL C 411 -28.90 -33.78 -3.35
CA VAL C 411 -29.79 -33.50 -4.49
C VAL C 411 -29.45 -34.43 -5.65
N GLN C 412 -28.17 -34.58 -5.96
CA GLN C 412 -27.80 -35.41 -7.11
C GLN C 412 -28.12 -36.87 -6.86
N ALA C 413 -27.88 -37.37 -5.65
CA ALA C 413 -28.21 -38.77 -5.37
C ALA C 413 -29.71 -39.02 -5.39
N VAL C 414 -30.53 -38.09 -4.91
CA VAL C 414 -31.97 -38.32 -4.89
C VAL C 414 -32.51 -38.17 -6.29
N LEU C 415 -31.83 -37.38 -7.13
CA LEU C 415 -32.26 -37.25 -8.52
C LEU C 415 -32.09 -38.57 -9.26
N VAL C 416 -30.94 -39.22 -9.09
CA VAL C 416 -30.76 -40.55 -9.67
C VAL C 416 -31.78 -41.52 -9.10
N ILE C 417 -32.11 -41.40 -7.82
CA ILE C 417 -33.10 -42.28 -7.22
C ILE C 417 -34.44 -42.17 -7.94
N LEU C 418 -35.01 -40.97 -7.96
CA LEU C 418 -36.35 -40.91 -8.54
C LEU C 418 -36.33 -41.01 -10.05
N SER C 419 -35.17 -40.98 -10.70
CA SER C 419 -35.08 -41.31 -12.11
C SER C 419 -35.08 -42.81 -12.34
N VAL C 420 -34.78 -43.61 -11.33
CA VAL C 420 -34.98 -45.05 -11.39
C VAL C 420 -36.40 -45.41 -10.96
N PHE C 421 -36.97 -44.70 -10.00
CA PHE C 421 -38.33 -44.96 -9.57
C PHE C 421 -39.31 -44.17 -10.42
N LEU C 422 -38.90 -43.83 -11.64
CA LEU C 422 -39.78 -43.28 -12.66
C LEU C 422 -39.62 -44.07 -13.95
N TYR C 423 -38.42 -44.62 -14.15
CA TYR C 423 -38.12 -45.36 -15.37
C TYR C 423 -38.94 -46.63 -15.47
N LEU C 424 -39.11 -47.33 -14.35
CA LEU C 424 -39.82 -48.60 -14.34
C LEU C 424 -41.16 -48.55 -13.61
N PHE C 425 -41.29 -47.72 -12.58
CA PHE C 425 -42.50 -47.76 -11.77
C PHE C 425 -43.66 -47.08 -12.47
N ALA C 426 -43.41 -45.99 -13.18
CA ALA C 426 -44.48 -45.25 -13.84
C ALA C 426 -44.27 -45.05 -15.33
N TYR C 427 -43.05 -45.27 -15.85
CA TYR C 427 -42.75 -45.19 -17.28
C TYR C 427 -43.13 -43.81 -17.84
N LYS C 428 -42.40 -42.81 -17.36
CA LYS C 428 -42.59 -41.41 -17.71
C LYS C 428 -41.27 -40.83 -18.24
N GLU C 429 -41.24 -39.51 -18.38
CA GLU C 429 -40.03 -38.81 -18.78
C GLU C 429 -38.98 -38.89 -17.68
N TYR C 430 -38.05 -39.83 -17.84
CA TYR C 430 -37.02 -40.10 -16.84
C TYR C 430 -35.67 -39.55 -17.25
N LEU C 431 -35.62 -38.68 -18.26
CA LEU C 431 -34.35 -38.13 -18.71
C LEU C 431 -34.03 -36.80 -18.07
N ALA C 432 -35.04 -36.01 -17.70
CA ALA C 432 -34.76 -34.76 -17.01
C ALA C 432 -33.99 -35.00 -15.72
N CYS C 433 -34.41 -35.96 -14.91
CA CYS C 433 -33.71 -36.29 -13.67
C CYS C 433 -32.34 -36.89 -13.91
N LEU C 434 -32.22 -37.81 -14.85
CA LEU C 434 -30.93 -38.46 -15.09
C LEU C 434 -29.91 -37.48 -15.62
N VAL C 435 -30.31 -36.59 -16.53
CA VAL C 435 -29.35 -35.67 -17.13
C VAL C 435 -28.98 -34.57 -16.14
N LEU C 436 -29.95 -34.06 -15.40
CA LEU C 436 -29.62 -33.12 -14.32
C LEU C 436 -28.63 -33.74 -13.34
N ALA C 437 -28.83 -35.02 -13.02
CA ALA C 437 -27.93 -35.68 -12.07
C ALA C 437 -26.53 -35.84 -12.66
N MET C 438 -26.42 -36.04 -13.96
CA MET C 438 -25.10 -36.15 -14.58
C MET C 438 -24.31 -34.86 -14.49
N ALA C 439 -24.89 -33.75 -14.94
CA ALA C 439 -24.21 -32.47 -14.85
C ALA C 439 -23.87 -32.08 -13.42
N LEU C 440 -24.80 -32.28 -12.49
CA LEU C 440 -24.50 -32.00 -11.10
C LEU C 440 -23.35 -32.84 -10.57
N GLY C 441 -23.22 -34.08 -11.03
CA GLY C 441 -22.11 -34.91 -10.58
C GLY C 441 -20.76 -34.29 -10.85
N TRP C 442 -20.60 -33.70 -12.03
CA TRP C 442 -19.28 -33.16 -12.36
C TRP C 442 -18.97 -31.89 -11.57
N ALA C 443 -19.98 -31.07 -11.28
CA ALA C 443 -19.75 -29.98 -10.33
C ALA C 443 -19.26 -30.48 -8.97
N ASN C 444 -19.76 -31.63 -8.54
CA ASN C 444 -19.28 -32.15 -7.25
C ASN C 444 -17.83 -32.58 -7.31
N MET C 445 -17.31 -32.95 -8.49
CA MET C 445 -15.87 -33.15 -8.55
C MET C 445 -15.12 -31.89 -8.14
N LEU C 446 -15.65 -30.72 -8.49
CA LEU C 446 -15.06 -29.49 -7.96
C LEU C 446 -14.98 -29.50 -6.44
N TYR C 447 -15.94 -30.13 -5.76
CA TYR C 447 -15.77 -30.31 -4.31
C TYR C 447 -14.47 -31.01 -3.98
N TYR C 448 -14.10 -32.02 -4.75
CA TYR C 448 -12.95 -32.86 -4.40
C TYR C 448 -11.62 -32.16 -4.62
N THR C 449 -11.61 -30.87 -4.92
CA THR C 449 -10.34 -30.15 -4.99
C THR C 449 -9.74 -29.77 -3.64
N ARG C 450 -10.40 -30.05 -2.53
CA ARG C 450 -9.90 -29.67 -1.21
C ARG C 450 -8.54 -30.27 -0.89
N GLY C 451 -8.18 -31.39 -1.52
CA GLY C 451 -6.99 -32.11 -1.12
C GLY C 451 -5.68 -31.41 -1.43
N PHE C 452 -5.70 -30.45 -2.35
CA PHE C 452 -4.50 -29.75 -2.76
C PHE C 452 -4.57 -28.30 -2.33
N GLN C 453 -3.40 -27.73 -2.00
CA GLN C 453 -3.37 -26.35 -1.55
C GLN C 453 -3.65 -25.40 -2.71
N SER C 454 -2.89 -25.52 -3.79
CA SER C 454 -3.05 -24.64 -4.94
C SER C 454 -4.45 -24.77 -5.53
N MET C 455 -4.77 -25.95 -6.05
CA MET C 455 -6.04 -26.20 -6.69
C MET C 455 -7.22 -26.11 -5.73
N GLY C 456 -6.97 -26.06 -4.43
CA GLY C 456 -8.05 -26.14 -3.47
C GLY C 456 -8.38 -24.83 -2.81
N MET C 457 -7.44 -23.90 -2.79
CA MET C 457 -7.73 -22.53 -2.43
C MET C 457 -7.89 -21.64 -3.65
N TYR C 458 -7.82 -22.23 -4.85
CA TYR C 458 -8.42 -21.59 -6.02
C TYR C 458 -9.93 -21.71 -5.99
N SER C 459 -10.45 -22.86 -5.58
CA SER C 459 -11.87 -23.13 -5.47
C SER C 459 -12.50 -22.45 -4.33
N VAL C 460 -11.79 -21.60 -3.59
CA VAL C 460 -12.39 -20.82 -2.52
C VAL C 460 -12.45 -19.35 -2.87
N MET C 461 -11.86 -18.95 -4.00
CA MET C 461 -12.18 -17.66 -4.59
C MET C 461 -13.34 -17.75 -5.57
N ILE C 462 -13.58 -18.93 -6.14
CA ILE C 462 -14.77 -19.11 -6.95
C ILE C 462 -16.02 -18.87 -6.11
N GLN C 463 -15.97 -19.28 -4.84
CA GLN C 463 -17.11 -19.11 -3.95
C GLN C 463 -17.31 -17.66 -3.56
N LYS C 464 -16.24 -16.97 -3.15
CA LYS C 464 -16.33 -15.57 -2.81
C LYS C 464 -16.69 -14.69 -3.99
N VAL C 465 -16.19 -15.02 -5.19
CA VAL C 465 -16.50 -14.23 -6.38
C VAL C 465 -17.93 -14.46 -6.83
N ILE C 466 -18.42 -15.70 -6.79
CA ILE C 466 -19.82 -15.95 -7.16
C ILE C 466 -20.76 -15.18 -6.24
N LEU C 467 -20.47 -15.19 -4.93
CA LEU C 467 -21.39 -14.55 -4.00
C LEU C 467 -21.37 -13.03 -4.16
N HIS C 468 -20.19 -12.43 -4.20
CA HIS C 468 -20.14 -10.97 -4.17
C HIS C 468 -20.46 -10.37 -5.52
N ASP C 469 -19.83 -10.84 -6.60
CA ASP C 469 -19.79 -10.11 -7.86
C ASP C 469 -20.74 -10.65 -8.92
N VAL C 470 -20.85 -11.98 -9.06
CA VAL C 470 -21.62 -12.52 -10.18
C VAL C 470 -23.11 -12.42 -9.91
N LEU C 471 -23.52 -12.43 -8.64
CA LEU C 471 -24.95 -12.36 -8.34
C LEU C 471 -25.48 -10.96 -8.57
N LYS C 472 -24.77 -9.94 -8.08
CA LYS C 472 -25.19 -8.57 -8.32
C LYS C 472 -25.18 -8.20 -9.80
N PHE C 473 -24.21 -8.69 -10.55
CA PHE C 473 -24.17 -8.48 -11.99
C PHE C 473 -25.35 -9.14 -12.68
N LEU C 474 -25.67 -10.37 -12.33
CA LEU C 474 -26.80 -11.03 -12.96
C LEU C 474 -28.11 -10.33 -12.68
N PHE C 475 -28.28 -9.76 -11.50
CA PHE C 475 -29.48 -8.99 -11.19
C PHE C 475 -29.66 -7.78 -12.10
N VAL C 476 -28.64 -6.93 -12.20
CA VAL C 476 -28.77 -5.75 -13.06
C VAL C 476 -28.85 -6.14 -14.53
N TYR C 477 -28.10 -7.15 -14.95
CA TYR C 477 -28.09 -7.51 -16.35
C TYR C 477 -29.45 -8.07 -16.78
N ILE C 478 -30.09 -8.87 -15.93
CA ILE C 478 -31.41 -9.38 -16.29
C ILE C 478 -32.43 -8.26 -16.35
N LEU C 479 -32.28 -7.23 -15.52
CA LEU C 479 -33.17 -6.08 -15.62
C LEU C 479 -33.07 -5.41 -16.98
N PHE C 480 -31.85 -5.22 -17.49
CA PHE C 480 -31.68 -4.57 -18.78
C PHE C 480 -32.09 -5.50 -19.92
N LEU C 481 -31.74 -6.78 -19.83
CA LEU C 481 -32.08 -7.73 -20.87
C LEU C 481 -33.58 -7.78 -21.10
N LEU C 482 -34.35 -7.93 -20.02
CA LEU C 482 -35.79 -8.04 -20.14
C LEU C 482 -36.46 -6.70 -20.41
N GLY C 483 -35.92 -5.59 -19.91
CA GLY C 483 -36.49 -4.30 -20.19
C GLY C 483 -36.39 -3.92 -21.65
N PHE C 484 -35.19 -4.00 -22.21
CA PHE C 484 -35.01 -3.71 -23.63
C PHE C 484 -35.56 -4.81 -24.52
N GLY C 485 -35.64 -6.05 -24.03
CA GLY C 485 -36.28 -7.09 -24.79
C GLY C 485 -37.75 -6.78 -25.07
N VAL C 486 -38.49 -6.41 -24.02
CA VAL C 486 -39.90 -6.11 -24.23
C VAL C 486 -40.11 -4.80 -24.98
N ALA C 487 -39.22 -3.81 -24.80
CA ALA C 487 -39.34 -2.59 -25.57
C ALA C 487 -39.10 -2.79 -27.05
N LEU C 488 -37.99 -3.41 -27.43
CA LEU C 488 -37.71 -3.73 -28.83
C LEU C 488 -38.77 -4.63 -29.43
N ALA C 489 -39.26 -5.62 -28.68
CA ALA C 489 -40.25 -6.52 -29.22
C ALA C 489 -41.57 -5.80 -29.50
N SER C 490 -41.99 -4.94 -28.59
CA SER C 490 -43.24 -4.21 -28.80
C SER C 490 -43.12 -3.11 -29.84
N LEU C 491 -41.91 -2.87 -30.37
CA LEU C 491 -41.72 -1.90 -31.43
C LEU C 491 -41.95 -2.48 -32.82
N ILE C 492 -41.98 -3.79 -32.97
CA ILE C 492 -42.09 -4.45 -34.27
C ILE C 492 -43.56 -4.65 -34.61
N GLU C 493 -43.95 -4.29 -35.83
CA GLU C 493 -45.34 -4.44 -36.25
C GLU C 493 -45.62 -5.89 -36.61
N LYS C 494 -46.73 -6.11 -37.32
CA LYS C 494 -47.18 -7.45 -37.66
C LYS C 494 -46.06 -8.28 -38.28
N CYS C 495 -46.14 -9.59 -38.08
CA CYS C 495 -45.05 -10.51 -38.40
C CYS C 495 -44.44 -10.24 -39.76
N SER C 496 -45.21 -10.41 -40.82
CA SER C 496 -44.79 -10.13 -42.19
C SER C 496 -46.02 -10.24 -43.08
N LYS C 497 -45.82 -10.13 -44.38
CA LYS C 497 -46.88 -10.45 -45.33
C LYS C 497 -47.04 -11.95 -45.52
N ASP C 498 -46.12 -12.74 -44.99
CA ASP C 498 -46.17 -14.20 -45.08
C ASP C 498 -45.96 -14.85 -43.72
N LYS C 499 -46.08 -14.08 -42.63
CA LYS C 499 -46.06 -14.56 -41.25
C LYS C 499 -44.67 -14.94 -40.76
N LYS C 500 -43.68 -14.99 -41.65
CA LYS C 500 -42.32 -15.33 -41.22
C LYS C 500 -41.31 -14.68 -42.17
N ASP C 501 -40.81 -13.51 -41.78
CA ASP C 501 -39.72 -12.81 -42.46
C ASP C 501 -39.19 -11.67 -41.60
N CYS C 502 -37.86 -11.61 -41.46
CA CYS C 502 -37.15 -10.57 -40.68
C CYS C 502 -37.80 -10.35 -39.31
N SER C 503 -38.46 -11.38 -38.79
CA SER C 503 -39.07 -11.33 -37.46
C SER C 503 -38.12 -11.88 -36.41
N SER C 504 -36.89 -11.36 -36.39
CA SER C 504 -35.97 -11.73 -35.32
C SER C 504 -36.45 -11.18 -34.00
N TYR C 505 -36.72 -9.88 -33.94
CA TYR C 505 -37.31 -9.26 -32.76
C TYR C 505 -38.82 -9.24 -32.83
N GLY C 506 -39.42 -10.39 -33.12
CA GLY C 506 -40.85 -10.44 -33.33
C GLY C 506 -41.65 -10.39 -32.05
N SER C 507 -41.47 -11.39 -31.21
CA SER C 507 -42.15 -11.49 -29.92
C SER C 507 -41.18 -11.19 -28.79
N PHE C 508 -41.67 -11.33 -27.56
CA PHE C 508 -40.83 -11.06 -26.41
C PHE C 508 -39.65 -12.02 -26.36
N SER C 509 -39.92 -13.33 -26.21
CA SER C 509 -38.85 -14.29 -26.01
C SER C 509 -37.88 -14.34 -27.18
N ASP C 510 -38.33 -14.06 -28.39
CA ASP C 510 -37.42 -13.97 -29.53
C ASP C 510 -36.51 -12.76 -29.46
N ALA C 511 -37.02 -11.60 -29.03
CA ALA C 511 -36.15 -10.44 -28.83
C ALA C 511 -35.19 -10.63 -27.67
N VAL C 512 -35.61 -11.31 -26.61
CA VAL C 512 -34.72 -11.58 -25.49
C VAL C 512 -33.59 -12.50 -25.93
N LEU C 513 -33.89 -13.48 -26.78
CA LEU C 513 -32.84 -14.36 -27.28
C LEU C 513 -31.86 -13.62 -28.17
N GLU C 514 -32.35 -12.71 -29.02
CA GLU C 514 -31.45 -11.97 -29.88
C GLU C 514 -30.52 -11.07 -29.08
N LEU C 515 -31.02 -10.41 -28.04
CA LEU C 515 -30.15 -9.60 -27.21
C LEU C 515 -29.15 -10.44 -26.43
N PHE C 516 -29.57 -11.62 -25.96
CA PHE C 516 -28.63 -12.51 -25.30
C PHE C 516 -27.48 -12.90 -26.22
N LYS C 517 -27.77 -13.14 -27.49
CA LYS C 517 -26.73 -13.51 -28.43
C LYS C 517 -25.84 -12.33 -28.81
N LEU C 518 -26.30 -11.09 -28.69
CA LEU C 518 -25.38 -9.97 -28.86
C LEU C 518 -24.43 -9.84 -27.69
N THR C 519 -24.84 -10.24 -26.49
CA THR C 519 -23.93 -10.18 -25.35
C THR C 519 -22.85 -11.25 -25.46
N ILE C 520 -23.23 -12.47 -25.83
CA ILE C 520 -22.24 -13.53 -25.99
C ILE C 520 -21.33 -13.23 -27.17
N GLY C 521 -21.82 -12.52 -28.17
CA GLY C 521 -21.04 -12.24 -29.35
C GLY C 521 -21.23 -13.20 -30.49
N LEU C 522 -22.38 -13.86 -30.55
CA LEU C 522 -22.68 -14.84 -31.59
C LEU C 522 -23.67 -14.29 -32.59
N GLY C 523 -23.83 -15.00 -33.68
CA GLY C 523 -24.82 -14.61 -34.66
C GLY C 523 -24.35 -13.45 -35.52
N ASP C 524 -25.33 -12.74 -36.08
CA ASP C 524 -25.07 -11.58 -36.93
C ASP C 524 -26.09 -10.52 -36.61
N LEU C 525 -25.64 -9.33 -36.25
CA LEU C 525 -26.54 -8.24 -35.95
C LEU C 525 -27.23 -7.77 -37.21
N ASN C 526 -28.55 -7.91 -37.25
CA ASN C 526 -29.34 -7.45 -38.40
C ASN C 526 -30.36 -6.43 -37.91
N ILE C 527 -30.19 -5.18 -38.36
CA ILE C 527 -31.08 -4.11 -37.97
C ILE C 527 -32.21 -3.89 -38.98
N GLN C 528 -32.15 -4.52 -40.14
CA GLN C 528 -33.18 -4.36 -41.17
C GLN C 528 -34.39 -5.18 -40.76
N GLN C 529 -35.11 -4.67 -39.77
CA GLN C 529 -36.32 -5.30 -39.26
C GLN C 529 -37.55 -4.67 -39.88
N ASN C 530 -38.67 -5.40 -39.80
CA ASN C 530 -39.97 -4.88 -40.25
C ASN C 530 -40.50 -3.90 -39.21
N SER C 531 -39.74 -2.85 -38.99
CA SER C 531 -40.00 -1.89 -37.93
C SER C 531 -40.59 -0.61 -38.49
N THR C 532 -41.41 0.05 -37.67
CA THR C 532 -41.99 1.33 -38.06
C THR C 532 -41.02 2.48 -37.86
N TYR C 533 -40.07 2.34 -36.94
CA TYR C 533 -39.09 3.37 -36.65
C TYR C 533 -37.71 2.74 -36.65
N PRO C 534 -36.96 2.85 -37.75
CA PRO C 534 -35.60 2.30 -37.77
C PRO C 534 -34.62 3.07 -36.91
N ILE C 535 -34.80 4.37 -36.74
CA ILE C 535 -33.93 5.18 -35.90
C ILE C 535 -34.13 4.87 -34.43
N LEU C 536 -35.37 4.81 -33.97
CA LEU C 536 -35.64 4.46 -32.58
C LEU C 536 -35.17 3.05 -32.27
N PHE C 537 -35.27 2.14 -33.24
CA PHE C 537 -34.77 0.80 -33.04
C PHE C 537 -33.27 0.80 -32.83
N LEU C 538 -32.53 1.55 -33.65
CA LEU C 538 -31.08 1.62 -33.47
C LEU C 538 -30.72 2.29 -32.14
N PHE C 539 -31.49 3.29 -31.72
CA PHE C 539 -31.17 3.96 -30.47
C PHE C 539 -31.30 3.01 -29.29
N LEU C 540 -32.40 2.26 -29.22
CA LEU C 540 -32.57 1.31 -28.12
C LEU C 540 -31.56 0.18 -28.17
N LEU C 541 -31.22 -0.30 -29.36
CA LEU C 541 -30.27 -1.39 -29.52
C LEU C 541 -28.84 -0.98 -29.20
N ILE C 542 -28.45 0.23 -29.55
CA ILE C 542 -27.10 0.72 -29.29
C ILE C 542 -26.97 1.11 -27.83
N THR C 543 -28.05 1.62 -27.23
CA THR C 543 -28.04 1.87 -25.81
C THR C 543 -27.86 0.58 -25.02
N TYR C 544 -28.49 -0.51 -25.47
CA TYR C 544 -28.28 -1.79 -24.81
C TYR C 544 -26.83 -2.24 -24.94
N VAL C 545 -26.24 -2.06 -26.11
CA VAL C 545 -24.84 -2.43 -26.30
C VAL C 545 -23.93 -1.61 -25.39
N ILE C 546 -24.21 -0.32 -25.24
CA ILE C 546 -23.39 0.53 -24.37
C ILE C 546 -23.56 0.15 -22.92
N LEU C 547 -24.75 -0.27 -22.53
CA LEU C 547 -24.99 -0.57 -21.12
C LEU C 547 -24.41 -1.90 -20.69
N THR C 548 -24.32 -2.87 -21.58
CA THR C 548 -23.85 -4.20 -21.20
C THR C 548 -22.47 -4.54 -21.73
N PHE C 549 -22.25 -4.38 -23.03
CA PHE C 549 -20.95 -4.76 -23.58
C PHE C 549 -19.84 -3.85 -23.09
N VAL C 550 -20.16 -2.62 -22.70
CA VAL C 550 -19.15 -1.64 -22.33
C VAL C 550 -19.11 -1.45 -20.83
N LEU C 551 -20.23 -1.10 -20.23
CA LEU C 551 -20.25 -0.77 -18.82
C LEU C 551 -20.26 -2.02 -17.94
N LEU C 552 -21.29 -2.84 -18.06
CA LEU C 552 -21.54 -3.85 -17.03
C LEU C 552 -20.50 -4.96 -17.04
N LEU C 553 -20.12 -5.45 -18.21
CA LEU C 553 -19.18 -6.57 -18.25
C LEU C 553 -17.77 -6.16 -17.84
N ASN C 554 -17.27 -5.02 -18.30
CA ASN C 554 -15.98 -4.52 -17.86
C ASN C 554 -15.96 -4.11 -16.40
N MET C 555 -17.08 -3.59 -15.90
CA MET C 555 -17.18 -3.29 -14.48
C MET C 555 -17.24 -4.56 -13.65
N LEU C 556 -17.71 -5.66 -14.23
CA LEU C 556 -17.64 -6.94 -13.53
C LEU C 556 -16.20 -7.38 -13.36
N ILE C 557 -15.38 -7.23 -14.41
CA ILE C 557 -13.97 -7.59 -14.27
C ILE C 557 -13.27 -6.72 -13.25
N ALA C 558 -13.60 -5.43 -13.18
CA ALA C 558 -12.96 -4.54 -12.22
C ALA C 558 -13.33 -4.87 -10.78
N LEU C 559 -14.61 -5.10 -10.50
CA LEU C 559 -15.02 -5.46 -9.16
C LEU C 559 -14.50 -6.82 -8.74
N MET C 560 -14.43 -7.76 -9.68
CA MET C 560 -13.88 -9.08 -9.43
C MET C 560 -12.40 -9.03 -9.12
N GLY C 561 -11.69 -8.04 -9.64
CA GLY C 561 -10.31 -7.81 -9.27
C GLY C 561 -10.16 -7.30 -7.84
N GLU C 562 -11.06 -6.41 -7.42
CA GLU C 562 -11.06 -5.96 -6.03
C GLU C 562 -11.36 -7.07 -5.05
N THR C 563 -12.31 -7.95 -5.36
CA THR C 563 -12.61 -9.08 -4.49
C THR C 563 -11.44 -10.04 -4.38
N VAL C 564 -10.80 -10.36 -5.50
CA VAL C 564 -9.65 -11.26 -5.46
C VAL C 564 -8.54 -10.68 -4.61
N GLU C 565 -8.28 -9.38 -4.73
CA GLU C 565 -7.26 -8.75 -3.91
C GLU C 565 -7.59 -8.77 -2.43
N ASN C 566 -8.87 -8.68 -2.06
CA ASN C 566 -9.21 -8.69 -0.64
C ASN C 566 -9.12 -10.09 -0.05
N VAL C 567 -9.61 -11.10 -0.75
CA VAL C 567 -9.70 -12.44 -0.19
C VAL C 567 -8.49 -13.30 -0.56
N SER C 568 -7.43 -12.69 -1.09
CA SER C 568 -6.19 -13.43 -1.30
C SER C 568 -5.27 -13.41 -0.10
N LYS C 569 -5.48 -12.50 0.84
CA LYS C 569 -4.69 -12.51 2.07
C LYS C 569 -5.12 -13.61 3.03
N GLU C 570 -6.36 -14.08 2.89
CA GLU C 570 -6.95 -14.97 3.89
C GLU C 570 -7.69 -16.12 3.26
N SER C 571 -7.18 -16.65 2.16
CA SER C 571 -7.78 -17.80 1.49
C SER C 571 -7.12 -19.11 1.86
N GLU C 572 -5.83 -19.08 2.23
CA GLU C 572 -5.19 -20.29 2.72
C GLU C 572 -5.77 -20.71 4.06
N ARG C 573 -6.19 -19.75 4.87
CA ARG C 573 -6.77 -20.07 6.16
C ARG C 573 -8.17 -20.65 6.01
N ILE C 574 -8.98 -20.10 5.12
CA ILE C 574 -10.31 -20.66 4.88
C ILE C 574 -10.19 -22.05 4.29
N TRP C 575 -9.24 -22.25 3.38
CA TRP C 575 -9.05 -23.59 2.83
C TRP C 575 -8.64 -24.58 3.92
N ARG C 576 -7.66 -24.22 4.73
CA ARG C 576 -7.23 -25.13 5.80
C ARG C 576 -8.37 -25.42 6.76
N LEU C 577 -9.32 -24.51 6.89
CA LEU C 577 -10.45 -24.74 7.77
C LEU C 577 -11.39 -25.79 7.22
N GLN C 578 -11.69 -25.73 5.92
CA GLN C 578 -12.57 -26.75 5.35
C GLN C 578 -11.88 -28.08 5.10
N ARG C 579 -10.57 -28.08 4.84
CA ARG C 579 -9.82 -29.32 4.89
C ARG C 579 -9.85 -29.94 6.28
N ALA C 580 -9.82 -29.11 7.33
CA ALA C 580 -9.95 -29.64 8.68
C ALA C 580 -11.31 -30.24 8.93
N ARG C 581 -12.36 -29.68 8.32
CA ARG C 581 -13.68 -30.26 8.48
C ARG C 581 -13.75 -31.66 7.88
N THR C 582 -13.13 -31.89 6.72
CA THR C 582 -13.15 -33.24 6.17
C THR C 582 -12.28 -34.20 6.98
N ILE C 583 -11.16 -33.72 7.53
CA ILE C 583 -10.33 -34.57 8.38
C ILE C 583 -11.12 -35.03 9.59
N LEU C 584 -11.82 -34.10 10.25
CA LEU C 584 -12.58 -34.44 11.44
C LEU C 584 -13.76 -35.35 11.10
N GLU C 585 -14.35 -35.20 9.92
CA GLU C 585 -15.44 -36.06 9.53
C GLU C 585 -14.97 -37.45 9.14
N PHE C 586 -13.73 -37.58 8.68
CA PHE C 586 -13.18 -38.90 8.41
C PHE C 586 -12.78 -39.60 9.70
N GLU C 587 -12.33 -38.84 10.70
CA GLU C 587 -11.94 -39.42 11.97
C GLU C 587 -13.11 -40.15 12.62
N LYS C 588 -14.23 -39.47 12.78
CA LYS C 588 -15.38 -40.12 13.41
C LYS C 588 -16.13 -40.95 12.40
N MET C 589 -15.39 -41.77 11.63
CA MET C 589 -16.01 -42.71 10.71
C MET C 589 -15.35 -44.08 10.73
N LEU C 590 -14.09 -44.20 11.13
CA LEU C 590 -13.36 -45.45 11.22
C LEU C 590 -13.42 -46.02 12.63
N PRO C 591 -13.33 -47.35 12.76
CA PRO C 591 -13.64 -47.99 14.03
C PRO C 591 -12.54 -47.80 15.06
N GLU C 592 -12.88 -48.15 16.32
CA GLU C 592 -12.04 -47.83 17.45
C GLU C 592 -10.73 -48.60 17.48
N TRP C 593 -10.69 -49.81 16.90
CA TRP C 593 -9.40 -50.49 16.82
C TRP C 593 -8.47 -49.80 15.85
N LEU C 594 -8.94 -49.47 14.65
CA LEU C 594 -8.17 -48.70 13.69
C LEU C 594 -7.95 -47.27 14.14
N ARG C 595 -8.88 -46.72 14.92
CA ARG C 595 -8.68 -45.39 15.48
C ARG C 595 -7.53 -45.39 16.47
N SER C 596 -7.50 -46.38 17.38
CA SER C 596 -6.41 -46.48 18.34
C SER C 596 -5.08 -46.74 17.66
N ARG C 597 -5.10 -47.30 16.45
CA ARG C 597 -3.87 -47.50 15.71
C ARG C 597 -3.16 -46.18 15.43
N PHE C 598 -3.93 -45.11 15.15
CA PHE C 598 -3.37 -43.78 14.90
C PHE C 598 -3.65 -42.93 16.12
N ARG C 599 -2.64 -42.70 16.94
CA ARG C 599 -2.69 -41.72 18.00
C ARG C 599 -1.57 -40.71 17.82
N MET C 600 -1.83 -39.48 18.29
CA MET C 600 -0.95 -38.36 17.96
C MET C 600 0.28 -38.31 18.86
N GLY C 601 0.08 -38.44 20.17
CA GLY C 601 1.19 -38.23 21.08
C GLY C 601 1.68 -39.46 21.79
N GLU C 602 2.41 -39.27 22.89
CA GLU C 602 2.94 -40.38 23.68
C GLU C 602 2.92 -40.01 25.15
N LEU C 603 2.75 -41.01 26.00
CA LEU C 603 2.78 -40.78 27.44
C LEU C 603 4.20 -40.43 27.89
N CYS C 604 4.35 -39.31 28.58
CA CYS C 604 5.65 -38.84 29.02
C CYS C 604 5.59 -38.47 30.49
N LYS C 605 6.65 -38.79 31.22
CA LYS C 605 6.73 -38.48 32.64
C LYS C 605 6.92 -36.98 32.83
N VAL C 606 5.82 -36.28 33.08
CA VAL C 606 5.86 -34.82 33.17
C VAL C 606 6.19 -34.31 34.57
N ALA C 607 5.73 -34.98 35.62
CA ALA C 607 5.97 -34.54 36.98
C ALA C 607 6.29 -35.74 37.87
N ASP C 608 6.20 -35.56 39.18
CA ASP C 608 6.39 -36.68 40.09
C ASP C 608 5.47 -37.85 39.71
N GLU C 609 4.18 -37.59 39.60
CA GLU C 609 3.21 -38.57 39.12
C GLU C 609 2.22 -37.85 38.22
N ASP C 610 2.53 -37.80 36.92
CA ASP C 610 1.68 -37.11 35.96
C ASP C 610 2.02 -37.65 34.57
N PHE C 611 1.08 -38.36 33.96
CA PHE C 611 1.19 -38.77 32.56
C PHE C 611 0.17 -37.96 31.78
N ARG C 612 0.63 -37.32 30.70
CA ARG C 612 -0.21 -36.33 30.06
C ARG C 612 -0.50 -36.67 28.60
N LEU C 613 0.28 -37.56 28.00
CA LEU C 613 0.06 -37.94 26.60
C LEU C 613 0.16 -36.71 25.71
N CYS C 614 1.35 -36.17 25.57
CA CYS C 614 1.57 -34.89 24.88
C CYS C 614 2.06 -35.09 23.45
N LEU C 615 1.96 -34.02 22.67
CA LEU C 615 2.52 -33.92 21.32
C LEU C 615 4.01 -33.63 21.43
N ARG C 616 4.65 -33.20 20.35
CA ARG C 616 6.05 -32.81 20.42
C ARG C 616 6.39 -31.93 19.23
N ILE C 617 6.97 -30.76 19.49
CA ILE C 617 7.27 -29.78 18.45
C ILE C 617 8.66 -29.22 18.72
N ASN C 618 9.53 -29.31 17.71
CA ASN C 618 10.87 -28.77 17.82
C ASN C 618 10.93 -27.40 17.16
N GLU C 619 11.83 -26.55 17.66
CA GLU C 619 11.97 -25.21 17.13
C GLU C 619 13.40 -24.73 17.36
N VAL C 620 13.73 -23.61 16.71
CA VAL C 620 15.06 -23.02 16.75
C VAL C 620 14.90 -21.53 16.97
N LYS C 621 15.53 -20.99 18.00
CA LYS C 621 15.41 -19.58 18.32
C LYS C 621 16.80 -19.01 18.58
N TRP C 622 17.17 -17.99 17.80
CA TRP C 622 18.51 -17.43 17.82
C TRP C 622 18.58 -16.07 18.50
N THR C 623 17.60 -15.73 19.34
CA THR C 623 17.56 -14.36 19.85
C THR C 623 17.62 -14.26 21.37
N GLU C 624 16.94 -15.15 22.08
CA GLU C 624 16.80 -14.97 23.52
C GLU C 624 18.11 -15.24 24.26
N TRP C 625 18.70 -16.42 24.03
CA TRP C 625 19.98 -16.78 24.64
C TRP C 625 19.94 -16.73 26.16
N LYS C 626 19.16 -17.62 26.77
CA LYS C 626 19.08 -17.71 28.23
C LYS C 626 19.69 -19.02 28.70
N THR C 627 20.13 -19.03 29.95
CA THR C 627 20.56 -20.28 30.57
C THR C 627 19.36 -21.18 30.78
N HIS C 628 19.53 -22.46 30.48
CA HIS C 628 18.40 -23.39 30.37
C HIS C 628 18.17 -24.11 31.70
N VAL C 629 17.08 -23.76 32.37
CA VAL C 629 16.52 -24.55 33.45
C VAL C 629 15.11 -24.96 33.05
N SER C 630 14.50 -25.79 33.88
CA SER C 630 13.17 -26.34 33.67
C SER C 630 13.12 -27.35 32.53
N PHE C 631 14.27 -27.79 32.03
CA PHE C 631 14.28 -28.86 31.06
C PHE C 631 13.70 -30.13 31.67
N LEU C 632 13.04 -30.93 30.83
CA LEU C 632 12.46 -32.19 31.27
C LEU C 632 13.42 -33.36 31.13
N ASN C 633 14.60 -33.12 30.58
CA ASN C 633 15.57 -34.19 30.32
C ASN C 633 16.93 -33.54 30.16
N GLU C 634 17.86 -33.87 31.07
CA GLU C 634 19.16 -33.19 31.05
C GLU C 634 19.97 -33.59 29.83
N ASP C 635 19.96 -34.87 29.45
CA ASP C 635 20.68 -35.22 28.24
C ASP C 635 19.80 -34.99 27.01
N PRO C 636 20.29 -34.31 25.99
CA PRO C 636 19.43 -33.92 24.87
C PRO C 636 19.16 -35.03 23.88
N GLY C 637 18.52 -34.68 22.77
CA GLY C 637 18.40 -35.56 21.64
C GLY C 637 17.35 -36.63 21.81
N PRO C 638 16.93 -37.24 20.70
CA PRO C 638 15.91 -38.27 20.74
C PRO C 638 16.48 -39.61 21.16
N ILE C 639 16.13 -40.07 22.34
CA ILE C 639 16.55 -41.38 22.82
C ILE C 639 15.70 -41.82 24.01
N ARG D 1 3.70 70.43 8.74
CA ARG D 1 5.02 70.02 8.24
C ARG D 1 5.85 69.39 9.33
N LEU D 2 5.48 69.65 10.59
CA LEU D 2 6.16 69.00 11.71
C LEU D 2 5.66 67.57 11.88
N LYS D 3 4.37 67.34 11.62
CA LYS D 3 3.78 66.03 11.85
C LYS D 3 4.48 64.95 11.05
N LYS D 4 4.99 65.30 9.87
CA LYS D 4 5.70 64.31 9.06
C LYS D 4 6.99 63.88 9.74
N ARG D 5 7.67 64.82 10.41
CA ARG D 5 8.86 64.46 11.17
C ARG D 5 8.50 63.62 12.39
N ILE D 6 7.32 63.85 12.97
CA ILE D 6 6.87 63.03 14.09
C ILE D 6 6.61 61.60 13.63
N PHE D 7 5.87 61.45 12.54
CA PHE D 7 5.54 60.11 12.04
C PHE D 7 6.80 59.34 11.66
N ALA D 8 7.75 60.01 11.00
CA ALA D 8 9.01 59.35 10.70
C ALA D 8 9.73 58.93 11.97
N ALA D 9 9.83 59.83 12.95
CA ALA D 9 10.58 59.52 14.16
C ALA D 9 9.95 58.38 14.94
N VAL D 10 8.63 58.27 14.90
CA VAL D 10 7.95 57.22 15.64
C VAL D 10 7.98 55.90 14.89
N SER D 11 8.14 55.97 13.56
CA SER D 11 8.28 54.75 12.78
C SER D 11 9.67 54.16 12.93
N GLU D 12 10.71 55.00 12.96
CA GLU D 12 12.06 54.49 13.07
C GLU D 12 12.35 53.93 14.45
N GLY D 13 11.84 54.58 15.49
CA GLY D 13 12.04 54.15 16.85
C GLY D 13 13.05 54.94 17.66
N CYS D 14 13.31 56.20 17.29
CA CYS D 14 14.29 57.02 18.00
C CYS D 14 13.61 57.65 19.20
N VAL D 15 14.05 57.25 20.40
CA VAL D 15 13.36 57.65 21.61
C VAL D 15 13.64 59.12 21.93
N GLU D 16 14.92 59.49 21.97
CA GLU D 16 15.29 60.85 22.35
C GLU D 16 14.72 61.86 21.36
N GLU D 17 14.86 61.57 20.06
CA GLU D 17 14.27 62.45 19.05
C GLU D 17 12.79 62.66 19.31
N LEU D 18 12.07 61.61 19.71
CA LEU D 18 10.65 61.75 20.01
C LEU D 18 10.45 62.71 21.17
N ARG D 19 11.24 62.56 22.24
CA ARG D 19 11.12 63.47 23.37
C ARG D 19 11.29 64.92 22.94
N GLU D 20 12.30 65.20 22.12
CA GLU D 20 12.56 66.57 21.71
C GLU D 20 11.44 67.11 20.83
N LEU D 21 10.93 66.30 19.90
CA LEU D 21 9.86 66.78 19.02
C LEU D 21 8.59 67.05 19.82
N LEU D 22 8.28 66.21 20.80
CA LEU D 22 7.10 66.45 21.62
C LEU D 22 7.27 67.70 22.48
N GLN D 23 8.49 67.95 22.95
CA GLN D 23 8.74 69.18 23.69
C GLN D 23 8.57 70.40 22.80
N ASP D 24 9.16 70.36 21.60
CA ASP D 24 8.97 71.45 20.64
C ASP D 24 7.49 71.66 20.34
N LEU D 25 6.71 70.58 20.30
CA LEU D 25 5.29 70.71 20.00
C LEU D 25 4.53 71.34 21.16
N GLN D 26 4.89 70.96 22.39
CA GLN D 26 4.28 71.60 23.55
C GLN D 26 4.61 73.09 23.62
N ASP D 27 5.82 73.46 23.19
CA ASP D 27 6.16 74.87 23.08
C ASP D 27 5.33 75.56 22.01
N LEU D 28 5.06 74.86 20.91
CA LEU D 28 4.15 75.39 19.90
C LEU D 28 2.75 75.60 20.48
N CYS D 29 2.35 74.73 21.42
CA CYS D 29 1.09 74.96 22.11
C CYS D 29 1.15 76.22 22.96
N ARG D 30 2.28 76.45 23.63
CA ARG D 30 2.41 77.63 24.47
C ARG D 30 2.40 78.90 23.63
N ARG D 31 3.34 79.01 22.68
CA ARG D 31 3.55 80.25 21.95
C ARG D 31 2.50 80.43 20.85
N ARG D 32 1.22 80.34 21.23
CA ARG D 32 0.12 80.55 20.31
C ARG D 32 -1.19 80.61 21.08
N ARG D 33 -2.10 81.51 20.70
CA ARG D 33 -3.41 81.53 21.32
C ARG D 33 -4.31 80.45 20.71
N GLY D 34 -4.57 80.54 19.42
CA GLY D 34 -5.33 79.50 18.74
C GLY D 34 -6.75 79.41 19.25
N LEU D 35 -7.36 78.24 19.07
CA LEU D 35 -8.75 78.04 19.48
C LEU D 35 -8.84 77.03 20.63
N ASP D 36 -8.22 75.86 20.48
CA ASP D 36 -8.30 74.82 21.50
C ASP D 36 -6.98 74.04 21.46
N VAL D 37 -6.20 74.18 22.54
CA VAL D 37 -4.87 73.56 22.54
C VAL D 37 -4.92 72.05 22.44
N PRO D 38 -5.68 71.33 23.28
CA PRO D 38 -5.75 69.87 23.08
C PRO D 38 -6.36 69.46 21.75
N ASP D 39 -7.37 70.18 21.26
CA ASP D 39 -7.96 69.85 19.97
C ASP D 39 -6.96 70.07 18.84
N PHE D 40 -6.34 71.24 18.79
CA PHE D 40 -5.33 71.51 17.77
C PHE D 40 -4.20 70.50 17.83
N LEU D 41 -3.80 70.11 19.04
CA LEU D 41 -2.75 69.11 19.20
C LEU D 41 -3.19 67.76 18.66
N MET D 42 -4.42 67.36 18.96
CA MET D 42 -4.96 66.13 18.41
C MET D 42 -4.94 66.18 16.89
N HIS D 43 -5.17 67.36 16.31
CA HIS D 43 -5.08 67.50 14.87
C HIS D 43 -3.65 67.37 14.37
N LYS D 44 -2.67 67.77 15.19
CA LYS D 44 -1.27 67.65 14.77
C LYS D 44 -0.83 66.19 14.75
N LEU D 45 -1.22 65.41 15.77
CA LEU D 45 -0.77 64.03 15.85
C LEU D 45 -1.55 63.12 14.91
N THR D 46 -2.62 63.62 14.31
CA THR D 46 -3.45 62.80 13.45
C THR D 46 -3.17 63.09 11.97
N ALA D 47 -3.03 62.03 11.18
CA ALA D 47 -2.93 62.14 9.74
C ALA D 47 -4.34 62.14 9.14
N SER D 48 -4.89 63.33 8.98
CA SER D 48 -6.30 63.53 8.66
C SER D 48 -6.75 62.77 7.41
N ASP D 49 -5.84 62.50 6.49
CA ASP D 49 -6.22 61.84 5.24
C ASP D 49 -6.71 60.42 5.49
N THR D 50 -6.04 59.69 6.38
CA THR D 50 -6.44 58.33 6.70
C THR D 50 -7.00 58.17 8.11
N GLY D 51 -6.88 59.19 8.95
CA GLY D 51 -7.23 59.05 10.34
C GLY D 51 -6.18 58.37 11.19
N LYS D 52 -5.08 57.93 10.60
CA LYS D 52 -4.05 57.23 11.34
C LYS D 52 -3.32 58.19 12.27
N THR D 53 -3.33 57.88 13.56
CA THR D 53 -2.65 58.71 14.54
C THR D 53 -1.22 58.24 14.73
N CYS D 54 -0.46 58.98 15.54
CA CYS D 54 0.92 58.62 15.81
C CYS D 54 1.04 57.32 16.59
N LEU D 55 0.05 57.00 17.42
CA LEU D 55 0.11 55.77 18.20
C LEU D 55 -0.08 54.55 17.33
N MET D 56 -1.03 54.60 16.39
CA MET D 56 -1.24 53.49 15.48
C MET D 56 -0.03 53.26 14.60
N LYS D 57 0.61 54.34 14.14
CA LYS D 57 1.84 54.19 13.39
C LYS D 57 2.96 53.66 14.26
N ALA D 58 2.94 53.96 15.55
CA ALA D 58 3.93 53.40 16.45
C ALA D 58 3.78 51.90 16.61
N LEU D 59 2.54 51.40 16.49
CA LEU D 59 2.27 49.99 16.71
C LEU D 59 2.35 49.16 15.44
N LEU D 60 2.11 49.76 14.28
CA LEU D 60 2.26 49.04 13.03
C LEU D 60 3.72 48.64 12.80
N ASN D 61 4.66 49.45 13.27
CA ASN D 61 6.10 49.19 13.15
C ASN D 61 6.61 48.77 14.52
N ILE D 62 7.28 47.62 14.59
CA ILE D 62 7.49 47.00 15.89
C ILE D 62 8.69 47.54 16.66
N ASN D 63 9.73 48.06 15.98
CA ASN D 63 10.67 48.99 16.59
C ASN D 63 11.13 48.59 17.99
N PRO D 64 12.09 47.67 18.13
CA PRO D 64 12.37 47.03 19.43
C PRO D 64 12.31 47.93 20.66
N ASN D 65 12.42 49.25 20.47
CA ASN D 65 12.18 50.22 21.53
C ASN D 65 10.79 50.85 21.46
N THR D 66 9.76 50.07 21.09
CA THR D 66 8.45 50.66 20.83
C THR D 66 7.61 50.79 22.10
N LYS D 67 7.87 49.97 23.11
CA LYS D 67 7.09 50.07 24.34
C LYS D 67 7.31 51.41 25.02
N GLU D 68 8.56 51.88 25.04
CA GLU D 68 8.85 53.23 25.53
C GLU D 68 8.11 54.28 24.72
N ILE D 69 8.04 54.09 23.40
CA ILE D 69 7.37 55.05 22.53
C ILE D 69 5.90 55.16 22.89
N VAL D 70 5.25 54.03 23.14
CA VAL D 70 3.85 54.06 23.54
C VAL D 70 3.70 54.77 24.88
N ARG D 71 4.61 54.48 25.83
CA ARG D 71 4.55 55.13 27.14
C ARG D 71 4.70 56.63 27.01
N ILE D 72 5.68 57.09 26.22
CA ILE D 72 5.91 58.51 26.06
C ILE D 72 4.70 59.19 25.43
N LEU D 73 4.12 58.55 24.42
CA LEU D 73 2.99 59.15 23.71
C LEU D 73 1.76 59.23 24.62
N LEU D 74 1.54 58.19 25.43
CA LEU D 74 0.43 58.22 26.37
C LEU D 74 0.66 59.26 27.46
N ALA D 75 1.91 59.40 27.92
CA ALA D 75 2.23 60.41 28.91
C ALA D 75 1.99 61.82 28.36
N PHE D 76 2.34 62.03 27.10
CA PHE D 76 2.09 63.34 26.49
C PHE D 76 0.59 63.60 26.37
N ALA D 77 -0.17 62.61 25.93
CA ALA D 77 -1.62 62.77 25.83
C ALA D 77 -2.23 63.05 27.20
N GLU D 78 -1.63 62.52 28.26
CA GLU D 78 -2.12 62.79 29.61
C GLU D 78 -1.77 64.21 30.04
N GLU D 79 -0.58 64.69 29.67
CA GLU D 79 -0.21 66.07 29.97
C GLU D 79 -1.22 67.04 29.37
N ASN D 80 -1.57 66.87 28.11
CA ASN D 80 -2.50 67.75 27.42
C ASN D 80 -3.95 67.31 27.57
N ASP D 81 -4.20 66.28 28.40
CA ASP D 81 -5.52 65.87 28.85
C ASP D 81 -6.34 65.13 27.80
N ILE D 82 -5.82 65.00 26.57
CA ILE D 82 -6.54 64.22 25.57
C ILE D 82 -6.05 62.78 25.56
N LEU D 83 -6.60 61.96 26.44
CA LEU D 83 -6.24 60.54 26.42
C LEU D 83 -7.33 59.71 25.79
N ASP D 84 -8.59 60.00 26.10
CA ASP D 84 -9.68 59.27 25.46
C ASP D 84 -9.83 59.67 24.00
N ARG D 85 -9.79 60.97 23.72
CA ARG D 85 -9.88 61.44 22.34
C ARG D 85 -8.72 60.91 21.51
N PHE D 86 -7.61 60.58 22.15
CA PHE D 86 -6.43 60.10 21.43
C PHE D 86 -6.46 58.59 21.26
N ILE D 87 -6.53 57.86 22.37
CA ILE D 87 -6.38 56.41 22.34
C ILE D 87 -7.60 55.71 21.74
N ASN D 88 -8.70 56.43 21.53
CA ASN D 88 -9.91 55.88 20.94
C ASN D 88 -10.19 56.51 19.58
N ALA D 89 -9.15 56.67 18.78
CA ALA D 89 -9.29 57.15 17.42
C ALA D 89 -9.32 55.98 16.46
N GLU D 90 -9.96 56.19 15.32
CA GLU D 90 -10.18 55.14 14.34
C GLU D 90 -9.70 55.60 12.98
N TYR D 91 -9.77 54.71 12.01
CA TYR D 91 -9.62 55.08 10.62
C TYR D 91 -10.93 55.65 10.09
N THR D 92 -10.86 56.30 8.93
CA THR D 92 -12.04 56.98 8.40
C THR D 92 -12.11 56.82 6.88
N GLU D 93 -11.56 55.73 6.36
CA GLU D 93 -11.68 55.41 4.94
C GLU D 93 -12.40 54.08 4.80
N GLU D 94 -13.00 53.86 3.63
CA GLU D 94 -13.81 52.68 3.41
C GLU D 94 -13.03 51.40 3.64
N ALA D 95 -11.70 51.47 3.56
CA ALA D 95 -10.89 50.26 3.61
C ALA D 95 -10.79 49.72 5.03
N TYR D 96 -10.51 50.57 6.00
CA TYR D 96 -10.23 50.10 7.37
C TYR D 96 -11.07 50.85 8.39
N GLU D 97 -12.27 51.25 8.02
CA GLU D 97 -13.11 52.05 8.91
C GLU D 97 -13.39 51.31 10.21
N GLY D 98 -12.83 51.79 11.32
CA GLY D 98 -13.08 51.23 12.63
C GLY D 98 -11.84 50.74 13.34
N GLN D 99 -10.76 50.46 12.62
CA GLN D 99 -9.58 49.89 13.25
C GLN D 99 -8.98 50.87 14.24
N THR D 100 -8.84 50.43 15.49
CA THR D 100 -8.27 51.26 16.54
C THR D 100 -6.92 50.70 16.97
N ALA D 101 -6.27 51.41 17.89
CA ALA D 101 -4.93 51.01 18.31
C ALA D 101 -4.95 49.68 19.06
N LEU D 102 -6.03 49.37 19.75
CA LEU D 102 -6.13 48.08 20.43
C LEU D 102 -6.16 46.95 19.41
N ASN D 103 -6.84 47.16 18.29
CA ASN D 103 -6.88 46.18 17.22
C ASN D 103 -5.49 45.93 16.63
N ILE D 104 -4.71 46.97 16.41
CA ILE D 104 -3.36 46.80 15.89
C ILE D 104 -2.44 46.13 16.91
N ALA D 105 -2.66 46.38 18.21
CA ALA D 105 -1.83 45.73 19.20
C ALA D 105 -2.20 44.27 19.39
N ILE D 106 -3.46 43.91 19.15
CA ILE D 106 -3.87 42.53 19.37
C ILE D 106 -3.45 41.63 18.23
N GLU D 107 -3.51 42.12 16.99
CA GLU D 107 -3.11 41.25 15.89
C GLU D 107 -1.60 41.23 15.67
N ARG D 108 -0.87 42.23 16.17
CA ARG D 108 0.58 42.17 16.16
C ARG D 108 1.14 41.30 17.26
N ARG D 109 0.28 40.63 18.03
CA ARG D 109 0.69 39.70 19.07
C ARG D 109 1.49 40.38 20.17
N GLN D 110 1.20 41.65 20.43
CA GLN D 110 1.89 42.40 21.49
C GLN D 110 1.10 42.25 22.78
N GLY D 111 1.39 41.16 23.49
CA GLY D 111 0.69 40.86 24.73
C GLY D 111 0.99 41.81 25.87
N ASP D 112 2.03 42.64 25.72
CA ASP D 112 2.39 43.61 26.74
C ASP D 112 1.70 44.95 26.51
N ILE D 113 1.89 45.52 25.32
CA ILE D 113 1.38 46.85 25.01
C ILE D 113 -0.14 46.87 25.00
N THR D 114 -0.76 45.70 24.83
CA THR D 114 -2.22 45.65 24.85
C THR D 114 -2.77 45.84 26.25
N ALA D 115 -2.08 45.35 27.28
CA ALA D 115 -2.51 45.62 28.64
C ALA D 115 -2.37 47.09 28.98
N VAL D 116 -1.30 47.72 28.49
CA VAL D 116 -1.10 49.15 28.73
C VAL D 116 -2.14 49.96 27.98
N LEU D 117 -2.62 49.46 26.83
CA LEU D 117 -3.65 50.18 26.09
C LEU D 117 -5.03 49.98 26.70
N ILE D 118 -5.27 48.84 27.34
CA ILE D 118 -6.55 48.64 28.02
C ILE D 118 -6.60 49.40 29.33
N ALA D 119 -5.51 49.33 30.11
CA ALA D 119 -5.47 50.03 31.38
C ALA D 119 -5.48 51.53 31.21
N ALA D 120 -4.97 52.02 30.08
CA ALA D 120 -5.08 53.45 29.77
C ALA D 120 -6.46 53.84 29.28
N GLY D 121 -7.40 52.90 29.24
CA GLY D 121 -8.78 53.23 28.89
C GLY D 121 -9.08 53.18 27.40
N ALA D 122 -8.84 52.05 26.77
CA ALA D 122 -9.19 51.86 25.38
C ALA D 122 -10.68 51.55 25.27
N ASP D 123 -11.13 51.13 24.10
CA ASP D 123 -12.50 50.70 23.87
C ASP D 123 -12.47 49.24 23.44
N VAL D 124 -12.97 48.36 24.31
CA VAL D 124 -12.90 46.93 24.07
C VAL D 124 -14.03 46.49 23.15
N ASN D 125 -14.76 47.47 22.61
CA ASN D 125 -15.75 47.22 21.57
C ASN D 125 -15.36 48.08 20.38
N ALA D 126 -14.44 47.56 19.57
CA ALA D 126 -13.87 48.36 18.48
C ALA D 126 -14.78 48.34 17.27
N HIS D 127 -15.21 47.15 16.86
CA HIS D 127 -16.10 46.97 15.72
C HIS D 127 -15.49 47.56 14.44
N ALA D 128 -14.41 46.92 14.02
CA ALA D 128 -13.67 47.32 12.83
C ALA D 128 -14.50 46.94 11.61
N LYS D 129 -15.45 47.82 11.27
CA LYS D 129 -16.41 47.53 10.21
C LYS D 129 -15.69 47.35 8.88
N GLY D 130 -15.15 48.43 8.33
CA GLY D 130 -14.29 48.35 7.16
C GLY D 130 -14.86 47.64 5.96
N VAL D 131 -14.02 47.45 4.95
CA VAL D 131 -14.28 46.52 3.86
C VAL D 131 -13.12 45.56 3.65
N PHE D 132 -12.02 45.74 4.38
CA PHE D 132 -10.98 44.75 4.47
C PHE D 132 -11.22 43.76 5.61
N PHE D 133 -11.85 44.21 6.70
CA PHE D 133 -12.26 43.34 7.78
C PHE D 133 -13.65 42.76 7.57
N ASN D 134 -14.17 42.85 6.36
CA ASN D 134 -15.50 42.36 6.04
C ASN D 134 -15.57 42.21 4.53
N PRO D 135 -14.75 41.35 3.93
CA PRO D 135 -14.50 41.43 2.50
C PRO D 135 -15.60 40.76 1.69
N LYS D 136 -15.40 40.76 0.37
CA LYS D 136 -16.30 40.10 -0.56
C LYS D 136 -15.80 38.70 -0.92
N TYR D 137 -14.59 38.62 -1.46
CA TYR D 137 -13.98 37.33 -1.76
C TYR D 137 -13.09 36.91 -0.59
N GLN D 138 -12.53 35.71 -0.69
CA GLN D 138 -11.79 35.17 0.44
C GLN D 138 -10.46 35.87 0.63
N HIS D 139 -9.65 35.96 -0.41
CA HIS D 139 -8.39 36.68 -0.27
C HIS D 139 -8.64 38.18 -0.24
N GLU D 140 -7.59 38.92 0.10
CA GLU D 140 -7.65 40.38 0.22
C GLU D 140 -8.70 40.78 1.26
N GLY D 141 -8.54 40.24 2.46
CA GLY D 141 -9.42 40.50 3.57
C GLY D 141 -9.40 39.33 4.53
N PHE D 142 -9.73 39.61 5.79
CA PHE D 142 -9.64 38.60 6.84
C PHE D 142 -10.99 38.19 7.41
N TYR D 143 -11.81 39.13 7.87
CA TYR D 143 -13.04 38.84 8.60
C TYR D 143 -12.77 37.95 9.82
N PHE D 144 -12.12 38.56 10.80
CA PHE D 144 -11.92 37.88 12.08
C PHE D 144 -13.19 37.86 12.92
N GLY D 145 -14.07 38.86 12.79
CA GLY D 145 -15.26 38.92 13.59
C GLY D 145 -15.66 40.32 14.00
N GLU D 146 -14.84 41.31 13.70
CA GLU D 146 -15.10 42.72 13.95
C GLU D 146 -15.19 43.03 15.44
N THR D 147 -14.20 42.59 16.20
CA THR D 147 -14.17 42.80 17.65
C THR D 147 -12.81 42.39 18.20
N PRO D 148 -12.23 43.15 19.12
CA PRO D 148 -10.92 42.74 19.69
C PRO D 148 -10.95 41.37 20.34
N LEU D 149 -12.06 40.98 20.95
CA LEU D 149 -12.14 39.63 21.50
C LEU D 149 -12.21 38.59 20.39
N ALA D 150 -12.92 38.89 19.30
CA ALA D 150 -12.96 37.97 18.19
C ALA D 150 -11.62 37.87 17.48
N LEU D 151 -10.88 38.97 17.40
CA LEU D 151 -9.57 38.92 16.78
C LEU D 151 -8.58 38.17 17.64
N ALA D 152 -8.61 38.41 18.95
CA ALA D 152 -7.72 37.69 19.85
C ALA D 152 -8.03 36.21 19.89
N ALA D 153 -9.27 35.83 19.62
CA ALA D 153 -9.63 34.41 19.60
C ALA D 153 -9.38 33.76 18.25
N CYS D 154 -9.43 34.53 17.15
CA CYS D 154 -9.23 33.99 15.82
C CYS D 154 -7.77 34.01 15.37
N THR D 155 -6.89 34.67 16.12
CA THR D 155 -5.46 34.63 15.85
C THR D 155 -4.71 33.75 16.84
N ASN D 156 -5.44 32.92 17.60
CA ASN D 156 -4.85 31.89 18.45
C ASN D 156 -3.84 32.49 19.44
N GLN D 157 -4.37 33.31 20.34
CA GLN D 157 -3.59 33.82 21.46
C GLN D 157 -4.48 33.88 22.69
N PRO D 158 -4.50 32.82 23.50
CA PRO D 158 -5.45 32.75 24.60
C PRO D 158 -5.14 33.69 25.75
N GLU D 159 -3.88 34.10 25.91
CA GLU D 159 -3.56 35.00 27.01
C GLU D 159 -4.30 36.32 26.90
N ILE D 160 -4.32 36.90 25.70
CA ILE D 160 -5.08 38.13 25.49
C ILE D 160 -6.58 37.88 25.56
N VAL D 161 -7.03 36.68 25.19
CA VAL D 161 -8.45 36.36 25.32
C VAL D 161 -8.85 36.34 26.79
N GLN D 162 -8.04 35.71 27.64
CA GLN D 162 -8.33 35.71 29.06
C GLN D 162 -8.30 37.14 29.62
N LEU D 163 -7.37 37.95 29.15
CA LEU D 163 -7.30 39.34 29.60
C LEU D 163 -8.55 40.11 29.20
N LEU D 164 -9.08 39.85 28.01
CA LEU D 164 -10.31 40.52 27.58
C LEU D 164 -11.54 39.96 28.29
N MET D 165 -11.57 38.64 28.49
CA MET D 165 -12.75 37.99 29.04
C MET D 165 -13.05 38.49 30.45
N GLU D 166 -12.09 38.31 31.37
CA GLU D 166 -12.29 38.68 32.77
C GLU D 166 -12.18 40.20 32.95
N ASN D 167 -13.06 40.90 32.25
CA ASN D 167 -13.17 42.35 32.31
C ASN D 167 -14.64 42.71 32.44
N GLU D 168 -14.92 43.77 33.19
CA GLU D 168 -16.30 44.18 33.39
C GLU D 168 -16.82 45.03 32.24
N GLN D 169 -15.94 45.61 31.44
CA GLN D 169 -16.35 46.50 30.36
C GLN D 169 -16.56 45.78 29.05
N THR D 170 -15.95 44.62 28.85
CA THR D 170 -16.09 43.89 27.60
C THR D 170 -17.52 43.40 27.41
N ASP D 171 -18.00 43.46 26.18
CA ASP D 171 -19.35 43.04 25.84
C ASP D 171 -19.23 41.71 25.10
N ILE D 172 -19.47 40.62 25.83
CA ILE D 172 -19.18 39.28 25.31
C ILE D 172 -20.17 38.87 24.23
N THR D 173 -21.35 39.48 24.18
CA THR D 173 -22.39 39.06 23.24
C THR D 173 -22.79 40.19 22.28
N SER D 174 -21.81 40.87 21.70
CA SER D 174 -22.07 42.00 20.82
C SER D 174 -21.99 41.54 19.37
N GLN D 175 -23.13 41.49 18.70
CA GLN D 175 -23.18 41.03 17.32
C GLN D 175 -22.68 42.11 16.38
N ASP D 176 -21.91 41.68 15.38
CA ASP D 176 -21.29 42.60 14.43
C ASP D 176 -22.28 42.88 13.28
N SER D 177 -21.79 43.46 12.19
CA SER D 177 -22.62 43.88 11.08
C SER D 177 -23.10 42.72 10.21
N ARG D 178 -22.63 41.50 10.45
CA ARG D 178 -23.18 40.33 9.79
C ARG D 178 -24.21 39.60 10.64
N GLY D 179 -24.38 40.01 11.90
CA GLY D 179 -25.16 39.27 12.85
C GLY D 179 -24.35 38.30 13.69
N ASN D 180 -23.09 38.06 13.34
CA ASN D 180 -22.27 37.07 14.01
C ASN D 180 -21.80 37.60 15.36
N ASN D 181 -22.08 36.86 16.42
CA ASN D 181 -21.41 37.12 17.70
C ASN D 181 -20.06 36.44 17.68
N ILE D 182 -19.42 36.30 18.83
CA ILE D 182 -18.09 35.69 18.87
C ILE D 182 -18.13 34.26 18.37
N LEU D 183 -19.18 33.51 18.69
CA LEU D 183 -19.21 32.10 18.35
C LEU D 183 -19.52 31.83 16.88
N HIS D 184 -20.35 32.64 16.23
CA HIS D 184 -20.50 32.50 14.79
C HIS D 184 -19.19 32.78 14.06
N ALA D 185 -18.41 33.74 14.57
CA ALA D 185 -17.13 34.03 13.96
C ALA D 185 -16.16 32.88 14.11
N LEU D 186 -16.14 32.24 15.27
CA LEU D 186 -15.25 31.11 15.46
C LEU D 186 -15.62 29.92 14.59
N VAL D 187 -16.91 29.63 14.42
CA VAL D 187 -17.29 28.56 13.50
C VAL D 187 -17.22 29.01 12.06
N THR D 188 -16.94 30.29 11.80
CA THR D 188 -16.73 30.74 10.43
C THR D 188 -15.30 30.54 9.99
N VAL D 189 -14.32 30.82 10.86
CA VAL D 189 -12.92 30.68 10.49
C VAL D 189 -12.38 29.27 10.67
N ALA D 190 -13.18 28.35 11.22
CA ALA D 190 -12.66 27.04 11.57
C ALA D 190 -12.30 26.24 10.33
N GLU D 191 -11.16 25.57 10.37
CA GLU D 191 -10.75 24.66 9.30
C GLU D 191 -10.40 23.30 9.89
N ASP D 192 -9.85 22.41 9.07
CA ASP D 192 -9.60 21.03 9.49
C ASP D 192 -8.24 20.91 10.16
N PHE D 193 -8.02 19.74 10.76
CA PHE D 193 -6.84 19.54 11.60
C PHE D 193 -5.55 19.64 10.83
N LYS D 194 -5.57 19.33 9.53
CA LYS D 194 -4.32 19.36 8.77
C LYS D 194 -3.96 20.78 8.33
N THR D 195 -4.94 21.66 8.17
CA THR D 195 -4.64 23.04 7.80
C THR D 195 -4.23 23.84 9.04
N GLN D 196 -5.16 24.01 9.97
CA GLN D 196 -4.87 24.60 11.27
C GLN D 196 -5.01 23.53 12.34
N ASN D 197 -4.52 23.85 13.54
CA ASN D 197 -4.66 22.91 14.64
C ASN D 197 -6.08 22.96 15.16
N ASP D 198 -6.33 22.40 16.34
CA ASP D 198 -7.64 22.45 16.95
C ASP D 198 -7.81 23.65 17.87
N PHE D 199 -7.13 24.77 17.60
CA PHE D 199 -7.17 25.88 18.52
C PHE D 199 -8.53 26.57 18.52
N VAL D 200 -9.28 26.45 17.43
CA VAL D 200 -10.58 27.11 17.36
C VAL D 200 -11.60 26.36 18.21
N LYS D 201 -11.50 25.04 18.28
CA LYS D 201 -12.37 24.29 19.17
C LYS D 201 -12.05 24.59 20.63
N ARG D 202 -10.77 24.69 20.98
CA ARG D 202 -10.38 25.00 22.35
C ARG D 202 -10.81 26.41 22.73
N MET D 203 -10.66 27.37 21.83
CA MET D 203 -11.13 28.72 22.11
C MET D 203 -12.64 28.80 22.14
N TYR D 204 -13.33 27.91 21.42
CA TYR D 204 -14.79 27.87 21.46
C TYR D 204 -15.27 27.51 22.86
N ASP D 205 -14.75 26.42 23.42
CA ASP D 205 -15.21 26.05 24.76
C ASP D 205 -14.66 26.99 25.82
N MET D 206 -13.50 27.59 25.60
CA MET D 206 -12.99 28.57 26.56
C MET D 206 -13.94 29.74 26.69
N ILE D 207 -14.34 30.34 25.57
CA ILE D 207 -15.24 31.48 25.62
C ILE D 207 -16.61 31.08 26.13
N LEU D 208 -17.11 29.93 25.69
CA LEU D 208 -18.43 29.48 26.11
C LEU D 208 -18.48 29.24 27.61
N LEU D 209 -17.57 28.41 28.12
CA LEU D 209 -17.58 28.07 29.53
C LEU D 209 -17.30 29.28 30.39
N ARG D 210 -16.39 30.15 29.96
CA ARG D 210 -16.02 31.29 30.79
C ARG D 210 -17.11 32.34 30.85
N SER D 211 -17.99 32.42 29.85
CA SER D 211 -19.17 33.24 30.04
C SER D 211 -20.23 32.46 30.81
N GLY D 212 -20.77 31.42 30.19
CA GLY D 212 -21.56 30.42 30.87
C GLY D 212 -23.04 30.74 30.78
N ASN D 213 -23.70 30.20 29.76
CA ASN D 213 -25.12 30.45 29.50
C ASN D 213 -25.49 29.70 28.23
N TRP D 214 -26.78 29.68 27.93
CA TRP D 214 -27.24 29.30 26.61
C TRP D 214 -27.51 30.52 25.73
N GLU D 215 -27.37 31.73 26.27
CA GLU D 215 -27.71 32.92 25.51
C GLU D 215 -26.77 33.12 24.34
N LEU D 216 -25.52 32.70 24.49
CA LEU D 216 -24.54 32.93 23.43
C LEU D 216 -24.65 31.90 22.33
N GLU D 217 -25.24 30.75 22.60
CA GLU D 217 -25.34 29.68 21.62
C GLU D 217 -26.76 29.47 21.11
N THR D 218 -27.65 30.43 21.35
CA THR D 218 -28.96 30.46 20.69
C THR D 218 -29.21 31.78 19.98
N MET D 219 -28.22 32.66 19.93
CA MET D 219 -28.37 33.90 19.18
C MET D 219 -28.52 33.59 17.70
N ARG D 220 -29.25 34.45 17.01
CA ARG D 220 -29.60 34.22 15.61
C ARG D 220 -28.75 35.11 14.73
N ASN D 221 -28.06 34.49 13.79
CA ASN D 221 -27.36 35.20 12.73
C ASN D 221 -28.35 36.07 11.96
N ASN D 222 -27.82 36.93 11.09
CA ASN D 222 -28.70 37.68 10.20
C ASN D 222 -29.39 36.80 9.18
N ASP D 223 -29.02 35.52 9.10
CA ASP D 223 -29.70 34.54 8.27
C ASP D 223 -30.57 33.60 9.10
N GLY D 224 -30.76 33.90 10.38
CA GLY D 224 -31.50 33.00 11.23
C GLY D 224 -30.77 31.70 11.50
N LEU D 225 -29.47 31.76 11.77
CA LEU D 225 -28.65 30.57 11.95
C LEU D 225 -27.97 30.62 13.32
N THR D 226 -28.37 29.73 14.20
CA THR D 226 -27.65 29.49 15.45
C THR D 226 -26.19 29.12 15.13
N PRO D 227 -25.24 29.42 16.02
CA PRO D 227 -23.85 29.02 15.76
C PRO D 227 -23.66 27.53 15.54
N LEU D 228 -24.68 26.71 15.78
CA LEU D 228 -24.61 25.28 15.44
C LEU D 228 -25.04 25.04 13.99
N GLN D 229 -26.18 25.59 13.59
CA GLN D 229 -26.63 25.43 12.21
C GLN D 229 -25.71 26.12 11.23
N LEU D 230 -24.93 27.11 11.66
CA LEU D 230 -23.90 27.66 10.80
C LEU D 230 -22.78 26.65 10.58
N ALA D 231 -22.34 25.97 11.62
CA ALA D 231 -21.33 24.93 11.47
C ALA D 231 -21.80 23.80 10.60
N ALA D 232 -23.11 23.56 10.50
CA ALA D 232 -23.64 22.56 9.60
C ALA D 232 -23.87 23.09 8.19
N LYS D 233 -24.16 24.38 8.05
CA LYS D 233 -24.43 24.94 6.73
C LYS D 233 -23.18 25.16 5.92
N MET D 234 -22.02 25.37 6.56
CA MET D 234 -20.78 25.50 5.82
C MET D 234 -19.85 24.32 6.00
N GLY D 235 -20.30 23.28 6.69
CA GLY D 235 -19.59 22.01 6.71
C GLY D 235 -18.33 21.98 7.54
N LYS D 236 -18.39 22.48 8.78
CA LYS D 236 -17.26 22.43 9.69
C LYS D 236 -17.39 21.17 10.53
N ALA D 237 -16.92 20.06 9.97
CA ALA D 237 -17.16 18.76 10.60
C ALA D 237 -16.48 18.64 11.96
N GLU D 238 -15.36 19.33 12.16
CA GLU D 238 -14.62 19.16 13.40
C GLU D 238 -15.29 19.89 14.55
N ILE D 239 -15.66 21.15 14.37
CA ILE D 239 -16.24 21.93 15.46
C ILE D 239 -17.69 21.52 15.63
N LEU D 240 -18.28 20.92 14.60
CA LEU D 240 -19.61 20.34 14.71
C LEU D 240 -19.61 19.04 15.51
N LYS D 241 -18.64 18.16 15.24
CA LYS D 241 -18.49 16.98 16.07
C LYS D 241 -18.28 17.35 17.52
N TYR D 242 -17.58 18.45 17.78
CA TYR D 242 -17.37 18.87 19.16
C TYR D 242 -18.66 19.35 19.79
N ILE D 243 -19.47 20.13 19.06
CA ILE D 243 -20.68 20.69 19.66
C ILE D 243 -21.70 19.61 19.94
N LEU D 244 -21.89 18.67 19.02
CA LEU D 244 -22.99 17.72 19.15
C LEU D 244 -22.81 16.78 20.33
N SER D 245 -21.58 16.46 20.70
CA SER D 245 -21.29 15.62 21.85
C SER D 245 -20.32 16.38 22.74
N ARG D 246 -20.87 17.26 23.56
CA ARG D 246 -20.10 18.17 24.40
C ARG D 246 -20.56 17.98 25.82
N GLU D 247 -19.70 17.41 26.66
CA GLU D 247 -20.04 17.11 28.04
C GLU D 247 -19.17 17.93 28.98
N ILE D 248 -19.81 18.61 29.93
CA ILE D 248 -19.13 19.40 30.95
C ILE D 248 -19.31 18.65 32.27
N LYS D 249 -18.22 18.11 32.80
CA LYS D 249 -18.27 17.24 33.97
C LYS D 249 -18.12 18.01 35.28
N GLU D 250 -18.52 19.28 35.30
CA GLU D 250 -18.45 20.12 36.49
C GLU D 250 -19.85 20.47 36.95
N LYS D 251 -20.06 20.50 38.26
CA LYS D 251 -21.40 20.69 38.78
C LYS D 251 -22.05 22.02 38.41
N PRO D 252 -21.36 23.17 38.47
CA PRO D 252 -22.06 24.42 38.11
C PRO D 252 -22.34 24.55 36.63
N LEU D 253 -21.51 23.97 35.76
CA LEU D 253 -21.65 24.10 34.32
C LEU D 253 -22.10 22.81 33.65
N ARG D 254 -22.63 21.86 34.43
CA ARG D 254 -23.15 20.63 33.86
C ARG D 254 -24.36 20.92 32.97
N SER D 255 -25.01 22.06 33.18
CA SER D 255 -26.28 22.32 32.52
C SER D 255 -26.10 22.60 31.05
N LEU D 256 -25.01 23.27 30.67
CA LEU D 256 -24.79 23.59 29.26
C LEU D 256 -23.94 22.55 28.54
N SER D 257 -24.31 21.28 28.65
CA SER D 257 -23.71 20.21 27.87
C SER D 257 -24.78 19.57 27.00
N ARG D 258 -24.35 18.80 26.03
CA ARG D 258 -25.26 18.17 25.08
C ARG D 258 -25.15 16.66 25.08
N LYS D 259 -24.56 16.07 26.12
CA LYS D 259 -24.41 14.63 26.19
C LYS D 259 -24.21 14.26 27.66
N PHE D 260 -25.18 13.57 28.24
CA PHE D 260 -25.17 13.26 29.66
C PHE D 260 -25.05 11.76 29.84
N THR D 261 -24.30 11.34 30.84
CA THR D 261 -24.15 9.92 31.12
C THR D 261 -25.15 9.51 32.19
N ASP D 262 -25.93 8.46 31.90
CA ASP D 262 -26.98 8.06 32.84
C ASP D 262 -26.45 7.19 33.97
N TRP D 263 -25.98 5.99 33.66
CA TRP D 263 -25.66 5.07 34.74
C TRP D 263 -24.20 4.62 34.74
N ALA D 264 -23.69 4.04 33.67
CA ALA D 264 -22.26 3.74 33.55
C ALA D 264 -21.75 2.92 34.75
N TYR D 265 -22.21 1.66 34.82
CA TYR D 265 -21.82 0.83 35.96
C TYR D 265 -20.34 0.48 35.96
N GLY D 266 -19.89 -0.27 34.97
CA GLY D 266 -18.50 -0.64 34.90
C GLY D 266 -17.88 -0.09 33.64
N PRO D 267 -17.57 -0.97 32.69
CA PRO D 267 -17.32 -0.50 31.33
C PRO D 267 -18.58 0.01 30.66
N VAL D 268 -19.70 -0.71 30.80
CA VAL D 268 -20.92 -0.33 30.13
C VAL D 268 -21.39 1.03 30.61
N SER D 269 -21.93 1.83 29.69
CA SER D 269 -22.38 3.17 30.02
C SER D 269 -23.44 3.59 29.03
N SER D 270 -24.51 4.19 29.53
CA SER D 270 -25.62 4.63 28.70
C SER D 270 -25.67 6.14 28.71
N SER D 271 -25.13 6.76 27.68
CA SER D 271 -25.10 8.21 27.56
C SER D 271 -26.18 8.65 26.59
N LEU D 272 -26.96 9.65 27.01
CA LEU D 272 -28.05 10.18 26.20
C LEU D 272 -27.66 11.52 25.63
N TYR D 273 -27.91 11.69 24.33
CA TYR D 273 -27.49 12.86 23.56
C TYR D 273 -28.64 13.83 23.45
N ASP D 274 -28.40 15.09 23.79
CA ASP D 274 -29.41 16.11 23.60
C ASP D 274 -29.77 16.24 22.13
N LEU D 275 -31.06 16.24 21.84
CA LEU D 275 -31.58 16.17 20.49
C LEU D 275 -32.44 17.37 20.14
N THR D 276 -32.26 18.49 20.83
CA THR D 276 -33.18 19.61 20.69
C THR D 276 -33.25 20.12 19.27
N ASN D 277 -32.10 20.53 18.72
CA ASN D 277 -32.10 21.22 17.45
C ASN D 277 -31.35 20.44 16.37
N VAL D 278 -31.22 19.12 16.52
CA VAL D 278 -30.58 18.29 15.53
C VAL D 278 -31.53 17.28 14.93
N ASP D 279 -32.81 17.36 15.26
CA ASP D 279 -33.82 16.49 14.72
C ASP D 279 -34.83 17.33 13.95
N THR D 280 -35.44 16.73 12.92
CA THR D 280 -36.31 17.48 12.04
C THR D 280 -37.68 17.69 12.66
N THR D 281 -37.71 18.26 13.86
CA THR D 281 -38.96 18.66 14.49
C THR D 281 -39.33 20.09 14.15
N THR D 282 -38.34 20.93 13.85
CA THR D 282 -38.55 22.33 13.57
C THR D 282 -37.99 22.73 12.22
N ASP D 283 -37.95 24.02 11.94
CA ASP D 283 -37.46 24.53 10.66
C ASP D 283 -35.95 24.67 10.73
N ASN D 284 -35.27 24.23 9.67
CA ASN D 284 -33.81 24.31 9.57
C ASN D 284 -33.14 23.62 10.76
N SER D 285 -33.40 22.32 10.88
CA SER D 285 -32.68 21.50 11.85
C SER D 285 -31.29 21.21 11.29
N VAL D 286 -30.53 20.36 11.96
CA VAL D 286 -29.20 20.03 11.47
C VAL D 286 -29.23 18.86 10.49
N LEU D 287 -30.15 17.92 10.63
CA LEU D 287 -30.31 16.90 9.60
C LEU D 287 -30.71 17.53 8.27
N GLU D 288 -31.74 18.37 8.28
CA GLU D 288 -32.20 18.94 7.02
C GLU D 288 -31.10 19.79 6.38
N ILE D 289 -30.33 20.51 7.18
CA ILE D 289 -29.26 21.34 6.65
C ILE D 289 -28.11 20.51 6.12
N ILE D 290 -27.76 19.41 6.78
CA ILE D 290 -26.65 18.59 6.32
C ILE D 290 -27.04 17.77 5.10
N VAL D 291 -28.26 17.23 5.08
CA VAL D 291 -28.66 16.35 3.98
C VAL D 291 -28.96 17.16 2.73
N TYR D 292 -29.66 18.28 2.86
CA TYR D 292 -30.06 19.08 1.72
C TYR D 292 -29.03 20.15 1.36
N ASN D 293 -27.75 19.91 1.65
CA ASN D 293 -26.71 20.89 1.41
C ASN D 293 -26.00 20.54 0.12
N THR D 294 -26.56 20.99 -1.00
CA THR D 294 -25.91 20.79 -2.30
C THR D 294 -24.94 21.92 -2.60
N ASN D 295 -24.07 22.21 -1.63
CA ASN D 295 -23.06 23.23 -1.80
C ASN D 295 -21.72 22.84 -1.18
N ILE D 296 -21.64 21.69 -0.52
CA ILE D 296 -20.41 21.22 0.10
C ILE D 296 -20.23 19.75 -0.23
N ASP D 297 -19.01 19.28 -0.03
CA ASP D 297 -18.68 17.88 -0.26
C ASP D 297 -18.37 17.12 1.01
N ASN D 298 -18.45 17.75 2.17
CA ASN D 298 -18.17 17.13 3.45
C ASN D 298 -19.38 16.44 4.05
N ARG D 299 -20.40 16.13 3.25
CA ARG D 299 -21.66 15.66 3.80
C ARG D 299 -21.54 14.25 4.37
N HIS D 300 -21.15 13.29 3.52
CA HIS D 300 -21.12 11.90 3.94
C HIS D 300 -20.14 11.63 5.07
N GLU D 301 -19.27 12.58 5.39
CA GLU D 301 -18.39 12.48 6.53
C GLU D 301 -18.91 13.25 7.73
N MET D 302 -20.05 13.92 7.58
CA MET D 302 -20.74 14.58 8.69
C MET D 302 -21.95 13.82 9.15
N LEU D 303 -22.44 12.86 8.37
CA LEU D 303 -23.54 12.02 8.79
C LEU D 303 -23.09 10.85 9.67
N THR D 304 -21.80 10.70 9.91
CA THR D 304 -21.32 9.61 10.75
C THR D 304 -21.15 10.02 12.21
N LEU D 305 -21.39 11.28 12.54
CA LEU D 305 -21.33 11.70 13.93
C LEU D 305 -22.48 11.06 14.71
N GLU D 306 -22.34 11.06 16.03
CA GLU D 306 -23.06 10.11 16.86
C GLU D 306 -24.58 10.29 16.87
N PRO D 307 -25.12 11.48 17.18
CA PRO D 307 -26.58 11.60 17.20
C PRO D 307 -27.20 11.40 15.82
N LEU D 308 -26.61 11.98 14.77
CA LEU D 308 -27.18 11.86 13.44
C LEU D 308 -27.15 10.45 12.89
N HIS D 309 -26.13 9.66 13.22
CA HIS D 309 -26.08 8.29 12.76
C HIS D 309 -27.18 7.45 13.37
N THR D 310 -27.30 7.46 14.70
CA THR D 310 -28.36 6.69 15.33
C THR D 310 -29.74 7.25 15.01
N LEU D 311 -29.83 8.54 14.67
CA LEU D 311 -31.10 9.13 14.31
C LEU D 311 -31.60 8.60 12.98
N LEU D 312 -30.74 8.59 11.97
CA LEU D 312 -31.16 8.11 10.67
C LEU D 312 -31.44 6.62 10.67
N HIS D 313 -30.73 5.85 11.50
CA HIS D 313 -31.06 4.43 11.58
C HIS D 313 -32.42 4.21 12.22
N THR D 314 -32.72 4.93 13.31
CA THR D 314 -34.04 4.78 13.93
C THR D 314 -35.16 5.14 12.97
N LYS D 315 -34.93 6.12 12.09
CA LYS D 315 -35.94 6.42 11.08
C LYS D 315 -36.06 5.29 10.06
N TRP D 316 -34.94 4.76 9.56
CA TRP D 316 -35.05 3.57 8.73
C TRP D 316 -35.14 2.34 9.60
N LYS D 317 -35.95 2.42 10.64
CA LYS D 317 -36.44 1.24 11.32
C LYS D 317 -37.91 1.36 11.70
N LYS D 318 -38.45 2.56 11.84
CA LYS D 318 -39.83 2.75 12.24
C LYS D 318 -40.78 2.92 11.07
N PHE D 319 -40.51 3.86 10.18
CA PHE D 319 -41.48 4.14 9.12
C PHE D 319 -40.87 4.20 7.73
N ALA D 320 -39.59 4.53 7.61
CA ALA D 320 -39.05 4.77 6.29
C ALA D 320 -38.82 3.48 5.52
N LYS D 321 -38.48 2.40 6.21
CA LYS D 321 -38.26 1.13 5.53
C LYS D 321 -39.51 0.65 4.82
N TYR D 322 -40.67 0.76 5.46
CA TYR D 322 -41.93 0.29 4.90
C TYR D 322 -42.51 1.25 3.87
N MET D 323 -42.35 2.55 4.04
CA MET D 323 -42.78 3.47 3.00
C MET D 323 -41.93 3.32 1.74
N PHE D 324 -40.66 2.94 1.90
CA PHE D 324 -39.82 2.70 0.73
C PHE D 324 -40.27 1.46 -0.01
N PHE D 325 -40.43 0.33 0.70
CA PHE D 325 -40.90 -0.88 0.05
C PHE D 325 -42.27 -0.68 -0.57
N LEU D 326 -43.15 0.06 0.09
CA LEU D 326 -44.47 0.32 -0.45
C LEU D 326 -44.39 1.15 -1.73
N SER D 327 -43.52 2.15 -1.76
CA SER D 327 -43.32 2.92 -2.98
C SER D 327 -42.75 2.06 -4.10
N PHE D 328 -41.88 1.12 -3.78
CA PHE D 328 -41.33 0.25 -4.81
C PHE D 328 -42.40 -0.65 -5.41
N CYS D 329 -43.29 -1.19 -4.58
CA CYS D 329 -44.39 -1.99 -5.11
C CYS D 329 -45.32 -1.17 -6.00
N PHE D 330 -45.64 0.06 -5.61
CA PHE D 330 -46.48 0.88 -6.46
C PHE D 330 -45.85 1.20 -7.80
N TYR D 331 -44.56 1.53 -7.84
CA TYR D 331 -43.89 1.78 -9.10
C TYR D 331 -43.66 0.53 -9.92
N PHE D 332 -43.42 -0.61 -9.29
CA PHE D 332 -43.29 -1.86 -10.05
C PHE D 332 -44.59 -2.20 -10.76
N PHE D 333 -45.71 -2.12 -10.05
CA PHE D 333 -46.98 -2.43 -10.68
C PHE D 333 -47.39 -1.40 -11.72
N TYR D 334 -46.99 -0.14 -11.56
CA TYR D 334 -47.23 0.85 -12.61
C TYR D 334 -46.41 0.55 -13.85
N ASN D 335 -45.19 0.06 -13.69
CA ASN D 335 -44.38 -0.31 -14.86
C ASN D 335 -44.95 -1.53 -15.57
N ILE D 336 -45.29 -2.58 -14.83
CA ILE D 336 -45.86 -3.77 -15.47
C ILE D 336 -47.16 -3.42 -16.19
N THR D 337 -48.05 -2.70 -15.53
CA THR D 337 -49.29 -2.31 -16.19
C THR D 337 -49.04 -1.42 -17.38
N LEU D 338 -47.93 -0.69 -17.40
CA LEU D 338 -47.58 0.08 -18.60
C LEU D 338 -47.04 -0.80 -19.71
N THR D 339 -46.34 -1.88 -19.37
CA THR D 339 -45.71 -2.70 -20.39
C THR D 339 -46.58 -3.85 -20.85
N LEU D 340 -47.73 -4.07 -20.22
CA LEU D 340 -48.69 -5.05 -20.73
C LEU D 340 -49.78 -4.41 -21.59
N VAL D 341 -50.13 -3.15 -21.34
CA VAL D 341 -51.07 -2.43 -22.18
C VAL D 341 -50.35 -1.78 -23.36
N SER D 342 -49.06 -2.01 -23.51
CA SER D 342 -48.29 -1.51 -24.63
C SER D 342 -47.70 -2.61 -25.49
N TYR D 343 -47.50 -3.80 -24.94
CA TYR D 343 -47.04 -4.93 -25.72
C TYR D 343 -48.19 -5.78 -26.24
N TYR D 344 -49.36 -5.71 -25.60
CA TYR D 344 -50.56 -6.41 -26.02
C TYR D 344 -51.56 -5.46 -26.67
N ARG D 345 -51.07 -4.49 -27.43
CA ARG D 345 -51.93 -3.56 -28.15
C ARG D 345 -52.94 -4.31 -29.01
N PRO D 346 -54.07 -3.69 -29.37
CA PRO D 346 -54.96 -4.28 -30.37
C PRO D 346 -54.40 -4.02 -31.77
N ARG D 347 -54.17 -5.10 -32.51
CA ARG D 347 -53.59 -5.03 -33.85
C ARG D 347 -52.26 -4.28 -33.87
N LEU D 365 -63.56 -6.18 -18.85
CA LEU D 365 -63.26 -5.94 -17.44
C LEU D 365 -61.80 -6.25 -17.17
N GLN D 366 -61.28 -5.71 -16.06
CA GLN D 366 -59.87 -5.83 -15.69
C GLN D 366 -58.96 -5.29 -16.78
N LEU D 367 -59.44 -4.28 -17.51
CA LEU D 367 -58.61 -3.45 -18.36
C LEU D 367 -58.66 -1.99 -17.93
N LEU D 368 -58.97 -1.74 -16.66
CA LEU D 368 -58.83 -0.40 -16.11
C LEU D 368 -57.37 -0.01 -15.94
N GLY D 369 -56.44 -0.90 -16.25
CA GLY D 369 -55.02 -0.63 -16.15
C GLY D 369 -54.58 0.56 -16.99
N ARG D 370 -55.29 0.83 -18.08
CA ARG D 370 -54.92 1.96 -18.93
C ARG D 370 -55.16 3.28 -18.21
N MET D 371 -56.33 3.41 -17.55
CA MET D 371 -56.60 4.64 -16.81
C MET D 371 -55.81 4.68 -15.51
N PHE D 372 -55.45 3.52 -14.97
CA PHE D 372 -54.54 3.49 -13.82
C PHE D 372 -53.19 4.08 -14.21
N VAL D 373 -52.64 3.65 -15.34
CA VAL D 373 -51.36 4.18 -15.80
C VAL D 373 -51.45 5.68 -16.01
N LEU D 374 -52.55 6.14 -16.61
CA LEU D 374 -52.72 7.58 -16.81
C LEU D 374 -52.77 8.32 -15.49
N ILE D 375 -53.47 7.75 -14.50
CA ILE D 375 -53.61 8.41 -13.20
C ILE D 375 -52.25 8.56 -12.53
N TRP D 376 -51.48 7.46 -12.50
CA TRP D 376 -50.20 7.50 -11.79
C TRP D 376 -49.13 8.23 -12.59
N ALA D 377 -49.30 8.32 -13.91
CA ALA D 377 -48.44 9.18 -14.69
C ALA D 377 -48.69 10.64 -14.34
N THR D 378 -49.95 11.03 -14.15
CA THR D 378 -50.26 12.40 -13.76
C THR D 378 -49.69 12.70 -12.38
N CYS D 379 -49.91 11.79 -11.43
CA CYS D 379 -49.34 11.91 -10.09
C CYS D 379 -47.83 12.12 -10.12
N ILE D 380 -47.11 11.20 -10.79
CA ILE D 380 -45.65 11.25 -10.77
C ILE D 380 -45.13 12.49 -11.47
N SER D 381 -45.77 12.88 -12.57
CA SER D 381 -45.33 14.06 -13.30
C SER D 381 -45.46 15.31 -12.45
N VAL D 382 -46.61 15.49 -11.80
CA VAL D 382 -46.85 16.68 -10.98
C VAL D 382 -45.86 16.72 -9.82
N LYS D 383 -45.78 15.61 -9.08
CA LYS D 383 -44.94 15.55 -7.89
C LYS D 383 -43.48 15.81 -8.22
N GLU D 384 -42.97 15.19 -9.30
CA GLU D 384 -41.57 15.36 -9.64
C GLU D 384 -41.28 16.74 -10.19
N GLY D 385 -42.25 17.34 -10.88
CA GLY D 385 -42.07 18.71 -11.33
C GLY D 385 -41.92 19.68 -10.18
N ILE D 386 -42.72 19.50 -9.13
CA ILE D 386 -42.55 20.30 -7.92
C ILE D 386 -41.16 20.09 -7.32
N ALA D 387 -40.72 18.83 -7.23
CA ALA D 387 -39.42 18.55 -6.64
C ALA D 387 -38.29 19.22 -7.42
N ILE D 388 -38.43 19.31 -8.75
CA ILE D 388 -37.39 19.96 -9.55
C ILE D 388 -37.41 21.47 -9.33
N PHE D 389 -38.60 22.05 -9.17
CA PHE D 389 -38.68 23.48 -8.91
C PHE D 389 -38.11 23.85 -7.55
N LEU D 390 -38.17 22.94 -6.59
CA LEU D 390 -37.60 23.21 -5.28
C LEU D 390 -36.10 22.93 -5.25
N LEU D 391 -35.65 21.97 -6.06
CA LEU D 391 -34.22 21.61 -6.05
C LEU D 391 -33.36 22.69 -6.69
N ARG D 392 -33.94 23.48 -7.60
CA ARG D 392 -33.25 24.58 -8.27
C ARG D 392 -31.99 24.08 -8.97
N PRO D 393 -32.12 23.30 -10.04
CA PRO D 393 -30.95 22.71 -10.69
C PRO D 393 -30.16 23.65 -11.59
N SER D 394 -30.36 24.97 -11.46
CA SER D 394 -29.65 25.92 -12.32
C SER D 394 -28.14 25.85 -12.09
N ASP D 395 -27.72 25.61 -10.85
CA ASP D 395 -26.30 25.48 -10.56
C ASP D 395 -25.71 24.25 -11.22
N LEU D 396 -24.49 24.39 -11.74
CA LEU D 396 -23.87 23.36 -12.55
C LEU D 396 -23.59 22.11 -11.73
N GLN D 397 -23.75 20.94 -12.35
CA GLN D 397 -23.43 19.61 -11.84
C GLN D 397 -24.46 19.15 -10.79
N SER D 398 -25.38 20.02 -10.36
CA SER D 398 -26.33 19.60 -9.34
C SER D 398 -27.33 18.58 -9.88
N ILE D 399 -27.67 18.69 -11.17
CA ILE D 399 -28.66 17.78 -11.74
C ILE D 399 -28.13 16.35 -11.73
N LEU D 400 -26.82 16.18 -11.95
CA LEU D 400 -26.22 14.86 -11.82
C LEU D 400 -25.89 14.54 -10.36
N SER D 401 -26.03 15.54 -9.48
CA SER D 401 -25.53 15.37 -8.12
C SER D 401 -26.61 14.83 -7.20
N ASP D 402 -27.81 15.39 -7.25
CA ASP D 402 -28.89 15.00 -6.33
C ASP D 402 -30.23 14.78 -7.01
N ALA D 403 -30.48 15.36 -8.18
CA ALA D 403 -31.79 15.29 -8.80
C ALA D 403 -31.78 14.58 -10.13
N TRP D 404 -30.89 13.61 -10.32
CA TRP D 404 -30.91 12.84 -11.56
C TRP D 404 -32.18 12.01 -11.66
N PHE D 405 -32.55 11.33 -10.58
CA PHE D 405 -33.72 10.46 -10.66
C PHE D 405 -35.02 11.27 -10.58
N HIS D 406 -34.97 12.48 -10.03
CA HIS D 406 -36.10 13.37 -10.15
C HIS D 406 -36.38 13.70 -11.61
N PHE D 407 -35.32 14.07 -12.35
CA PHE D 407 -35.46 14.40 -13.76
C PHE D 407 -35.90 13.19 -14.57
N VAL D 408 -35.35 12.01 -14.28
CA VAL D 408 -35.69 10.84 -15.07
C VAL D 408 -37.11 10.37 -14.82
N PHE D 409 -37.56 10.38 -13.56
CA PHE D 409 -38.95 10.01 -13.28
C PHE D 409 -39.91 11.00 -13.94
N PHE D 410 -39.52 12.28 -14.00
CA PHE D 410 -40.36 13.28 -14.66
C PHE D 410 -40.43 13.03 -16.15
N VAL D 411 -39.29 12.74 -16.78
CA VAL D 411 -39.26 12.52 -18.23
C VAL D 411 -40.13 11.33 -18.60
N GLN D 412 -40.02 10.24 -17.85
CA GLN D 412 -40.79 9.05 -18.21
C GLN D 412 -42.28 9.27 -17.99
N ALA D 413 -42.67 9.95 -16.92
CA ALA D 413 -44.09 10.22 -16.71
C ALA D 413 -44.66 11.17 -17.75
N VAL D 414 -43.91 12.17 -18.19
CA VAL D 414 -44.44 13.11 -19.17
C VAL D 414 -44.46 12.45 -20.53
N LEU D 415 -43.58 11.47 -20.75
CA LEU D 415 -43.60 10.74 -22.02
C LEU D 415 -44.88 9.92 -22.14
N VAL D 416 -45.27 9.21 -21.08
CA VAL D 416 -46.55 8.51 -21.09
C VAL D 416 -47.69 9.50 -21.27
N ILE D 417 -47.59 10.68 -20.67
CA ILE D 417 -48.64 11.68 -20.82
C ILE D 417 -48.84 12.04 -22.28
N LEU D 418 -47.79 12.54 -22.93
CA LEU D 418 -48.05 13.00 -24.29
C LEU D 418 -48.20 11.86 -25.27
N SER D 419 -47.95 10.61 -24.87
CA SER D 419 -48.31 9.48 -25.70
C SER D 419 -49.78 9.13 -25.58
N VAL D 420 -50.46 9.59 -24.53
CA VAL D 420 -51.91 9.52 -24.45
C VAL D 420 -52.55 10.73 -25.12
N PHE D 421 -51.93 11.90 -25.01
CA PHE D 421 -52.47 13.09 -25.65
C PHE D 421 -51.94 13.20 -27.07
N LEU D 422 -51.57 12.06 -27.66
CA LEU D 422 -51.26 11.95 -29.08
C LEU D 422 -52.05 10.80 -29.68
N TYR D 423 -52.33 9.79 -28.86
CA TYR D 423 -53.04 8.61 -29.32
C TYR D 423 -54.46 8.93 -29.74
N LEU D 424 -55.13 9.78 -28.98
CA LEU D 424 -56.52 10.12 -29.25
C LEU D 424 -56.73 11.55 -29.74
N PHE D 425 -55.91 12.50 -29.29
CA PHE D 425 -56.18 13.90 -29.61
C PHE D 425 -55.79 14.23 -31.04
N ALA D 426 -54.70 13.65 -31.54
CA ALA D 426 -54.23 13.96 -32.88
C ALA D 426 -54.06 12.73 -33.77
N TYR D 427 -54.02 11.53 -33.20
CA TYR D 427 -53.94 10.28 -33.96
C TYR D 427 -52.69 10.27 -34.86
N LYS D 428 -51.55 10.26 -34.20
CA LYS D 428 -50.24 10.29 -34.83
C LYS D 428 -49.41 9.09 -34.34
N GLU D 429 -48.12 9.12 -34.66
CA GLU D 429 -47.19 8.10 -34.19
C GLU D 429 -47.00 8.21 -32.68
N TYR D 430 -47.72 7.37 -31.95
CA TYR D 430 -47.73 7.39 -30.49
C TYR D 430 -46.92 6.26 -29.89
N LEU D 431 -46.10 5.58 -30.69
CA LEU D 431 -45.30 4.47 -30.18
C LEU D 431 -43.91 4.89 -29.77
N ALA D 432 -43.34 5.92 -30.40
CA ALA D 432 -42.04 6.39 -29.96
C ALA D 432 -42.06 6.81 -28.50
N CYS D 433 -43.05 7.58 -28.08
CA CYS D 433 -43.18 7.99 -26.69
C CYS D 433 -43.47 6.84 -25.75
N LEU D 434 -44.38 5.95 -26.13
CA LEU D 434 -44.76 4.85 -25.24
C LEU D 434 -43.60 3.89 -25.04
N VAL D 435 -42.86 3.59 -26.11
CA VAL D 435 -41.78 2.62 -25.99
C VAL D 435 -40.58 3.23 -25.26
N LEU D 436 -40.26 4.48 -25.55
CA LEU D 436 -39.23 5.17 -24.77
C LEU D 436 -39.59 5.17 -23.28
N ALA D 437 -40.86 5.40 -22.98
CA ALA D 437 -41.29 5.42 -21.58
C ALA D 437 -41.15 4.04 -20.93
N MET D 438 -41.38 2.98 -21.69
CA MET D 438 -41.23 1.64 -21.14
C MET D 438 -39.80 1.34 -20.75
N ALA D 439 -38.86 1.51 -21.67
CA ALA D 439 -37.46 1.27 -21.36
C ALA D 439 -36.95 2.15 -20.23
N LEU D 440 -37.31 3.43 -20.23
CA LEU D 440 -36.91 4.30 -19.14
C LEU D 440 -37.46 3.83 -17.80
N GLY D 441 -38.67 3.27 -17.79
CA GLY D 441 -39.22 2.77 -16.54
C GLY D 441 -38.34 1.74 -15.86
N TRP D 442 -37.78 0.83 -16.65
CA TRP D 442 -36.98 -0.22 -16.02
C TRP D 442 -35.64 0.30 -15.50
N ALA D 443 -35.04 1.28 -16.18
CA ALA D 443 -33.90 1.95 -15.58
C ALA D 443 -34.23 2.58 -14.23
N ASN D 444 -35.43 3.10 -14.08
CA ASN D 444 -35.79 3.68 -12.78
C ASN D 444 -35.90 2.62 -11.70
N MET D 445 -36.20 1.37 -12.05
CA MET D 445 -36.09 0.34 -11.01
C MET D 445 -34.69 0.30 -10.43
N LEU D 446 -33.67 0.52 -11.26
CA LEU D 446 -32.33 0.67 -10.71
C LEU D 446 -32.25 1.74 -9.63
N TYR D 447 -33.05 2.81 -9.75
CA TYR D 447 -33.13 3.74 -8.62
C TYR D 447 -33.52 3.05 -7.33
N TYR D 448 -34.46 2.11 -7.40
CA TYR D 448 -35.01 1.53 -6.19
C TYR D 448 -34.06 0.55 -5.50
N THR D 449 -32.81 0.48 -5.94
CA THR D 449 -31.84 -0.33 -5.21
C THR D 449 -31.28 0.31 -3.95
N ARG D 450 -31.66 1.55 -3.62
CA ARG D 450 -31.13 2.23 -2.45
C ARG D 450 -31.41 1.50 -1.14
N GLY D 451 -32.45 0.66 -1.10
CA GLY D 451 -32.88 0.09 0.16
C GLY D 451 -31.93 -0.92 0.76
N PHE D 452 -31.03 -1.48 -0.05
CA PHE D 452 -30.11 -2.50 0.42
C PHE D 452 -28.69 -1.97 0.38
N GLN D 453 -27.87 -2.43 1.33
CA GLN D 453 -26.50 -1.96 1.40
C GLN D 453 -25.68 -2.52 0.25
N SER D 454 -25.68 -3.84 0.09
CA SER D 454 -24.89 -4.48 -0.95
C SER D 454 -25.35 -4.01 -2.33
N MET D 455 -26.59 -4.32 -2.69
CA MET D 455 -27.13 -3.98 -3.99
C MET D 455 -27.26 -2.48 -4.21
N GLY D 456 -27.10 -1.67 -3.16
CA GLY D 456 -27.37 -0.25 -3.29
C GLY D 456 -26.14 0.60 -3.32
N MET D 457 -25.03 0.10 -2.80
CA MET D 457 -23.74 0.72 -3.02
C MET D 457 -22.96 0.01 -4.12
N TYR D 458 -23.56 -0.98 -4.77
CA TYR D 458 -23.12 -1.39 -6.10
C TYR D 458 -23.55 -0.37 -7.14
N SER D 459 -24.77 0.14 -7.03
CA SER D 459 -25.33 1.13 -7.92
C SER D 459 -24.76 2.47 -7.73
N VAL D 460 -23.75 2.65 -6.89
CA VAL D 460 -23.07 3.93 -6.74
C VAL D 460 -21.67 3.88 -7.29
N MET D 461 -21.19 2.70 -7.71
CA MET D 461 -20.02 2.63 -8.57
C MET D 461 -20.40 2.65 -10.04
N ILE D 462 -21.62 2.25 -10.38
CA ILE D 462 -22.09 2.42 -11.75
C ILE D 462 -22.08 3.90 -12.12
N GLN D 463 -22.43 4.76 -11.16
CA GLN D 463 -22.47 6.19 -11.41
C GLN D 463 -21.08 6.78 -11.56
N LYS D 464 -20.17 6.45 -10.65
CA LYS D 464 -18.80 6.93 -10.74
C LYS D 464 -18.07 6.39 -11.96
N VAL D 465 -18.33 5.14 -12.34
CA VAL D 465 -17.68 4.55 -13.50
C VAL D 465 -18.22 5.14 -14.80
N ILE D 466 -19.54 5.35 -14.90
CA ILE D 466 -20.09 5.97 -16.10
C ILE D 466 -19.51 7.36 -16.30
N LEU D 467 -19.40 8.14 -15.21
CA LEU D 467 -18.94 9.51 -15.36
C LEU D 467 -17.46 9.56 -15.74
N HIS D 468 -16.62 8.82 -15.03
CA HIS D 468 -15.19 8.97 -15.24
C HIS D 468 -14.72 8.25 -16.49
N ASP D 469 -15.09 6.99 -16.67
CA ASP D 469 -14.42 6.11 -17.63
C ASP D 469 -15.19 5.89 -18.92
N VAL D 470 -16.51 5.70 -18.84
CA VAL D 470 -17.25 5.32 -20.05
C VAL D 470 -17.46 6.52 -20.96
N LEU D 471 -17.51 7.73 -20.40
CA LEU D 471 -17.74 8.90 -21.23
C LEU D 471 -16.49 9.25 -22.03
N LYS D 472 -15.33 9.26 -21.39
CA LYS D 472 -14.09 9.52 -22.10
C LYS D 472 -13.78 8.46 -23.15
N PHE D 473 -14.08 7.20 -22.86
CA PHE D 473 -13.92 6.14 -23.84
C PHE D 473 -14.84 6.32 -25.03
N LEU D 474 -16.11 6.65 -24.80
CA LEU D 474 -17.02 6.86 -25.91
C LEU D 474 -16.61 8.01 -26.79
N PHE D 475 -16.04 9.07 -26.23
CA PHE D 475 -15.53 10.18 -27.03
C PHE D 475 -14.42 9.76 -27.98
N VAL D 476 -13.38 9.11 -27.48
CA VAL D 476 -12.29 8.70 -28.37
C VAL D 476 -12.74 7.62 -29.34
N TYR D 477 -13.59 6.70 -28.89
CA TYR D 477 -13.99 5.61 -29.76
C TYR D 477 -14.85 6.12 -30.92
N ILE D 478 -15.73 7.09 -30.67
CA ILE D 478 -16.53 7.63 -31.76
C ILE D 478 -15.65 8.39 -32.74
N LEU D 479 -14.58 9.03 -32.26
CA LEU D 479 -13.65 9.68 -33.18
C LEU D 479 -13.03 8.68 -34.15
N PHE D 480 -12.61 7.52 -33.64
CA PHE D 480 -11.99 6.53 -34.51
C PHE D 480 -13.02 5.84 -35.40
N LEU D 481 -14.19 5.53 -34.85
CA LEU D 481 -15.24 4.87 -35.62
C LEU D 481 -15.62 5.69 -36.84
N LEU D 482 -15.89 6.98 -36.64
CA LEU D 482 -16.30 7.83 -37.74
C LEU D 482 -15.15 8.24 -38.65
N GLY D 483 -13.93 8.38 -38.13
CA GLY D 483 -12.81 8.69 -38.97
C GLY D 483 -12.47 7.58 -39.94
N PHE D 484 -12.32 6.36 -39.44
CA PHE D 484 -12.05 5.23 -40.31
C PHE D 484 -13.28 4.81 -41.11
N GLY D 485 -14.48 5.08 -40.60
CA GLY D 485 -15.67 4.82 -41.38
C GLY D 485 -15.69 5.62 -42.68
N VAL D 486 -15.45 6.93 -42.58
CA VAL D 486 -15.46 7.75 -43.79
C VAL D 486 -14.25 7.48 -44.68
N ALA D 487 -13.10 7.13 -44.10
CA ALA D 487 -11.96 6.79 -44.94
C ALA D 487 -12.16 5.51 -45.72
N LEU D 488 -12.55 4.42 -45.06
CA LEU D 488 -12.85 3.16 -45.74
C LEU D 488 -13.98 3.31 -46.73
N ALA D 489 -15.02 4.08 -46.40
CA ALA D 489 -16.14 4.23 -47.31
C ALA D 489 -15.72 4.98 -48.58
N SER D 490 -14.94 6.04 -48.43
CA SER D 490 -14.50 6.79 -49.60
C SER D 490 -13.45 6.06 -50.41
N LEU D 491 -12.97 4.90 -49.95
CA LEU D 491 -12.03 4.10 -50.70
C LEU D 491 -12.69 3.16 -51.70
N ILE D 492 -13.99 2.91 -51.57
CA ILE D 492 -14.70 1.95 -52.40
C ILE D 492 -15.22 2.65 -53.64
N GLU D 493 -15.01 2.04 -54.81
CA GLU D 493 -15.46 2.63 -56.07
C GLU D 493 -16.95 2.38 -56.24
N LYS D 494 -17.44 2.56 -57.47
CA LYS D 494 -18.86 2.46 -57.78
C LYS D 494 -19.45 1.17 -57.24
N CYS D 495 -20.74 1.21 -56.92
CA CYS D 495 -21.42 0.15 -56.18
C CYS D 495 -21.07 -1.23 -56.70
N SER D 496 -21.45 -1.52 -57.93
CA SER D 496 -21.13 -2.78 -58.60
C SER D 496 -21.55 -2.65 -60.06
N LYS D 497 -21.45 -3.73 -60.82
CA LYS D 497 -22.02 -3.77 -62.15
C LYS D 497 -23.52 -3.98 -62.12
N ASP D 498 -24.09 -4.29 -60.95
CA ASP D 498 -25.52 -4.48 -60.78
C ASP D 498 -26.06 -3.69 -59.60
N LYS D 499 -25.29 -2.71 -59.09
CA LYS D 499 -25.69 -1.76 -58.06
C LYS D 499 -25.75 -2.36 -56.67
N LYS D 500 -25.62 -3.69 -56.55
CA LYS D 500 -25.65 -4.30 -55.22
C LYS D 500 -24.83 -5.60 -55.25
N ASP D 501 -23.57 -5.51 -54.84
CA ASP D 501 -22.68 -6.65 -54.65
C ASP D 501 -21.42 -6.23 -53.90
N CYS D 502 -21.07 -7.00 -52.86
CA CYS D 502 -19.88 -6.77 -52.02
C CYS D 502 -19.74 -5.30 -51.60
N SER D 503 -20.87 -4.60 -51.54
CA SER D 503 -20.90 -3.21 -51.10
C SER D 503 -21.19 -3.13 -49.61
N SER D 504 -20.42 -3.86 -48.81
CA SER D 504 -20.54 -3.72 -47.36
C SER D 504 -20.05 -2.36 -46.92
N TYR D 505 -18.84 -1.99 -47.32
CA TYR D 505 -18.31 -0.65 -47.06
C TYR D 505 -18.63 0.30 -48.21
N GLY D 506 -19.89 0.35 -48.61
CA GLY D 506 -20.25 1.14 -49.77
C GLY D 506 -20.32 2.62 -49.50
N SER D 507 -21.22 3.01 -48.62
CA SER D 507 -21.42 4.40 -48.23
C SER D 507 -20.87 4.63 -46.83
N PHE D 508 -21.07 5.85 -46.33
CA PHE D 508 -20.58 6.18 -45.00
C PHE D 508 -21.27 5.31 -43.94
N SER D 509 -22.59 5.46 -43.80
CA SER D 509 -23.29 4.79 -42.72
C SER D 509 -23.17 3.27 -42.79
N ASP D 510 -23.04 2.70 -43.98
CA ASP D 510 -22.81 1.27 -44.11
C ASP D 510 -21.43 0.86 -43.63
N ALA D 511 -20.39 1.65 -43.92
CA ALA D 511 -19.07 1.36 -43.38
C ALA D 511 -19.00 1.56 -41.88
N VAL D 512 -19.71 2.55 -41.34
CA VAL D 512 -19.74 2.75 -39.90
C VAL D 512 -20.41 1.58 -39.22
N LEU D 513 -21.47 1.03 -39.82
CA LEU D 513 -22.12 -0.13 -39.24
C LEU D 513 -21.22 -1.36 -39.26
N GLU D 514 -20.48 -1.56 -40.36
CA GLU D 514 -19.59 -2.71 -40.42
C GLU D 514 -18.48 -2.63 -39.38
N LEU D 515 -17.91 -1.45 -39.17
CA LEU D 515 -16.89 -1.31 -38.14
C LEU D 515 -17.48 -1.50 -36.74
N PHE D 516 -18.69 -1.01 -36.50
CA PHE D 516 -19.34 -1.24 -35.22
C PHE D 516 -19.50 -2.73 -34.94
N LYS D 517 -19.86 -3.51 -35.96
CA LYS D 517 -20.03 -4.94 -35.78
C LYS D 517 -18.70 -5.67 -35.61
N LEU D 518 -17.59 -5.14 -36.09
CA LEU D 518 -16.30 -5.74 -35.74
C LEU D 518 -15.92 -5.49 -34.30
N THR D 519 -16.35 -4.37 -33.72
CA THR D 519 -16.06 -4.12 -32.32
C THR D 519 -16.87 -5.04 -31.41
N ILE D 520 -18.16 -5.20 -31.70
CA ILE D 520 -18.99 -6.10 -30.91
C ILE D 520 -18.55 -7.54 -31.10
N GLY D 521 -18.00 -7.88 -32.26
CA GLY D 521 -17.60 -9.23 -32.53
C GLY D 521 -18.63 -10.06 -33.26
N LEU D 522 -19.52 -9.43 -34.01
CA LEU D 522 -20.58 -10.11 -34.74
C LEU D 522 -20.29 -10.12 -36.22
N GLY D 523 -21.07 -10.91 -36.94
CA GLY D 523 -20.94 -10.94 -38.38
C GLY D 523 -19.74 -11.75 -38.83
N ASP D 524 -19.28 -11.44 -40.04
CA ASP D 524 -18.13 -12.11 -40.63
C ASP D 524 -17.30 -11.07 -41.36
N LEU D 525 -16.03 -10.97 -41.01
CA LEU D 525 -15.14 -10.02 -41.65
C LEU D 525 -14.88 -10.45 -43.08
N ASN D 526 -15.30 -9.62 -44.03
CA ASN D 526 -15.07 -9.89 -45.45
C ASN D 526 -14.27 -8.74 -46.04
N ILE D 527 -13.04 -9.04 -46.45
CA ILE D 527 -12.16 -8.04 -47.04
C ILE D 527 -12.23 -8.01 -48.56
N GLN D 528 -12.88 -8.99 -49.18
CA GLN D 528 -12.98 -9.05 -50.64
C GLN D 528 -14.03 -8.03 -51.09
N GLN D 529 -13.64 -6.77 -51.03
CA GLN D 529 -14.50 -5.66 -51.44
C GLN D 529 -14.17 -5.24 -52.86
N ASN D 530 -15.12 -4.52 -53.48
CA ASN D 530 -14.91 -3.94 -54.80
C ASN D 530 -14.03 -2.70 -54.67
N SER D 531 -12.82 -2.92 -54.17
CA SER D 531 -11.91 -1.85 -53.82
C SER D 531 -10.80 -1.73 -54.86
N THR D 532 -10.30 -0.50 -55.02
CA THR D 532 -9.19 -0.26 -55.93
C THR D 532 -7.85 -0.62 -55.32
N TYR D 533 -7.75 -0.58 -54.00
CA TYR D 533 -6.52 -0.90 -53.28
C TYR D 533 -6.84 -1.89 -52.18
N PRO D 534 -6.62 -3.18 -52.40
CA PRO D 534 -6.86 -4.16 -51.33
C PRO D 534 -5.87 -4.08 -50.19
N ILE D 535 -4.63 -3.68 -50.45
CA ILE D 535 -3.62 -3.55 -49.41
C ILE D 535 -3.91 -2.36 -48.51
N LEU D 536 -4.21 -1.20 -49.09
CA LEU D 536 -4.56 -0.04 -48.27
C LEU D 536 -5.83 -0.28 -47.47
N PHE D 537 -6.77 -1.04 -48.03
CA PHE D 537 -7.97 -1.38 -47.28
C PHE D 537 -7.63 -2.21 -46.06
N LEU D 538 -6.78 -3.23 -46.22
CA LEU D 538 -6.39 -4.05 -45.08
C LEU D 538 -5.61 -3.22 -44.05
N PHE D 539 -4.78 -2.28 -44.50
CA PHE D 539 -4.01 -1.50 -43.56
C PHE D 539 -4.91 -0.64 -42.68
N LEU D 540 -5.88 0.05 -43.29
CA LEU D 540 -6.80 0.88 -42.50
C LEU D 540 -7.69 0.03 -41.60
N LEU D 541 -8.13 -1.13 -42.07
CA LEU D 541 -9.00 -2.00 -41.29
C LEU D 541 -8.28 -2.67 -40.12
N ILE D 542 -7.03 -3.04 -40.30
CA ILE D 542 -6.26 -3.69 -39.24
C ILE D 542 -5.79 -2.64 -38.25
N THR D 543 -5.50 -1.43 -38.72
CA THR D 543 -5.19 -0.35 -37.80
C THR D 543 -6.38 -0.04 -36.90
N TYR D 544 -7.60 -0.08 -37.45
CA TYR D 544 -8.78 0.12 -36.62
C TYR D 544 -8.92 -0.98 -35.59
N VAL D 545 -8.65 -2.22 -35.98
CA VAL D 545 -8.72 -3.33 -35.03
C VAL D 545 -7.69 -3.17 -33.92
N ILE D 546 -6.49 -2.72 -34.26
CA ILE D 546 -5.45 -2.52 -33.25
C ILE D 546 -5.80 -1.38 -32.32
N LEU D 547 -6.45 -0.34 -32.84
CA LEU D 547 -6.74 0.83 -32.01
C LEU D 547 -7.89 0.61 -31.06
N THR D 548 -8.86 -0.23 -31.41
CA THR D 548 -10.04 -0.41 -30.58
C THR D 548 -10.09 -1.75 -29.88
N PHE D 549 -9.95 -2.85 -30.62
CA PHE D 549 -10.06 -4.16 -29.99
C PHE D 549 -8.92 -4.42 -29.02
N VAL D 550 -7.77 -3.78 -29.23
CA VAL D 550 -6.58 -4.06 -28.43
C VAL D 550 -6.33 -2.95 -27.43
N LEU D 551 -6.20 -1.73 -27.90
CA LEU D 551 -5.83 -0.63 -27.03
C LEU D 551 -7.01 -0.12 -26.22
N LEU D 552 -8.04 0.38 -26.88
CA LEU D 552 -9.04 1.20 -26.19
C LEU D 552 -9.90 0.37 -25.24
N LEU D 553 -10.35 -0.81 -25.66
CA LEU D 553 -11.23 -1.59 -24.81
C LEU D 553 -10.52 -2.17 -23.59
N ASN D 554 -9.31 -2.71 -23.75
CA ASN D 554 -8.54 -3.18 -22.62
C ASN D 554 -8.07 -2.06 -21.71
N MET D 555 -7.79 -0.89 -22.27
CA MET D 555 -7.46 0.26 -21.44
C MET D 555 -8.68 0.77 -20.69
N LEU D 556 -9.88 0.53 -21.22
CA LEU D 556 -11.08 0.85 -20.47
C LEU D 556 -11.20 -0.03 -19.24
N ILE D 557 -10.91 -1.33 -19.38
CA ILE D 557 -10.96 -2.20 -18.21
C ILE D 557 -9.92 -1.81 -17.18
N ALA D 558 -8.73 -1.39 -17.61
CA ALA D 558 -7.68 -1.00 -16.67
C ALA D 558 -8.03 0.27 -15.91
N LEU D 559 -8.52 1.30 -16.60
CA LEU D 559 -8.90 2.53 -15.92
C LEU D 559 -10.10 2.33 -15.02
N MET D 560 -11.05 1.48 -15.43
CA MET D 560 -12.21 1.15 -14.62
C MET D 560 -11.83 0.41 -13.36
N GLY D 561 -10.73 -0.34 -13.38
CA GLY D 561 -10.20 -0.94 -12.18
C GLY D 561 -9.60 0.07 -11.21
N GLU D 562 -8.92 1.08 -11.74
CA GLU D 562 -8.42 2.16 -10.89
C GLU D 562 -9.53 2.96 -10.24
N THR D 563 -10.61 3.26 -10.97
CA THR D 563 -11.74 3.98 -10.39
C THR D 563 -12.42 3.17 -9.30
N VAL D 564 -12.64 1.87 -9.53
CA VAL D 564 -13.28 1.04 -8.52
C VAL D 564 -12.43 1.01 -7.25
N GLU D 565 -11.12 0.89 -7.39
CA GLU D 565 -10.25 0.90 -6.22
C GLU D 565 -10.28 2.21 -5.47
N ASN D 566 -10.45 3.34 -6.15
CA ASN D 566 -10.48 4.62 -5.45
C ASN D 566 -11.80 4.84 -4.72
N VAL D 567 -12.92 4.53 -5.36
CA VAL D 567 -14.23 4.84 -4.80
C VAL D 567 -14.82 3.67 -4.02
N SER D 568 -14.02 2.65 -3.73
CA SER D 568 -14.49 1.58 -2.84
C SER D 568 -14.22 1.87 -1.37
N LYS D 569 -13.34 2.80 -1.06
CA LYS D 569 -13.13 3.19 0.33
C LYS D 569 -14.26 4.06 0.86
N GLU D 570 -14.99 4.72 -0.03
CA GLU D 570 -15.94 5.76 0.38
C GLU D 570 -17.25 5.65 -0.36
N SER D 571 -17.70 4.43 -0.64
CA SER D 571 -18.98 4.20 -1.30
C SER D 571 -20.10 3.89 -0.34
N GLU D 572 -19.78 3.31 0.83
CA GLU D 572 -20.81 3.11 1.84
C GLU D 572 -21.29 4.43 2.40
N ARG D 573 -20.41 5.42 2.47
CA ARG D 573 -20.80 6.72 2.98
C ARG D 573 -21.67 7.47 1.97
N ILE D 574 -21.34 7.42 0.69
CA ILE D 574 -22.18 8.05 -0.32
C ILE D 574 -23.53 7.38 -0.38
N TRP D 575 -23.56 6.05 -0.26
CA TRP D 575 -24.85 5.36 -0.25
C TRP D 575 -25.69 5.79 0.96
N ARG D 576 -25.09 5.78 2.15
CA ARG D 576 -25.85 6.18 3.33
C ARG D 576 -26.34 7.61 3.21
N LEU D 577 -25.64 8.44 2.45
CA LEU D 577 -26.07 9.82 2.27
C LEU D 577 -27.32 9.91 1.41
N GLN D 578 -27.39 9.16 0.32
CA GLN D 578 -28.59 9.19 -0.51
C GLN D 578 -29.75 8.40 0.07
N ARG D 579 -29.48 7.35 0.84
CA ARG D 579 -30.53 6.74 1.63
C ARG D 579 -31.08 7.72 2.66
N ALA D 580 -30.23 8.57 3.23
CA ALA D 580 -30.72 9.59 4.15
C ALA D 580 -31.59 10.61 3.45
N ARG D 581 -31.29 10.92 2.18
CA ARG D 581 -32.13 11.84 1.45
C ARG D 581 -33.54 11.29 1.25
N THR D 582 -33.67 9.99 0.96
CA THR D 582 -35.02 9.44 0.83
C THR D 582 -35.73 9.35 2.17
N ILE D 583 -35.00 9.07 3.26
CA ILE D 583 -35.62 9.06 4.58
C ILE D 583 -36.19 10.42 4.91
N LEU D 584 -35.41 11.48 4.68
CA LEU D 584 -35.86 12.82 4.99
C LEU D 584 -37.01 13.26 4.08
N GLU D 585 -37.04 12.78 2.84
CA GLU D 585 -38.13 13.12 1.95
C GLU D 585 -39.40 12.36 2.29
N PHE D 586 -39.28 11.18 2.89
CA PHE D 586 -40.46 10.47 3.36
C PHE D 586 -41.01 11.07 4.63
N GLU D 587 -40.13 11.61 5.49
CA GLU D 587 -40.56 12.22 6.73
C GLU D 587 -41.50 13.39 6.46
N LYS D 588 -41.07 14.34 5.63
CA LYS D 588 -41.92 15.48 5.35
C LYS D 588 -42.94 15.13 4.29
N MET D 589 -43.61 13.99 4.45
CA MET D 589 -44.70 13.60 3.57
C MET D 589 -45.89 13.02 4.30
N LEU D 590 -45.72 12.47 5.50
CA LEU D 590 -46.78 11.91 6.31
C LEU D 590 -47.30 12.93 7.32
N PRO D 591 -48.57 12.81 7.72
CA PRO D 591 -49.21 13.88 8.47
C PRO D 591 -48.75 13.95 9.92
N GLU D 592 -49.11 15.06 10.58
CA GLU D 592 -48.57 15.39 11.88
C GLU D 592 -49.05 14.44 12.98
N TRP D 593 -50.24 13.85 12.85
CA TRP D 593 -50.63 12.86 13.85
C TRP D 593 -49.80 11.60 13.74
N LEU D 594 -49.62 11.06 12.54
CA LEU D 594 -48.75 9.93 12.30
C LEU D 594 -47.28 10.29 12.50
N ARG D 595 -46.92 11.53 12.25
CA ARG D 595 -45.55 11.98 12.53
C ARG D 595 -45.27 11.95 14.02
N SER D 596 -46.19 12.49 14.83
CA SER D 596 -46.02 12.47 16.27
C SER D 596 -46.01 11.05 16.82
N ARG D 597 -46.61 10.11 16.10
CA ARG D 597 -46.57 8.72 16.52
C ARG D 597 -45.14 8.20 16.60
N PHE D 598 -44.28 8.62 15.67
CA PHE D 598 -42.87 8.22 15.65
C PHE D 598 -42.04 9.41 16.11
N ARG D 599 -41.58 9.37 17.35
CA ARG D 599 -40.58 10.31 17.84
C ARG D 599 -39.37 9.55 18.34
N MET D 600 -38.21 10.20 18.24
CA MET D 600 -36.94 9.51 18.44
C MET D 600 -36.59 9.37 19.92
N GLY D 601 -36.71 10.45 20.68
CA GLY D 601 -36.23 10.42 22.05
C GLY D 601 -37.30 10.49 23.10
N GLU D 602 -36.91 10.83 24.33
CA GLU D 602 -37.85 10.95 25.45
C GLU D 602 -37.43 12.09 26.35
N LEU D 603 -38.42 12.72 26.99
CA LEU D 603 -38.13 13.78 27.93
C LEU D 603 -37.47 13.22 29.18
N CYS D 604 -36.31 13.76 29.55
CA CYS D 604 -35.56 13.28 30.70
C CYS D 604 -35.15 14.45 31.57
N LYS D 605 -35.20 14.25 32.88
CA LYS D 605 -34.83 15.29 33.83
C LYS D 605 -33.32 15.48 33.82
N VAL D 606 -32.86 16.47 33.06
CA VAL D 606 -31.43 16.69 32.88
C VAL D 606 -30.80 17.55 33.96
N ALA D 607 -31.51 18.56 34.46
CA ALA D 607 -30.98 19.46 35.47
C ALA D 607 -32.04 19.77 36.51
N ASP D 608 -31.84 20.83 37.29
CA ASP D 608 -32.86 21.24 38.25
C ASP D 608 -34.21 21.44 37.55
N GLU D 609 -34.23 22.24 36.50
CA GLU D 609 -35.42 22.41 35.66
C GLU D 609 -34.97 22.48 34.21
N ASP D 610 -34.90 21.32 33.56
CA ASP D 610 -34.45 21.25 32.17
C ASP D 610 -34.95 19.93 31.59
N PHE D 611 -35.88 20.02 30.63
CA PHE D 611 -36.30 18.86 29.85
C PHE D 611 -35.77 19.05 28.45
N ARG D 612 -35.09 18.02 27.93
CA ARG D 612 -34.32 18.22 26.72
C ARG D 612 -34.77 17.30 25.59
N LEU D 613 -35.50 16.23 25.91
CA LEU D 613 -35.97 15.29 24.89
C LEU D 613 -34.78 14.72 24.12
N CYS D 614 -34.00 13.87 24.79
CA CYS D 614 -32.74 13.37 24.25
C CYS D 614 -32.88 11.96 23.69
N LEU D 615 -31.89 11.57 22.89
CA LEU D 615 -31.72 10.22 22.37
C LEU D 615 -31.12 9.34 23.46
N ARG D 616 -30.61 8.17 23.12
CA ARG D 616 -29.93 7.34 24.10
C ARG D 616 -29.04 6.33 23.38
N ILE D 617 -27.77 6.28 23.76
CA ILE D 617 -26.79 5.43 23.10
C ILE D 617 -25.93 4.77 24.17
N ASN D 618 -25.87 3.44 24.13
CA ASN D 618 -25.05 2.69 25.07
C ASN D 618 -23.72 2.32 24.42
N GLU D 619 -22.69 2.20 25.24
CA GLU D 619 -21.37 1.87 24.74
C GLU D 619 -20.58 1.14 25.84
N VAL D 620 -19.45 0.58 25.43
CA VAL D 620 -18.59 -0.22 26.31
C VAL D 620 -17.15 0.23 26.06
N LYS D 621 -16.46 0.64 27.11
CA LYS D 621 -15.09 1.12 26.98
C LYS D 621 -14.22 0.46 28.03
N TRP D 622 -13.18 -0.25 27.59
CA TRP D 622 -12.35 -1.06 28.47
C TRP D 622 -10.98 -0.44 28.72
N THR D 623 -10.82 0.86 28.52
CA THR D 623 -9.47 1.43 28.57
C THR D 623 -9.30 2.52 29.62
N GLU D 624 -10.29 3.40 29.78
CA GLU D 624 -10.09 4.58 30.61
C GLU D 624 -10.04 4.23 32.09
N TRP D 625 -11.08 3.53 32.59
CA TRP D 625 -11.13 3.10 33.97
C TRP D 625 -11.03 4.26 34.96
N LYS D 626 -12.04 5.12 34.98
CA LYS D 626 -12.09 6.24 35.91
C LYS D 626 -13.22 6.04 36.90
N THR D 627 -13.09 6.67 38.06
CA THR D 627 -14.19 6.70 39.02
C THR D 627 -15.31 7.55 38.46
N HIS D 628 -16.54 7.07 38.62
CA HIS D 628 -17.69 7.63 37.90
C HIS D 628 -18.39 8.68 38.76
N VAL D 629 -18.26 9.94 38.36
CA VAL D 629 -19.11 11.02 38.84
C VAL D 629 -19.82 11.60 37.63
N SER D 630 -20.73 12.53 37.90
CA SER D 630 -21.56 13.19 36.90
C SER D 630 -22.60 12.26 36.29
N PHE D 631 -22.81 11.08 36.86
CA PHE D 631 -23.89 10.23 36.42
C PHE D 631 -25.23 10.91 36.65
N LEU D 632 -26.18 10.64 35.76
CA LEU D 632 -27.52 11.21 35.86
C LEU D 632 -28.46 10.34 36.67
N ASN D 633 -28.00 9.17 37.11
CA ASN D 633 -28.84 8.22 37.82
C ASN D 633 -27.93 7.27 38.58
N GLU D 634 -28.01 7.30 39.92
CA GLU D 634 -27.07 6.50 40.71
C GLU D 634 -27.33 5.01 40.55
N ASP D 635 -28.60 4.59 40.53
CA ASP D 635 -28.84 3.18 40.29
C ASP D 635 -28.85 2.88 38.80
N PRO D 636 -28.12 1.88 38.34
CA PRO D 636 -27.96 1.66 36.90
C PRO D 636 -29.15 0.97 36.24
N GLY D 637 -28.99 0.61 34.98
CA GLY D 637 -29.92 -0.25 34.30
C GLY D 637 -31.18 0.45 33.86
N PRO D 638 -31.90 -0.16 32.92
CA PRO D 638 -33.13 0.43 32.41
C PRO D 638 -34.30 0.20 33.35
N ILE D 639 -34.78 1.26 33.97
CA ILE D 639 -35.95 1.18 34.83
C ILE D 639 -36.51 2.57 35.10
#